data_1HCP
#
_entry.id   1HCP
#
_cell.length_a   1.000
_cell.length_b   1.000
_cell.length_c   1.000
_cell.angle_alpha   90.00
_cell.angle_beta   90.00
_cell.angle_gamma   90.00
#
_symmetry.space_group_name_H-M   'P 1'
#
loop_
_entity.id
_entity.type
_entity.pdbx_description
1 polymer 'HUMAN/CHICKEN ESTROGEN RECEPTOR'
2 non-polymer 'ZINC ION'
#
_entity_poly.entity_id   1
_entity_poly.type   'polypeptide(L)'
_entity_poly.pdbx_seq_one_letter_code
;MKETRYCAVCNDYASGYHYGVWSCEGCKAFFKRSIQGHNDYMCPATNQCTIDKNRRKSCQACRLRKCYEVGMMKGG
;
_entity_poly.pdbx_strand_id   A
#
# COMPACT_ATOMS: atom_id res chain seq x y z
N MET A 1 25.55 5.51 -0.89
CA MET A 1 25.32 5.98 -2.28
C MET A 1 23.87 6.42 -2.45
N LYS A 2 22.97 5.65 -1.91
CA LYS A 2 21.52 5.99 -2.03
C LYS A 2 20.73 5.39 -0.88
N GLU A 3 20.09 6.23 -0.11
CA GLU A 3 19.29 5.72 1.03
C GLU A 3 18.41 4.56 0.59
N THR A 4 18.37 3.52 1.39
CA THR A 4 17.53 2.35 1.02
C THR A 4 16.07 2.60 1.30
N ARG A 5 15.27 2.52 0.29
CA ARG A 5 13.81 2.74 0.48
C ARG A 5 13.16 1.41 0.68
N TYR A 6 11.88 1.39 0.91
CA TYR A 6 11.20 0.09 1.12
C TYR A 6 9.74 0.13 0.69
N CYS A 7 9.02 -0.97 0.91
CA CYS A 7 7.59 -1.00 0.53
C CYS A 7 6.90 0.22 1.13
N ALA A 8 6.91 1.29 0.38
CA ALA A 8 6.28 2.54 0.85
C ALA A 8 4.88 2.31 1.41
N VAL A 9 4.31 1.18 1.12
CA VAL A 9 2.93 0.92 1.66
C VAL A 9 2.82 0.02 2.85
N CYS A 10 3.40 -1.15 2.76
CA CYS A 10 3.28 -2.05 3.93
C CYS A 10 4.19 -3.34 4.00
N ASN A 11 5.50 -3.25 3.92
CA ASN A 11 6.30 -4.52 4.00
C ASN A 11 7.78 -4.27 4.27
N ASP A 12 8.55 -4.18 3.22
CA ASP A 12 10.01 -3.94 3.40
C ASP A 12 10.67 -3.68 2.06
N TYR A 13 11.97 -3.90 1.99
CA TYR A 13 12.70 -3.68 0.69
C TYR A 13 11.82 -3.99 -0.51
N ALA A 14 11.34 -2.97 -1.12
CA ALA A 14 10.47 -3.14 -2.30
C ALA A 14 11.25 -3.78 -3.45
N SER A 15 10.57 -4.59 -4.21
CA SER A 15 11.27 -5.24 -5.34
C SER A 15 11.81 -4.21 -6.32
N GLY A 16 11.24 -3.03 -6.28
CA GLY A 16 11.72 -1.96 -7.21
C GLY A 16 10.61 -0.95 -7.48
N TYR A 17 10.86 -0.08 -8.41
CA TYR A 17 9.86 0.97 -8.76
C TYR A 17 8.77 0.37 -9.67
N HIS A 18 7.54 0.69 -9.37
CA HIS A 18 6.40 0.16 -10.19
C HIS A 18 5.35 1.24 -10.42
N TYR A 19 4.99 1.90 -9.35
CA TYR A 19 3.97 2.98 -9.44
C TYR A 19 4.67 4.32 -9.58
N GLY A 20 5.76 4.40 -8.93
CA GLY A 20 6.59 5.64 -8.94
C GLY A 20 7.17 5.75 -7.55
N VAL A 21 7.11 4.64 -6.87
CA VAL A 21 7.63 4.55 -5.49
C VAL A 21 8.22 3.18 -5.25
N TRP A 22 9.13 3.11 -4.34
CA TRP A 22 9.75 1.80 -4.05
C TRP A 22 8.71 0.99 -3.30
N SER A 23 7.75 0.49 -4.05
CA SER A 23 6.66 -0.32 -3.44
C SER A 23 6.87 -1.82 -3.52
N CYS A 24 6.15 -2.47 -2.67
CA CYS A 24 6.18 -3.94 -2.57
C CYS A 24 5.88 -4.67 -3.91
N GLU A 25 5.69 -5.97 -3.77
CA GLU A 25 5.38 -6.84 -4.95
C GLU A 25 3.93 -7.27 -4.88
N GLY A 26 3.63 -8.07 -3.88
CA GLY A 26 2.23 -8.56 -3.70
C GLY A 26 1.34 -7.42 -3.26
N CYS A 27 1.63 -6.86 -2.10
CA CYS A 27 0.78 -5.74 -1.63
C CYS A 27 0.66 -4.69 -2.74
N LYS A 28 1.62 -4.70 -3.62
CA LYS A 28 1.59 -3.73 -4.74
C LYS A 28 0.39 -4.08 -5.62
N ALA A 29 0.16 -5.35 -5.78
CA ALA A 29 -0.97 -5.80 -6.61
C ALA A 29 -2.29 -5.32 -5.99
N PHE A 30 -2.39 -5.45 -4.70
CA PHE A 30 -3.62 -5.01 -4.00
C PHE A 30 -3.97 -3.61 -4.43
N PHE A 31 -2.98 -2.78 -4.41
CA PHE A 31 -3.19 -1.37 -4.82
C PHE A 31 -3.72 -1.28 -6.25
N LYS A 32 -3.23 -2.14 -7.11
CA LYS A 32 -3.68 -2.12 -8.54
C LYS A 32 -5.15 -2.47 -8.65
N ARG A 33 -5.57 -3.41 -7.87
CA ARG A 33 -6.98 -3.83 -7.90
C ARG A 33 -7.85 -2.90 -7.07
N SER A 34 -7.21 -2.07 -6.29
CA SER A 34 -7.97 -1.11 -5.43
C SER A 34 -7.85 0.35 -5.84
N ILE A 35 -7.04 0.67 -6.82
CA ILE A 35 -6.93 2.13 -7.22
C ILE A 35 -8.29 2.82 -7.21
N GLN A 36 -8.24 4.12 -7.26
CA GLN A 36 -9.48 4.94 -7.27
C GLN A 36 -10.10 4.90 -5.89
N GLY A 37 -10.63 5.99 -5.49
CA GLY A 37 -11.26 6.05 -4.16
C GLY A 37 -12.49 5.17 -4.13
N HIS A 38 -13.43 5.52 -4.95
CA HIS A 38 -14.71 4.74 -5.04
C HIS A 38 -14.51 3.26 -4.73
N ASN A 39 -14.82 2.88 -3.51
CA ASN A 39 -14.66 1.47 -3.11
C ASN A 39 -15.29 1.27 -1.72
N ASP A 40 -15.90 0.12 -1.52
CA ASP A 40 -16.53 -0.15 -0.19
C ASP A 40 -15.51 -0.50 0.85
N TYR A 41 -14.41 0.05 0.67
CA TYR A 41 -13.29 -0.19 1.60
C TYR A 41 -13.55 0.45 2.96
N MET A 42 -13.15 -0.23 3.99
CA MET A 42 -13.37 0.32 5.35
C MET A 42 -12.63 -0.55 6.39
N CYS A 43 -12.09 0.10 7.38
CA CYS A 43 -11.36 -0.65 8.45
C CYS A 43 -12.31 -0.96 9.64
N PRO A 44 -12.16 -2.13 10.29
CA PRO A 44 -13.03 -2.48 11.43
C PRO A 44 -12.92 -1.48 12.61
N ALA A 45 -12.44 -0.29 12.35
CA ALA A 45 -12.33 0.69 13.47
C ALA A 45 -12.23 2.05 12.92
N THR A 46 -11.66 2.12 11.78
CA THR A 46 -11.51 3.41 11.15
C THR A 46 -10.86 4.43 12.11
N ASN A 47 -10.36 3.93 13.19
CA ASN A 47 -9.71 4.82 14.19
C ASN A 47 -8.25 5.01 13.86
N GLN A 48 -7.46 4.17 14.40
CA GLN A 48 -5.99 4.23 14.16
C GLN A 48 -5.40 2.84 14.07
N CYS A 49 -4.37 2.70 13.28
CA CYS A 49 -3.74 1.37 13.13
C CYS A 49 -2.64 1.40 12.09
N THR A 50 -1.52 0.82 12.42
CA THR A 50 -0.38 0.80 11.47
C THR A 50 -0.51 -0.36 10.50
N ILE A 51 -0.37 -0.08 9.23
CA ILE A 51 -0.48 -1.17 8.21
C ILE A 51 0.90 -1.81 7.99
N ASP A 52 0.93 -3.13 7.91
CA ASP A 52 2.23 -3.83 7.69
C ASP A 52 2.02 -5.15 6.94
N LYS A 53 1.79 -6.21 7.67
CA LYS A 53 1.58 -7.52 7.02
C LYS A 53 0.64 -7.39 5.81
N ASN A 54 0.56 -8.44 5.03
CA ASN A 54 -0.33 -8.39 3.84
C ASN A 54 -1.71 -8.90 4.19
N ARG A 55 -1.91 -10.18 3.98
CA ARG A 55 -3.23 -10.80 4.28
C ARG A 55 -4.32 -10.31 3.35
N ARG A 56 -4.12 -9.15 2.85
CA ARG A 56 -5.12 -8.53 1.90
C ARG A 56 -6.55 -8.88 2.29
N LYS A 57 -6.81 -8.85 3.58
CA LYS A 57 -8.17 -9.17 4.06
C LYS A 57 -8.38 -8.62 5.47
N SER A 58 -7.62 -7.60 5.81
CA SER A 58 -7.74 -6.98 7.17
C SER A 58 -7.85 -5.46 7.06
N CYS A 59 -6.76 -4.76 7.28
CA CYS A 59 -6.79 -3.29 7.18
C CYS A 59 -6.62 -2.90 5.70
N GLN A 60 -7.44 -3.51 4.91
CA GLN A 60 -7.39 -3.25 3.45
C GLN A 60 -7.57 -1.78 3.12
N ALA A 61 -8.51 -1.15 3.77
CA ALA A 61 -8.71 0.28 3.47
C ALA A 61 -7.56 1.14 3.94
N CYS A 62 -7.06 0.86 5.11
CA CYS A 62 -5.93 1.69 5.55
C CYS A 62 -4.78 1.44 4.62
N ARG A 63 -4.75 0.24 4.06
CA ARG A 63 -3.66 -0.08 3.13
C ARG A 63 -3.83 0.81 1.91
N LEU A 64 -4.99 0.74 1.33
CA LEU A 64 -5.25 1.57 0.14
C LEU A 64 -4.93 3.02 0.46
N ARG A 65 -5.60 3.55 1.45
CA ARG A 65 -5.36 4.95 1.82
C ARG A 65 -3.87 5.17 1.99
N LYS A 66 -3.23 4.25 2.66
CA LYS A 66 -1.79 4.42 2.84
C LYS A 66 -1.14 4.42 1.49
N CYS A 67 -1.67 3.61 0.59
CA CYS A 67 -1.08 3.58 -0.74
C CYS A 67 -1.27 4.91 -1.41
N TYR A 68 -2.41 5.50 -1.22
CA TYR A 68 -2.62 6.80 -1.86
C TYR A 68 -1.73 7.79 -1.13
N GLU A 69 -1.46 7.48 0.12
CA GLU A 69 -0.61 8.38 0.92
C GLU A 69 0.81 8.28 0.42
N VAL A 70 1.15 7.11 0.02
CA VAL A 70 2.52 6.88 -0.51
C VAL A 70 2.77 7.83 -1.64
N GLY A 71 1.74 8.06 -2.34
CA GLY A 71 1.79 8.98 -3.50
C GLY A 71 2.13 8.17 -4.76
N MET A 72 1.41 7.08 -4.96
CA MET A 72 1.67 6.21 -6.17
C MET A 72 0.67 6.54 -7.26
N MET A 73 0.61 5.68 -8.21
CA MET A 73 -0.30 5.85 -9.32
C MET A 73 -0.28 4.59 -10.14
N LYS A 74 -1.43 4.01 -10.26
CA LYS A 74 -1.58 2.74 -11.04
C LYS A 74 -0.48 2.55 -12.07
N GLY A 75 -0.16 3.63 -12.73
CA GLY A 75 0.91 3.57 -13.77
C GLY A 75 0.42 2.78 -14.99
N MET A 1 22.62 -2.00 -4.79
CA MET A 1 23.99 -2.11 -4.24
C MET A 1 24.36 -0.84 -3.48
N LYS A 2 23.36 -0.09 -3.11
CA LYS A 2 23.63 1.17 -2.37
C LYS A 2 22.32 1.77 -1.85
N GLU A 3 22.30 2.09 -0.57
CA GLU A 3 21.07 2.69 0.00
C GLU A 3 19.85 1.84 -0.35
N THR A 4 19.43 1.03 0.59
CA THR A 4 18.25 0.16 0.34
C THR A 4 16.95 0.88 0.66
N ARG A 5 16.05 0.86 -0.30
CA ARG A 5 14.73 1.54 -0.12
C ARG A 5 13.71 0.47 0.19
N TYR A 6 12.51 0.83 0.54
CA TYR A 6 11.49 -0.22 0.87
C TYR A 6 10.06 0.23 0.55
N CYS A 7 9.08 -0.65 0.81
CA CYS A 7 7.67 -0.26 0.53
C CYS A 7 7.45 1.09 1.13
N ALA A 8 7.07 1.99 0.31
CA ALA A 8 6.83 3.35 0.82
C ALA A 8 6.09 3.37 2.16
N VAL A 9 5.28 2.34 2.47
CA VAL A 9 4.57 2.40 3.79
C VAL A 9 3.92 1.08 4.29
N CYS A 10 3.47 0.24 3.39
CA CYS A 10 2.81 -1.06 3.86
C CYS A 10 3.64 -2.39 3.89
N ASN A 11 4.97 -2.37 3.81
CA ASN A 11 5.65 -3.71 3.86
C ASN A 11 7.14 -3.60 4.12
N ASP A 12 7.91 -3.67 3.08
CA ASP A 12 9.38 -3.59 3.24
C ASP A 12 10.07 -3.60 1.88
N TYR A 13 11.29 -4.11 1.85
CA TYR A 13 12.07 -4.16 0.57
C TYR A 13 11.17 -4.24 -0.65
N ALA A 14 11.01 -3.13 -1.25
CA ALA A 14 10.17 -3.02 -2.45
C ALA A 14 10.72 -3.85 -3.59
N SER A 15 9.85 -4.46 -4.33
CA SER A 15 10.30 -5.28 -5.47
C SER A 15 10.95 -4.39 -6.54
N GLY A 16 10.70 -3.11 -6.45
CA GLY A 16 11.30 -2.16 -7.46
C GLY A 16 10.36 -0.99 -7.71
N TYR A 17 10.69 -0.19 -8.69
CA TYR A 17 9.83 1.00 -9.02
C TYR A 17 8.72 0.60 -10.00
N HIS A 18 7.52 0.55 -9.50
CA HIS A 18 6.36 0.16 -10.38
C HIS A 18 5.15 0.97 -9.95
N TYR A 19 5.41 2.09 -9.36
CA TYR A 19 4.30 2.94 -8.91
C TYR A 19 4.80 4.36 -8.67
N GLY A 20 5.99 4.64 -9.15
CA GLY A 20 6.55 6.00 -8.94
C GLY A 20 7.15 6.05 -7.55
N VAL A 21 7.21 4.89 -6.94
CA VAL A 21 7.76 4.79 -5.57
C VAL A 21 8.33 3.40 -5.35
N TRP A 22 9.35 3.32 -4.55
CA TRP A 22 9.92 1.96 -4.31
C TRP A 22 8.85 1.25 -3.54
N SER A 23 7.93 0.71 -4.28
CA SER A 23 6.79 0.00 -3.65
C SER A 23 6.99 -1.49 -3.50
N CYS A 24 6.18 -1.96 -2.66
CA CYS A 24 6.11 -3.37 -2.30
C CYS A 24 6.01 -4.32 -3.49
N GLU A 25 5.76 -5.56 -3.15
CA GLU A 25 5.62 -6.63 -4.16
C GLU A 25 4.22 -7.24 -4.04
N GLY A 26 3.76 -7.32 -2.81
CA GLY A 26 2.39 -7.89 -2.55
C GLY A 26 1.39 -6.76 -2.45
N CYS A 27 1.60 -5.84 -1.52
CA CYS A 27 0.62 -4.73 -1.42
C CYS A 27 0.50 -4.07 -2.81
N LYS A 28 1.55 -4.19 -3.59
CA LYS A 28 1.55 -3.61 -4.97
C LYS A 28 0.40 -4.24 -5.74
N ALA A 29 0.27 -5.53 -5.59
CA ALA A 29 -0.80 -6.26 -6.29
C ALA A 29 -2.17 -5.78 -5.79
N PHE A 30 -2.25 -5.57 -4.51
CA PHE A 30 -3.52 -5.10 -3.90
C PHE A 30 -3.87 -3.72 -4.43
N PHE A 31 -2.92 -2.88 -4.38
CA PHE A 31 -3.14 -1.50 -4.86
C PHE A 31 -3.59 -1.47 -6.32
N LYS A 32 -3.08 -2.35 -7.12
CA LYS A 32 -3.49 -2.37 -8.56
C LYS A 32 -4.94 -2.78 -8.73
N ARG A 33 -5.38 -3.66 -7.89
CA ARG A 33 -6.80 -4.11 -7.99
C ARG A 33 -7.72 -3.18 -7.22
N SER A 34 -7.13 -2.31 -6.45
CA SER A 34 -7.95 -1.35 -5.64
C SER A 34 -7.75 0.12 -6.02
N ILE A 35 -6.95 0.40 -7.01
CA ILE A 35 -6.76 1.86 -7.37
C ILE A 35 -8.07 2.63 -7.39
N GLN A 36 -9.17 1.94 -7.37
CA GLN A 36 -10.42 2.70 -7.39
C GLN A 36 -10.56 3.44 -6.08
N GLY A 37 -11.12 4.60 -6.13
CA GLY A 37 -11.29 5.44 -4.88
C GLY A 37 -12.77 5.67 -4.66
N HIS A 38 -13.48 4.59 -4.65
CA HIS A 38 -14.95 4.66 -4.45
C HIS A 38 -15.52 3.25 -4.38
N ASN A 39 -15.04 2.50 -3.44
CA ASN A 39 -15.52 1.10 -3.26
C ASN A 39 -15.64 0.80 -1.78
N ASP A 40 -16.22 -0.33 -1.45
CA ASP A 40 -16.36 -0.66 -0.02
C ASP A 40 -15.01 -0.89 0.60
N TYR A 41 -14.52 0.13 1.17
CA TYR A 41 -13.18 0.10 1.85
C TYR A 41 -13.29 0.78 3.19
N MET A 42 -13.21 0.03 4.26
CA MET A 42 -13.32 0.68 5.60
C MET A 42 -12.62 -0.16 6.67
N CYS A 43 -11.92 0.54 7.51
CA CYS A 43 -11.19 -0.13 8.61
C CYS A 43 -12.19 -0.72 9.65
N PRO A 44 -12.03 -1.99 10.06
CA PRO A 44 -12.95 -2.59 11.04
C PRO A 44 -12.78 -1.96 12.43
N ALA A 45 -12.42 -0.70 12.46
CA ALA A 45 -12.24 -0.03 13.78
C ALA A 45 -12.31 1.43 13.61
N THR A 46 -12.05 1.83 12.42
CA THR A 46 -12.10 3.27 12.14
C THR A 46 -11.11 4.01 13.03
N ASN A 47 -10.30 3.24 13.72
CA ASN A 47 -9.29 3.85 14.63
C ASN A 47 -7.92 3.89 13.96
N GLN A 48 -7.92 4.26 12.70
CA GLN A 48 -6.64 4.34 11.96
C GLN A 48 -5.96 2.95 11.88
N CYS A 49 -5.40 2.54 12.98
CA CYS A 49 -4.73 1.21 13.00
C CYS A 49 -3.46 1.22 12.14
N THR A 50 -2.45 0.52 12.59
CA THR A 50 -1.19 0.47 11.82
C THR A 50 -1.28 -0.55 10.69
N ILE A 51 -0.88 -0.14 9.51
CA ILE A 51 -0.94 -1.07 8.33
C ILE A 51 0.42 -1.76 8.13
N ASP A 52 0.36 -3.02 7.78
CA ASP A 52 1.59 -3.82 7.53
C ASP A 52 1.26 -5.30 7.65
N LYS A 53 1.90 -6.10 6.84
CA LYS A 53 1.66 -7.56 6.88
C LYS A 53 2.58 -8.29 5.90
N ASN A 54 2.02 -9.06 5.00
CA ASN A 54 2.85 -9.79 4.01
C ASN A 54 2.11 -9.92 2.69
N ARG A 55 0.81 -9.68 2.74
CA ARG A 55 -0.01 -9.78 1.49
C ARG A 55 -1.25 -8.94 1.62
N ARG A 56 -2.27 -9.55 2.09
CA ARG A 56 -3.57 -8.84 2.26
C ARG A 56 -4.41 -9.52 3.35
N LYS A 57 -3.75 -10.06 4.34
CA LYS A 57 -4.48 -10.75 5.45
C LYS A 57 -4.66 -9.80 6.65
N SER A 58 -4.79 -8.53 6.35
CA SER A 58 -4.98 -7.52 7.45
C SER A 58 -6.01 -6.48 7.03
N CYS A 59 -5.78 -5.24 7.38
CA CYS A 59 -6.76 -4.20 7.00
C CYS A 59 -6.69 -3.98 5.49
N GLN A 60 -7.72 -4.41 4.80
CA GLN A 60 -7.74 -4.24 3.33
C GLN A 60 -8.35 -2.92 2.90
N ALA A 61 -8.34 -1.94 3.78
CA ALA A 61 -8.92 -0.61 3.41
C ALA A 61 -7.92 0.46 3.72
N CYS A 62 -7.27 0.31 4.83
CA CYS A 62 -6.27 1.32 5.18
C CYS A 62 -5.10 1.15 4.24
N ARG A 63 -4.92 -0.06 3.74
CA ARG A 63 -3.80 -0.28 2.82
C ARG A 63 -3.96 0.63 1.63
N LEU A 64 -5.14 0.62 1.09
CA LEU A 64 -5.40 1.49 -0.08
C LEU A 64 -5.08 2.91 0.26
N ARG A 65 -5.85 3.44 1.17
CA ARG A 65 -5.64 4.83 1.58
C ARG A 65 -4.16 5.08 1.83
N LYS A 66 -3.50 4.16 2.50
CA LYS A 66 -2.08 4.39 2.73
C LYS A 66 -1.40 4.41 1.40
N CYS A 67 -1.85 3.58 0.51
CA CYS A 67 -1.22 3.57 -0.81
C CYS A 67 -1.43 4.90 -1.48
N TYR A 68 -2.61 5.42 -1.37
CA TYR A 68 -2.82 6.73 -2.01
C TYR A 68 -2.02 7.74 -1.24
N GLU A 69 -1.80 7.44 0.03
CA GLU A 69 -1.01 8.36 0.88
C GLU A 69 0.44 8.33 0.47
N VAL A 70 0.83 7.17 0.08
CA VAL A 70 2.25 6.98 -0.36
C VAL A 70 2.57 8.01 -1.41
N GLY A 71 1.59 8.25 -2.18
CA GLY A 71 1.70 9.23 -3.29
C GLY A 71 2.11 8.47 -4.55
N MET A 72 1.40 7.39 -4.82
CA MET A 72 1.72 6.56 -6.05
C MET A 72 0.64 6.75 -7.10
N MET A 73 0.70 5.91 -8.08
CA MET A 73 -0.27 5.96 -9.16
C MET A 73 -0.08 4.73 -10.01
N LYS A 74 -1.17 4.03 -10.21
CA LYS A 74 -1.13 2.79 -11.03
C LYS A 74 -0.04 2.85 -12.10
N GLY A 75 0.18 4.01 -12.64
CA GLY A 75 1.21 4.17 -13.70
C GLY A 75 0.68 3.70 -15.05
N MET A 1 29.57 1.15 -1.45
CA MET A 1 28.45 1.59 -2.32
C MET A 1 27.20 0.79 -1.99
N LYS A 2 26.93 0.64 -0.72
CA LYS A 2 25.72 -0.12 -0.32
C LYS A 2 24.47 0.74 -0.45
N GLU A 3 23.33 0.08 -0.49
CA GLU A 3 22.06 0.82 -0.62
C GLU A 3 20.89 -0.12 -0.44
N THR A 4 19.75 0.32 -0.92
CA THR A 4 18.44 -0.49 -0.86
C THR A 4 17.32 0.37 -0.31
N ARG A 5 16.26 0.46 -1.07
CA ARG A 5 15.09 1.27 -0.62
C ARG A 5 14.08 0.33 -0.03
N TYR A 6 12.98 0.85 0.39
CA TYR A 6 11.94 -0.06 1.00
C TYR A 6 10.51 0.40 0.67
N CYS A 7 9.52 -0.30 1.21
CA CYS A 7 8.12 0.11 0.92
C CYS A 7 7.78 1.41 1.58
N ALA A 8 7.09 2.22 0.85
CA ALA A 8 6.69 3.53 1.36
C ALA A 8 6.25 3.46 2.82
N VAL A 9 5.48 2.45 3.19
CA VAL A 9 5.03 2.36 4.63
C VAL A 9 4.55 0.96 5.03
N CYS A 10 3.82 0.34 4.16
CA CYS A 10 3.29 -1.03 4.46
C CYS A 10 4.30 -2.00 5.07
N ASN A 11 5.29 -2.44 4.30
CA ASN A 11 6.31 -3.40 4.87
C ASN A 11 7.70 -2.83 4.85
N ASP A 12 8.44 -3.13 3.82
CA ASP A 12 9.82 -2.62 3.73
C ASP A 12 10.44 -3.02 2.39
N TYR A 13 11.52 -3.78 2.45
CA TYR A 13 12.19 -4.20 1.20
C TYR A 13 11.22 -4.42 0.05
N ALA A 14 11.10 -3.44 -0.75
CA ALA A 14 10.18 -3.51 -1.92
C ALA A 14 10.88 -4.17 -3.10
N SER A 15 10.14 -4.95 -3.85
CA SER A 15 10.75 -5.63 -5.01
C SER A 15 11.37 -4.61 -5.98
N GLY A 16 10.88 -3.41 -5.96
CA GLY A 16 11.44 -2.37 -6.87
C GLY A 16 10.39 -1.30 -7.21
N TYR A 17 10.77 -0.37 -8.05
CA TYR A 17 9.82 0.69 -8.45
C TYR A 17 8.69 0.12 -9.30
N HIS A 18 7.59 0.83 -9.35
CA HIS A 18 6.43 0.35 -10.15
C HIS A 18 5.60 1.51 -10.65
N TYR A 19 5.35 2.46 -9.77
CA TYR A 19 4.53 3.65 -10.17
C TYR A 19 5.26 4.93 -9.82
N GLY A 20 6.02 4.89 -8.75
CA GLY A 20 6.76 6.11 -8.35
C GLY A 20 7.32 5.91 -6.95
N VAL A 21 7.39 4.68 -6.52
CA VAL A 21 7.93 4.40 -5.15
C VAL A 21 8.52 3.04 -5.07
N TRP A 22 9.39 2.88 -4.15
CA TRP A 22 10.03 1.55 -3.97
C TRP A 22 9.06 0.77 -3.15
N SER A 23 7.97 0.38 -3.78
CA SER A 23 6.91 -0.39 -3.08
C SER A 23 6.90 -1.86 -3.46
N CYS A 24 6.63 -2.68 -2.47
CA CYS A 24 6.60 -4.14 -2.70
C CYS A 24 5.52 -4.53 -3.70
N GLU A 25 5.73 -5.65 -4.33
CA GLU A 25 4.75 -6.13 -5.34
C GLU A 25 3.39 -6.37 -4.69
N GLY A 26 3.42 -6.81 -3.46
CA GLY A 26 2.12 -7.06 -2.77
C GLY A 26 1.23 -5.83 -2.87
N CYS A 27 1.78 -4.70 -2.55
CA CYS A 27 0.98 -3.45 -2.62
C CYS A 27 0.53 -3.22 -4.04
N LYS A 28 1.44 -3.24 -4.95
CA LYS A 28 1.06 -3.03 -6.36
C LYS A 28 -0.08 -3.96 -6.75
N ALA A 29 0.01 -5.18 -6.31
CA ALA A 29 -1.06 -6.15 -6.66
C ALA A 29 -2.38 -5.74 -6.01
N PHE A 30 -2.36 -5.58 -4.72
CA PHE A 30 -3.58 -5.17 -4.01
C PHE A 30 -4.04 -3.83 -4.49
N PHE A 31 -3.11 -2.98 -4.64
CA PHE A 31 -3.40 -1.64 -5.11
C PHE A 31 -3.92 -1.63 -6.53
N LYS A 32 -3.37 -2.48 -7.37
CA LYS A 32 -3.84 -2.52 -8.80
C LYS A 32 -5.28 -2.98 -8.86
N ARG A 33 -5.63 -3.85 -7.98
CA ARG A 33 -7.03 -4.36 -7.96
C ARG A 33 -7.94 -3.42 -7.19
N SER A 34 -7.33 -2.49 -6.50
CA SER A 34 -8.14 -1.51 -5.69
C SER A 34 -7.97 -0.04 -6.11
N ILE A 35 -7.19 0.23 -7.11
CA ILE A 35 -7.03 1.69 -7.51
C ILE A 35 -8.36 2.42 -7.53
N GLN A 36 -9.44 1.71 -7.49
CA GLN A 36 -10.73 2.42 -7.49
C GLN A 36 -10.90 3.10 -6.16
N GLY A 37 -11.50 4.24 -6.19
CA GLY A 37 -11.71 5.00 -4.92
C GLY A 37 -13.08 4.65 -4.36
N HIS A 38 -14.08 5.09 -5.05
CA HIS A 38 -15.47 4.81 -4.61
C HIS A 38 -15.78 3.31 -4.70
N ASN A 39 -15.45 2.60 -3.66
CA ASN A 39 -15.70 1.13 -3.63
C ASN A 39 -16.00 0.67 -2.23
N ASP A 40 -16.61 -0.47 -2.10
CA ASP A 40 -16.93 -0.96 -0.73
C ASP A 40 -15.71 -1.56 -0.10
N TYR A 41 -15.08 -0.77 0.67
CA TYR A 41 -13.84 -1.22 1.38
C TYR A 41 -14.08 -1.21 2.88
N MET A 42 -13.82 -0.10 3.49
CA MET A 42 -14.02 0.02 4.95
C MET A 42 -13.20 -1.03 5.70
N CYS A 43 -12.67 -0.65 6.81
CA CYS A 43 -11.86 -1.57 7.62
C CYS A 43 -12.77 -2.57 8.38
N PRO A 44 -12.28 -3.78 8.69
CA PRO A 44 -13.09 -4.77 9.43
C PRO A 44 -13.43 -4.29 10.87
N ALA A 45 -13.48 -3.00 11.08
CA ALA A 45 -13.80 -2.50 12.43
C ALA A 45 -14.40 -1.16 12.31
N THR A 46 -14.03 -0.51 11.28
CA THR A 46 -14.58 0.81 11.07
C THR A 46 -14.38 1.70 12.31
N ASN A 47 -13.16 2.03 12.57
CA ASN A 47 -12.87 2.88 13.77
C ASN A 47 -11.56 3.64 13.61
N GLN A 48 -11.29 4.07 12.41
CA GLN A 48 -10.02 4.82 12.17
C GLN A 48 -8.82 3.95 12.54
N CYS A 49 -7.74 4.12 11.82
CA CYS A 49 -6.53 3.30 12.13
C CYS A 49 -5.43 3.53 11.10
N THR A 50 -4.21 3.25 11.49
CA THR A 50 -3.04 3.43 10.57
C THR A 50 -2.28 2.12 10.46
N ILE A 51 -1.95 1.73 9.25
CA ILE A 51 -1.20 0.45 9.08
C ILE A 51 0.30 0.64 9.29
N ASP A 52 1.02 -0.45 9.32
CA ASP A 52 2.48 -0.36 9.53
C ASP A 52 3.20 -1.61 9.02
N LYS A 53 2.63 -2.76 9.30
CA LYS A 53 3.28 -4.02 8.84
C LYS A 53 2.41 -5.26 9.11
N ASN A 54 2.02 -5.93 8.06
CA ASN A 54 1.18 -7.13 8.24
C ASN A 54 1.19 -7.98 6.96
N ARG A 55 0.28 -7.69 6.08
CA ARG A 55 0.22 -8.45 4.81
C ARG A 55 -0.78 -7.83 3.86
N ARG A 56 -1.97 -8.27 3.96
CA ARG A 56 -3.05 -7.74 3.08
C ARG A 56 -4.40 -8.31 3.50
N LYS A 57 -4.49 -8.76 4.73
CA LYS A 57 -5.77 -9.34 5.25
C LYS A 57 -6.10 -8.80 6.64
N SER A 58 -5.34 -7.82 7.04
CA SER A 58 -5.57 -7.21 8.39
C SER A 58 -6.55 -6.05 8.28
N CYS A 59 -6.11 -4.98 7.64
CA CYS A 59 -6.99 -3.78 7.46
C CYS A 59 -7.02 -3.38 5.97
N GLN A 60 -7.41 -4.34 5.16
CA GLN A 60 -7.50 -4.13 3.69
C GLN A 60 -7.81 -2.70 3.29
N ALA A 61 -8.64 -2.05 4.02
CA ALA A 61 -8.97 -0.64 3.61
C ALA A 61 -7.84 0.36 3.89
N CYS A 62 -7.10 0.19 4.95
CA CYS A 62 -6.01 1.16 5.18
C CYS A 62 -4.92 0.97 4.14
N ARG A 63 -4.75 -0.25 3.66
CA ARG A 63 -3.68 -0.45 2.65
C ARG A 63 -3.96 0.46 1.49
N LEU A 64 -5.16 0.39 0.99
CA LEU A 64 -5.53 1.24 -0.15
C LEU A 64 -5.25 2.68 0.16
N ARG A 65 -6.00 3.20 1.09
CA ARG A 65 -5.81 4.61 1.48
C ARG A 65 -4.34 4.89 1.68
N LYS A 66 -3.67 3.95 2.29
CA LYS A 66 -2.26 4.18 2.51
C LYS A 66 -1.60 4.24 1.17
N CYS A 67 -2.03 3.38 0.28
CA CYS A 67 -1.44 3.38 -1.05
C CYS A 67 -1.67 4.72 -1.69
N TYR A 68 -2.85 5.23 -1.57
CA TYR A 68 -3.08 6.54 -2.19
C TYR A 68 -2.28 7.54 -1.40
N GLU A 69 -2.07 7.23 -0.13
CA GLU A 69 -1.29 8.15 0.71
C GLU A 69 0.14 8.12 0.28
N VAL A 70 0.54 6.98 -0.16
CA VAL A 70 1.93 6.83 -0.62
C VAL A 70 2.14 7.76 -1.75
N GLY A 71 1.05 8.24 -2.22
CA GLY A 71 1.09 9.17 -3.35
C GLY A 71 1.54 8.42 -4.58
N MET A 72 1.11 7.17 -4.70
CA MET A 72 1.52 6.39 -5.90
C MET A 72 0.57 6.73 -7.03
N MET A 73 0.50 5.87 -7.98
CA MET A 73 -0.38 6.10 -9.11
C MET A 73 -0.25 4.95 -10.07
N LYS A 74 -1.33 4.27 -10.24
CA LYS A 74 -1.34 3.12 -11.16
C LYS A 74 -0.44 3.34 -12.39
N GLY A 75 -0.47 4.54 -12.89
CA GLY A 75 0.37 4.87 -14.07
C GLY A 75 -0.25 4.31 -15.35
N MET A 1 22.82 5.88 -0.46
CA MET A 1 24.08 5.19 -0.08
C MET A 1 24.24 5.20 1.43
N LYS A 2 23.21 4.80 2.12
CA LYS A 2 23.29 4.77 3.60
C LYS A 2 22.10 4.04 4.20
N GLU A 3 20.98 4.07 3.51
CA GLU A 3 19.77 3.38 4.03
C GLU A 3 18.95 2.78 2.90
N THR A 4 18.69 1.50 3.00
CA THR A 4 17.90 0.81 1.96
C THR A 4 16.46 1.31 1.96
N ARG A 5 15.82 1.28 0.82
CA ARG A 5 14.40 1.76 0.76
C ARG A 5 13.48 0.59 0.97
N TYR A 6 12.23 0.87 1.16
CA TYR A 6 11.25 -0.24 1.38
C TYR A 6 9.88 0.16 0.89
N CYS A 7 8.93 -0.71 1.09
CA CYS A 7 7.57 -0.39 0.65
C CYS A 7 7.07 0.90 1.28
N ALA A 8 6.57 1.77 0.44
CA ALA A 8 6.05 3.06 0.94
C ALA A 8 4.70 2.85 1.59
N VAL A 9 4.14 1.68 1.40
CA VAL A 9 2.81 1.38 2.00
C VAL A 9 2.92 0.59 3.28
N CYS A 10 3.30 -0.65 3.15
CA CYS A 10 3.44 -1.52 4.35
C CYS A 10 4.84 -1.45 4.99
N ASN A 11 5.75 -2.34 4.63
CA ASN A 11 7.11 -2.27 5.27
C ASN A 11 7.96 -3.47 4.90
N ASP A 12 8.61 -3.39 3.79
CA ASP A 12 9.48 -4.53 3.37
C ASP A 12 10.32 -4.11 2.17
N TYR A 13 11.35 -4.86 1.90
CA TYR A 13 12.19 -4.49 0.75
C TYR A 13 11.35 -4.51 -0.51
N ALA A 14 11.20 -3.36 -1.10
CA ALA A 14 10.39 -3.29 -2.33
C ALA A 14 11.05 -4.06 -3.47
N SER A 15 10.25 -4.74 -4.25
CA SER A 15 10.80 -5.52 -5.37
C SER A 15 11.45 -4.61 -6.40
N GLY A 16 11.14 -3.33 -6.33
CA GLY A 16 11.73 -2.37 -7.31
C GLY A 16 10.73 -1.25 -7.64
N TYR A 17 11.23 -0.18 -8.19
CA TYR A 17 10.32 0.94 -8.54
C TYR A 17 9.23 0.46 -9.49
N HIS A 18 8.07 1.08 -9.40
CA HIS A 18 6.93 0.67 -10.29
C HIS A 18 6.14 1.88 -10.77
N TYR A 19 5.29 2.38 -9.92
CA TYR A 19 4.46 3.57 -10.31
C TYR A 19 5.20 4.87 -9.99
N GLY A 20 6.30 4.76 -9.29
CA GLY A 20 7.09 5.99 -8.93
C GLY A 20 7.59 5.90 -7.48
N VAL A 21 7.53 4.73 -6.93
CA VAL A 21 7.99 4.53 -5.52
C VAL A 21 8.55 3.15 -5.34
N TRP A 22 9.22 2.97 -4.25
CA TRP A 22 9.80 1.63 -3.98
C TRP A 22 8.73 0.80 -3.30
N SER A 23 7.81 0.27 -4.09
CA SER A 23 6.69 -0.56 -3.48
C SER A 23 6.89 -2.05 -3.66
N CYS A 24 6.27 -2.79 -2.79
CA CYS A 24 6.37 -4.28 -2.85
C CYS A 24 5.31 -4.84 -3.80
N GLU A 25 5.65 -5.90 -4.49
CA GLU A 25 4.67 -6.51 -5.43
C GLU A 25 3.31 -6.75 -4.79
N GLY A 26 3.32 -7.11 -3.54
CA GLY A 26 2.02 -7.36 -2.85
C GLY A 26 1.13 -6.11 -2.83
N CYS A 27 1.69 -5.01 -2.43
CA CYS A 27 0.87 -3.78 -2.40
C CYS A 27 0.50 -3.32 -3.80
N LYS A 28 1.39 -3.44 -4.71
CA LYS A 28 1.05 -3.02 -6.09
C LYS A 28 -0.12 -3.86 -6.57
N ALA A 29 -0.06 -5.12 -6.29
CA ALA A 29 -1.15 -6.03 -6.72
C ALA A 29 -2.46 -5.58 -6.07
N PHE A 30 -2.46 -5.59 -4.77
CA PHE A 30 -3.67 -5.18 -4.01
C PHE A 30 -4.10 -3.80 -4.43
N PHE A 31 -3.13 -2.95 -4.49
CA PHE A 31 -3.41 -1.57 -4.89
C PHE A 31 -3.98 -1.49 -6.31
N LYS A 32 -3.52 -2.37 -7.18
CA LYS A 32 -4.03 -2.35 -8.58
C LYS A 32 -5.50 -2.73 -8.63
N ARG A 33 -5.86 -3.69 -7.83
CA ARG A 33 -7.27 -4.13 -7.81
C ARG A 33 -8.11 -3.20 -6.95
N SER A 34 -7.43 -2.37 -6.19
CA SER A 34 -8.15 -1.40 -5.30
C SER A 34 -8.01 0.07 -5.70
N ILE A 35 -7.29 0.37 -6.74
CA ILE A 35 -7.16 1.83 -7.13
C ILE A 35 -8.49 2.56 -7.06
N GLN A 36 -9.56 1.84 -6.97
CA GLN A 36 -10.84 2.56 -6.90
C GLN A 36 -10.96 3.22 -5.54
N GLY A 37 -11.56 4.36 -5.52
CA GLY A 37 -11.72 5.08 -4.22
C GLY A 37 -13.02 4.64 -3.58
N HIS A 38 -14.10 5.07 -4.16
CA HIS A 38 -15.43 4.70 -3.63
C HIS A 38 -15.65 3.19 -3.72
N ASN A 39 -15.45 2.52 -2.64
CA ASN A 39 -15.63 1.05 -2.63
C ASN A 39 -15.56 0.54 -1.20
N ASP A 40 -15.86 -0.72 -0.99
CA ASP A 40 -15.80 -1.24 0.40
C ASP A 40 -14.37 -1.30 0.89
N TYR A 41 -14.07 -0.41 1.75
CA TYR A 41 -12.70 -0.32 2.34
C TYR A 41 -12.80 0.28 3.71
N MET A 42 -12.72 -0.52 4.73
CA MET A 42 -12.81 0.05 6.09
C MET A 42 -12.24 -0.89 7.14
N CYS A 43 -11.71 -0.31 8.15
CA CYS A 43 -11.12 -1.09 9.25
C CYS A 43 -12.22 -1.55 10.25
N PRO A 44 -11.98 -2.64 11.00
CA PRO A 44 -12.98 -3.12 11.96
C PRO A 44 -13.12 -2.13 13.15
N ALA A 45 -13.00 -0.86 12.86
CA ALA A 45 -13.11 0.15 13.92
C ALA A 45 -13.61 1.38 13.30
N THR A 46 -12.71 2.24 12.94
CA THR A 46 -13.18 3.47 12.33
C THR A 46 -12.03 4.29 11.73
N ASN A 47 -11.15 3.61 11.03
CA ASN A 47 -9.97 4.31 10.40
C ASN A 47 -8.87 4.58 11.42
N GLN A 48 -8.24 3.52 11.87
CA GLN A 48 -7.14 3.69 12.86
C GLN A 48 -6.45 2.36 13.14
N CYS A 49 -5.29 2.19 12.55
CA CYS A 49 -4.54 0.92 12.76
C CYS A 49 -3.26 0.92 11.91
N THR A 50 -2.22 0.34 12.45
CA THR A 50 -0.95 0.30 11.68
C THR A 50 -0.96 -0.85 10.69
N ILE A 51 -0.67 -0.53 9.46
CA ILE A 51 -0.67 -1.59 8.41
C ILE A 51 0.65 -2.37 8.49
N ASP A 52 0.58 -3.66 8.22
CA ASP A 52 1.83 -4.49 8.29
C ASP A 52 1.71 -5.75 7.41
N LYS A 53 1.57 -6.91 8.03
CA LYS A 53 1.45 -8.16 7.22
C LYS A 53 0.63 -9.25 7.94
N ASN A 54 -0.04 -10.05 7.14
CA ASN A 54 -0.90 -11.15 7.68
C ASN A 54 -1.53 -11.91 6.52
N ARG A 55 -2.62 -11.39 6.03
CA ARG A 55 -3.34 -12.02 4.90
C ARG A 55 -3.22 -11.07 3.73
N ARG A 56 -4.22 -10.32 3.52
CA ARG A 56 -4.18 -9.35 2.40
C ARG A 56 -3.48 -8.12 2.92
N LYS A 57 -2.40 -8.40 3.65
CA LYS A 57 -1.57 -7.32 4.27
C LYS A 57 -2.36 -6.61 5.36
N SER A 58 -2.40 -7.24 6.51
CA SER A 58 -3.13 -6.66 7.68
C SER A 58 -4.38 -5.89 7.24
N CYS A 59 -4.59 -4.75 7.84
CA CYS A 59 -5.78 -3.95 7.47
C CYS A 59 -5.76 -3.65 5.99
N GLN A 60 -6.75 -4.13 5.32
CA GLN A 60 -6.83 -3.90 3.87
C GLN A 60 -7.23 -2.47 3.54
N ALA A 61 -8.03 -1.86 4.36
CA ALA A 61 -8.43 -0.46 4.02
C ALA A 61 -7.33 0.56 4.30
N CYS A 62 -6.51 0.33 5.26
CA CYS A 62 -5.43 1.32 5.51
C CYS A 62 -4.39 1.14 4.43
N ARG A 63 -4.28 -0.07 3.95
CA ARG A 63 -3.29 -0.32 2.89
C ARG A 63 -3.62 0.57 1.71
N LEU A 64 -4.85 0.49 1.26
CA LEU A 64 -5.26 1.33 0.12
C LEU A 64 -4.99 2.77 0.42
N ARG A 65 -5.68 3.27 1.41
CA ARG A 65 -5.47 4.69 1.78
C ARG A 65 -4.00 5.00 1.84
N LYS A 66 -3.24 4.07 2.35
CA LYS A 66 -1.81 4.34 2.41
C LYS A 66 -1.30 4.39 0.99
N CYS A 67 -1.80 3.50 0.16
CA CYS A 67 -1.35 3.50 -1.25
C CYS A 67 -1.55 4.85 -1.84
N TYR A 68 -2.67 5.44 -1.57
CA TYR A 68 -2.91 6.76 -2.13
C TYR A 68 -2.05 7.76 -1.38
N GLU A 69 -1.77 7.46 -0.14
CA GLU A 69 -0.93 8.37 0.66
C GLU A 69 0.45 8.40 0.07
N VAL A 70 0.86 7.27 -0.37
CA VAL A 70 2.20 7.14 -0.98
C VAL A 70 2.24 8.06 -2.16
N GLY A 71 1.09 8.44 -2.56
CA GLY A 71 0.97 9.33 -3.71
C GLY A 71 1.39 8.56 -4.94
N MET A 72 1.01 7.29 -4.98
CA MET A 72 1.38 6.45 -6.16
C MET A 72 0.38 6.69 -7.29
N MET A 73 0.32 5.76 -8.17
CA MET A 73 -0.59 5.86 -9.30
C MET A 73 -0.48 4.62 -10.13
N LYS A 74 -1.57 3.95 -10.27
CA LYS A 74 -1.57 2.72 -11.07
C LYS A 74 -0.69 2.83 -12.33
N GLY A 75 -0.46 4.03 -12.76
CA GLY A 75 0.38 4.23 -13.97
C GLY A 75 -0.43 3.98 -15.24
N MET A 1 26.87 -0.77 -1.50
CA MET A 1 27.44 -0.95 -0.14
C MET A 1 26.34 -1.37 0.83
N LYS A 2 25.27 -0.63 0.84
CA LYS A 2 24.15 -0.98 1.75
C LYS A 2 22.88 -0.20 1.40
N GLU A 3 23.02 0.78 0.54
CA GLU A 3 21.83 1.57 0.15
C GLU A 3 20.66 0.66 -0.19
N THR A 4 19.49 0.99 0.31
CA THR A 4 18.31 0.13 0.02
C THR A 4 17.01 0.86 0.32
N ARG A 5 16.09 0.81 -0.63
CA ARG A 5 14.77 1.49 -0.43
C ARG A 5 13.76 0.43 0.01
N TYR A 6 12.58 0.85 0.39
CA TYR A 6 11.57 -0.18 0.83
C TYR A 6 10.14 0.26 0.50
N CYS A 7 9.16 -0.59 0.82
CA CYS A 7 7.75 -0.21 0.52
C CYS A 7 7.51 1.14 1.11
N ALA A 8 7.14 2.04 0.29
CA ALA A 8 6.89 3.39 0.78
C ALA A 8 6.13 3.40 2.12
N VAL A 9 5.30 2.38 2.38
CA VAL A 9 4.56 2.44 3.70
C VAL A 9 3.90 1.11 4.16
N CYS A 10 3.46 0.29 3.24
CA CYS A 10 2.79 -1.02 3.68
C CYS A 10 3.62 -2.34 3.72
N ASN A 11 4.94 -2.31 3.73
CA ASN A 11 5.65 -3.61 3.77
C ASN A 11 7.14 -3.47 4.06
N ASP A 12 7.94 -3.50 3.04
CA ASP A 12 9.41 -3.37 3.24
C ASP A 12 10.13 -3.43 1.90
N TYR A 13 11.31 -4.02 1.89
CA TYR A 13 12.11 -4.13 0.63
C TYR A 13 11.24 -4.21 -0.60
N ALA A 14 11.11 -3.11 -1.25
CA ALA A 14 10.29 -3.04 -2.47
C ALA A 14 10.94 -3.79 -3.60
N SER A 15 10.14 -4.47 -4.36
CA SER A 15 10.69 -5.24 -5.50
C SER A 15 11.34 -4.29 -6.50
N GLY A 16 10.99 -3.03 -6.42
CA GLY A 16 11.58 -2.02 -7.36
C GLY A 16 10.59 -0.89 -7.61
N TYR A 17 10.84 -0.11 -8.62
CA TYR A 17 9.94 1.02 -8.94
C TYR A 17 8.81 0.55 -9.87
N HIS A 18 7.61 0.47 -9.34
CA HIS A 18 6.45 0.01 -10.17
C HIS A 18 5.23 0.87 -9.88
N TYR A 19 5.46 1.99 -9.25
CA TYR A 19 4.34 2.89 -8.92
C TYR A 19 4.85 4.31 -8.72
N GLY A 20 6.02 4.57 -9.21
CA GLY A 20 6.60 5.93 -9.03
C GLY A 20 7.23 6.00 -7.65
N VAL A 21 7.24 4.86 -7.00
CA VAL A 21 7.82 4.78 -5.63
C VAL A 21 8.40 3.40 -5.41
N TRP A 22 9.41 3.32 -4.60
CA TRP A 22 9.97 1.98 -4.36
C TRP A 22 8.93 1.25 -3.58
N SER A 23 7.98 0.74 -4.31
CA SER A 23 6.86 0.01 -3.67
C SER A 23 7.04 -1.49 -3.62
N CYS A 24 6.29 -2.01 -2.75
CA CYS A 24 6.24 -3.45 -2.49
C CYS A 24 6.14 -4.29 -3.76
N GLU A 25 5.90 -5.56 -3.52
CA GLU A 25 5.77 -6.55 -4.60
C GLU A 25 4.42 -7.21 -4.43
N GLY A 26 4.00 -7.30 -3.19
CA GLY A 26 2.68 -7.93 -2.86
C GLY A 26 1.63 -6.84 -2.69
N CYS A 27 1.83 -5.94 -1.74
CA CYS A 27 0.81 -4.88 -1.59
C CYS A 27 0.63 -4.18 -2.95
N LYS A 28 1.68 -4.21 -3.74
CA LYS A 28 1.60 -3.56 -5.09
C LYS A 28 0.42 -4.21 -5.81
N ALA A 29 0.30 -5.50 -5.63
CA ALA A 29 -0.79 -6.25 -6.27
C ALA A 29 -2.12 -5.76 -5.70
N PHE A 30 -2.18 -5.66 -4.41
CA PHE A 30 -3.42 -5.20 -3.75
C PHE A 30 -3.83 -3.85 -4.30
N PHE A 31 -2.89 -2.97 -4.33
CA PHE A 31 -3.18 -1.63 -4.84
C PHE A 31 -3.69 -1.67 -6.27
N LYS A 32 -3.03 -2.41 -7.10
CA LYS A 32 -3.50 -2.48 -8.51
C LYS A 32 -4.76 -3.33 -8.59
N ARG A 33 -5.15 -3.85 -7.46
CA ARG A 33 -6.36 -4.69 -7.45
C ARG A 33 -7.60 -3.82 -7.40
N SER A 34 -7.46 -2.57 -6.96
CA SER A 34 -8.69 -1.70 -6.91
C SER A 34 -8.45 -0.22 -7.16
N ILE A 35 -7.23 0.28 -6.91
CA ILE A 35 -6.96 1.76 -7.13
C ILE A 35 -8.25 2.59 -6.99
N GLN A 36 -8.47 3.52 -7.88
CA GLN A 36 -9.69 4.36 -7.79
C GLN A 36 -9.85 4.96 -6.40
N GLY A 37 -10.24 6.18 -6.36
CA GLY A 37 -10.42 6.84 -5.04
C GLY A 37 -11.75 6.44 -4.45
N HIS A 38 -11.81 6.36 -3.16
CA HIS A 38 -13.07 5.97 -2.50
C HIS A 38 -13.62 4.70 -3.12
N ASN A 39 -12.74 3.75 -3.26
CA ASN A 39 -13.15 2.45 -3.85
C ASN A 39 -13.84 1.61 -2.81
N ASP A 40 -14.54 0.61 -3.25
CA ASP A 40 -15.23 -0.25 -2.26
C ASP A 40 -14.25 -0.77 -1.26
N TYR A 41 -14.49 -0.48 -0.02
CA TYR A 41 -13.54 -0.95 1.01
C TYR A 41 -14.13 -0.87 2.43
N MET A 42 -13.62 0.04 3.23
CA MET A 42 -14.12 0.18 4.59
C MET A 42 -13.60 1.43 5.28
N CYS A 43 -13.58 1.34 6.55
CA CYS A 43 -13.09 2.49 7.40
C CYS A 43 -13.45 3.86 6.76
N PRO A 44 -14.74 4.21 6.79
CA PRO A 44 -15.21 5.48 6.23
C PRO A 44 -14.80 6.66 7.13
N ALA A 45 -13.59 6.61 7.65
CA ALA A 45 -13.11 7.71 8.54
C ALA A 45 -11.68 7.89 8.34
N THR A 46 -11.05 6.83 7.98
CA THR A 46 -9.63 6.89 7.74
C THR A 46 -8.91 7.49 8.96
N ASN A 47 -8.89 6.74 10.02
CA ASN A 47 -8.20 7.25 11.24
C ASN A 47 -8.04 6.16 12.30
N GLN A 48 -7.59 5.00 11.89
CA GLN A 48 -7.42 3.90 12.87
C GLN A 48 -6.65 2.72 12.26
N CYS A 49 -6.61 1.65 12.99
CA CYS A 49 -5.88 0.44 12.49
C CYS A 49 -4.42 0.75 12.21
N THR A 50 -3.73 -0.25 11.72
CA THR A 50 -2.29 -0.09 11.40
C THR A 50 -2.00 -0.81 10.08
N ILE A 51 -0.90 -0.48 9.47
CA ILE A 51 -0.55 -1.14 8.17
C ILE A 51 0.97 -1.35 8.07
N ASP A 52 1.35 -2.57 7.86
CA ASP A 52 2.80 -2.89 7.75
C ASP A 52 3.00 -4.28 7.18
N LYS A 53 2.03 -5.12 7.41
CA LYS A 53 2.12 -6.53 6.90
C LYS A 53 2.68 -6.56 5.49
N ASN A 54 3.05 -7.74 5.05
CA ASN A 54 3.61 -7.90 3.66
C ASN A 54 2.63 -8.56 2.71
N ARG A 55 1.56 -9.11 3.25
CA ARG A 55 0.55 -9.78 2.38
C ARG A 55 -0.62 -8.88 2.09
N ARG A 56 -1.65 -9.08 2.81
CA ARG A 56 -2.87 -8.26 2.64
C ARG A 56 -3.92 -8.64 3.67
N LYS A 57 -3.48 -9.21 4.77
CA LYS A 57 -4.43 -9.62 5.84
C LYS A 57 -4.71 -8.47 6.80
N SER A 58 -4.45 -7.27 6.36
CA SER A 58 -4.69 -6.08 7.23
C SER A 58 -5.99 -5.40 6.86
N CYS A 59 -6.22 -4.22 7.37
CA CYS A 59 -7.48 -3.52 7.03
C CYS A 59 -7.41 -3.03 5.61
N GLN A 60 -7.76 -3.90 4.71
CA GLN A 60 -7.75 -3.57 3.27
C GLN A 60 -8.20 -2.13 2.98
N ALA A 61 -9.11 -1.64 3.76
CA ALA A 61 -9.59 -0.24 3.51
C ALA A 61 -8.54 0.79 3.90
N CYS A 62 -7.80 0.54 4.93
CA CYS A 62 -6.78 1.55 5.32
C CYS A 62 -5.57 1.30 4.45
N ARG A 63 -5.48 0.07 3.97
CA ARG A 63 -4.35 -0.29 3.09
C ARG A 63 -4.38 0.59 1.87
N LEU A 64 -5.48 0.53 1.15
CA LEU A 64 -5.58 1.37 -0.07
C LEU A 64 -5.25 2.80 0.29
N ARG A 65 -5.94 3.29 1.27
CA ARG A 65 -5.68 4.68 1.68
C ARG A 65 -4.21 4.86 1.97
N LYS A 66 -3.61 3.87 2.55
CA LYS A 66 -2.18 3.99 2.85
C LYS A 66 -1.43 3.97 1.54
N CYS A 67 -1.91 3.20 0.59
CA CYS A 67 -1.22 3.14 -0.70
C CYS A 67 -1.31 4.48 -1.37
N TYR A 68 -2.34 5.23 -1.09
CA TYR A 68 -2.44 6.56 -1.72
C TYR A 68 -1.64 7.55 -0.88
N GLU A 69 -1.57 7.26 0.40
CA GLU A 69 -0.81 8.15 1.32
C GLU A 69 0.64 8.14 0.94
N VAL A 70 0.97 7.10 0.29
CA VAL A 70 2.37 6.92 -0.17
C VAL A 70 2.74 8.03 -1.10
N GLY A 71 1.94 8.11 -2.08
CA GLY A 71 2.12 9.16 -3.14
C GLY A 71 2.38 8.44 -4.46
N MET A 72 1.63 7.39 -4.70
CA MET A 72 1.81 6.59 -5.98
C MET A 72 0.65 6.84 -6.93
N MET A 73 0.62 6.05 -7.94
CA MET A 73 -0.43 6.15 -8.94
C MET A 73 -0.32 4.99 -9.87
N LYS A 74 -1.41 4.29 -10.01
CA LYS A 74 -1.44 3.10 -10.91
C LYS A 74 -0.46 3.24 -12.08
N GLY A 75 -0.40 4.40 -12.62
CA GLY A 75 0.52 4.63 -13.78
C GLY A 75 0.35 6.05 -14.32
N MET A 1 27.46 3.21 3.10
CA MET A 1 26.80 4.41 2.54
C MET A 1 25.29 4.30 2.72
N LYS A 2 24.84 3.14 3.09
CA LYS A 2 23.38 2.94 3.28
C LYS A 2 22.60 3.39 2.06
N GLU A 3 22.13 2.45 1.28
CA GLU A 3 21.35 2.79 0.06
C GLU A 3 20.30 1.74 -0.22
N THR A 4 19.20 1.79 0.51
CA THR A 4 18.11 0.80 0.30
C THR A 4 16.76 1.42 0.55
N ARG A 5 15.88 1.29 -0.39
CA ARG A 5 14.51 1.85 -0.24
C ARG A 5 13.57 0.74 0.17
N TYR A 6 12.35 1.07 0.49
CA TYR A 6 11.39 0.00 0.92
C TYR A 6 9.96 0.37 0.56
N CYS A 7 9.01 -0.52 0.84
CA CYS A 7 7.61 -0.19 0.51
C CYS A 7 7.30 1.14 1.08
N ALA A 8 6.74 1.99 0.27
CA ALA A 8 6.43 3.34 0.77
C ALA A 8 5.86 3.29 2.20
N VAL A 9 5.08 2.23 2.53
CA VAL A 9 4.52 2.18 3.92
C VAL A 9 3.89 0.82 4.34
N CYS A 10 3.36 0.10 3.39
CA CYS A 10 2.71 -1.24 3.76
C CYS A 10 3.58 -2.53 3.76
N ASN A 11 4.88 -2.46 3.77
CA ASN A 11 5.63 -3.76 3.78
C ASN A 11 7.10 -3.57 4.12
N ASP A 12 7.93 -3.54 3.11
CA ASP A 12 9.39 -3.38 3.35
C ASP A 12 10.15 -3.37 2.03
N TYR A 13 11.37 -3.87 2.06
CA TYR A 13 12.20 -3.90 0.81
C TYR A 13 11.35 -4.09 -0.43
N ALA A 14 11.15 -3.01 -1.10
CA ALA A 14 10.34 -3.04 -2.33
C ALA A 14 11.05 -3.84 -3.41
N SER A 15 10.29 -4.58 -4.16
CA SER A 15 10.91 -5.38 -5.24
C SER A 15 11.50 -4.46 -6.32
N GLY A 16 11.11 -3.20 -6.29
CA GLY A 16 11.64 -2.24 -7.31
C GLY A 16 10.63 -1.12 -7.56
N TYR A 17 10.88 -0.37 -8.60
CA TYR A 17 9.96 0.76 -8.95
C TYR A 17 8.83 0.27 -9.87
N HIS A 18 7.63 0.23 -9.36
CA HIS A 18 6.46 -0.24 -10.19
C HIS A 18 5.25 0.64 -9.93
N TYR A 19 5.46 1.76 -9.31
CA TYR A 19 4.33 2.66 -9.02
C TYR A 19 4.83 4.08 -8.82
N GLY A 20 6.00 4.35 -9.31
CA GLY A 20 6.57 5.72 -9.16
C GLY A 20 7.19 5.84 -7.77
N VAL A 21 7.25 4.71 -7.11
CA VAL A 21 7.83 4.66 -5.74
C VAL A 21 8.42 3.30 -5.49
N TRP A 22 9.39 3.24 -4.64
CA TRP A 22 9.98 1.91 -4.37
C TRP A 22 8.92 1.19 -3.60
N SER A 23 8.00 0.67 -4.35
CA SER A 23 6.87 -0.05 -3.74
C SER A 23 7.05 -1.54 -3.66
N CYS A 24 6.28 -2.04 -2.79
CA CYS A 24 6.23 -3.47 -2.51
C CYS A 24 6.12 -4.33 -3.77
N GLU A 25 5.87 -5.58 -3.53
CA GLU A 25 5.71 -6.57 -4.62
C GLU A 25 4.35 -7.23 -4.45
N GLY A 26 3.95 -7.35 -3.21
CA GLY A 26 2.64 -7.98 -2.89
C GLY A 26 1.57 -6.90 -2.71
N CYS A 27 1.79 -5.98 -1.79
CA CYS A 27 0.76 -4.92 -1.62
C CYS A 27 0.55 -4.25 -2.99
N LYS A 28 1.58 -4.27 -3.82
CA LYS A 28 1.47 -3.65 -5.17
C LYS A 28 0.29 -4.30 -5.87
N ALA A 29 0.22 -5.60 -5.74
CA ALA A 29 -0.88 -6.37 -6.37
C ALA A 29 -2.22 -5.86 -5.83
N PHE A 30 -2.30 -5.77 -4.54
CA PHE A 30 -3.55 -5.31 -3.89
C PHE A 30 -3.90 -3.92 -4.39
N PHE A 31 -2.94 -3.09 -4.37
CA PHE A 31 -3.15 -1.70 -4.84
C PHE A 31 -3.67 -1.65 -6.27
N LYS A 32 -3.16 -2.51 -7.12
CA LYS A 32 -3.62 -2.52 -8.55
C LYS A 32 -5.09 -2.93 -8.66
N ARG A 33 -5.51 -3.76 -7.77
CA ARG A 33 -6.92 -4.21 -7.81
C ARG A 33 -7.82 -3.27 -7.02
N SER A 34 -7.19 -2.41 -6.25
CA SER A 34 -7.97 -1.44 -5.41
C SER A 34 -7.77 0.04 -5.79
N ILE A 35 -6.94 0.32 -6.77
CA ILE A 35 -6.73 1.78 -7.14
C ILE A 35 -8.03 2.57 -7.12
N GLN A 36 -9.14 1.92 -7.10
CA GLN A 36 -10.39 2.68 -7.08
C GLN A 36 -10.54 3.33 -5.72
N GLY A 37 -11.06 4.50 -5.71
CA GLY A 37 -11.25 5.22 -4.42
C GLY A 37 -12.62 4.86 -3.85
N HIS A 38 -13.62 5.31 -4.56
CA HIS A 38 -15.01 5.03 -4.12
C HIS A 38 -15.34 3.55 -4.28
N ASN A 39 -15.28 2.84 -3.19
CA ASN A 39 -15.57 1.39 -3.22
C ASN A 39 -15.65 0.86 -1.79
N ASP A 40 -16.05 -0.36 -1.62
CA ASP A 40 -16.12 -0.89 -0.23
C ASP A 40 -14.74 -0.95 0.39
N TYR A 41 -14.49 -0.04 1.23
CA TYR A 41 -13.17 0.03 1.92
C TYR A 41 -13.33 0.77 3.25
N MET A 42 -13.41 0.04 4.34
CA MET A 42 -13.57 0.73 5.66
C MET A 42 -13.10 -0.15 6.81
N CYS A 43 -12.45 0.47 7.76
CA CYS A 43 -11.95 -0.28 8.94
C CYS A 43 -13.14 -0.73 9.82
N PRO A 44 -12.90 -1.63 10.78
CA PRO A 44 -13.98 -2.10 11.66
C PRO A 44 -14.52 -0.96 12.53
N ALA A 45 -14.03 0.24 12.27
CA ALA A 45 -14.49 1.41 13.06
C ALA A 45 -14.35 2.61 12.24
N THR A 46 -13.49 2.53 11.30
CA THR A 46 -13.27 3.66 10.42
C THR A 46 -12.93 4.92 11.22
N ASN A 47 -12.60 4.73 12.46
CA ASN A 47 -12.25 5.89 13.32
C ASN A 47 -10.78 6.24 13.20
N GLN A 48 -10.07 5.36 12.57
CA GLN A 48 -8.60 5.58 12.38
C GLN A 48 -7.98 4.41 11.61
N CYS A 49 -7.47 4.69 10.43
CA CYS A 49 -6.84 3.61 9.60
C CYS A 49 -5.32 3.62 9.78
N THR A 50 -4.74 2.46 9.88
CA THR A 50 -3.26 2.38 10.05
C THR A 50 -2.74 0.98 9.74
N ILE A 51 -1.47 0.88 9.38
CA ILE A 51 -0.91 -0.46 9.06
C ILE A 51 0.62 -0.46 9.22
N ASP A 52 1.20 -1.61 9.02
CA ASP A 52 2.69 -1.71 9.15
C ASP A 52 3.23 -2.97 8.47
N LYS A 53 2.82 -4.12 8.95
CA LYS A 53 3.31 -5.38 8.33
C LYS A 53 2.34 -6.54 8.59
N ASN A 54 1.75 -7.04 7.53
CA ASN A 54 0.80 -8.16 7.68
C ASN A 54 0.66 -8.89 6.35
N ARG A 55 -0.31 -8.50 5.58
CA ARG A 55 -0.55 -9.14 4.26
C ARG A 55 -1.68 -8.44 3.53
N ARG A 56 -2.84 -8.84 3.87
CA ARG A 56 -4.04 -8.23 3.23
C ARG A 56 -5.30 -8.65 4.00
N LYS A 57 -5.10 -9.14 5.20
CA LYS A 57 -6.25 -9.57 6.04
C LYS A 57 -6.56 -8.54 7.11
N SER A 58 -5.91 -7.43 7.01
CA SER A 58 -6.14 -6.33 8.00
C SER A 58 -7.32 -5.49 7.56
N CYS A 59 -7.04 -4.49 6.76
CA CYS A 59 -8.15 -3.62 6.27
C CYS A 59 -7.82 -3.09 4.90
N GLN A 60 -8.62 -3.46 3.96
CA GLN A 60 -8.36 -3.00 2.59
C GLN A 60 -8.33 -1.47 2.55
N ALA A 61 -9.02 -0.86 3.46
CA ALA A 61 -9.05 0.64 3.51
C ALA A 61 -7.82 1.21 4.19
N CYS A 62 -6.94 0.34 4.58
CA CYS A 62 -5.69 0.79 5.25
C CYS A 62 -4.57 0.62 4.26
N ARG A 63 -4.48 -0.54 3.68
CA ARG A 63 -3.41 -0.75 2.70
C ARG A 63 -3.62 0.23 1.59
N LEU A 64 -4.85 0.29 1.16
CA LEU A 64 -5.19 1.20 0.08
C LEU A 64 -4.86 2.63 0.46
N ARG A 65 -5.49 3.08 1.50
CA ARG A 65 -5.24 4.45 1.95
C ARG A 65 -3.77 4.66 2.17
N LYS A 66 -3.12 3.69 2.75
CA LYS A 66 -1.69 3.85 2.98
C LYS A 66 -0.97 3.70 1.69
N CYS A 67 -1.65 3.18 0.67
CA CYS A 67 -0.97 3.03 -0.64
C CYS A 67 -1.11 4.35 -1.36
N TYR A 68 -2.20 5.06 -1.07
CA TYR A 68 -2.39 6.37 -1.74
C TYR A 68 -1.59 7.41 -0.97
N GLU A 69 -1.54 7.25 0.34
CA GLU A 69 -0.78 8.20 1.19
C GLU A 69 0.61 8.35 0.63
N VAL A 70 0.95 7.37 -0.08
CA VAL A 70 2.27 7.30 -0.73
C VAL A 70 2.42 8.36 -1.76
N GLY A 71 1.45 8.39 -2.57
CA GLY A 71 1.39 9.36 -3.68
C GLY A 71 1.86 8.61 -4.93
N MET A 72 1.42 7.36 -5.01
CA MET A 72 1.81 6.50 -6.20
C MET A 72 0.87 6.66 -7.34
N MET A 73 -0.29 6.20 -7.10
CA MET A 73 -1.34 6.26 -8.12
C MET A 73 -0.89 5.38 -9.25
N LYS A 74 -1.73 4.47 -9.62
CA LYS A 74 -1.37 3.55 -10.74
C LYS A 74 -0.56 4.26 -11.83
N GLY A 75 -1.03 5.42 -12.21
CA GLY A 75 -0.31 6.19 -13.26
C GLY A 75 0.84 6.99 -12.64
N MET A 1 20.04 7.35 -7.31
CA MET A 1 19.81 6.46 -6.16
C MET A 1 21.14 6.10 -5.50
N LYS A 2 21.07 5.74 -4.24
CA LYS A 2 22.32 5.37 -3.51
C LYS A 2 22.02 4.38 -2.39
N GLU A 3 21.24 4.81 -1.44
CA GLU A 3 20.90 3.90 -0.30
C GLU A 3 19.73 2.97 -0.69
N THR A 4 19.61 1.90 0.05
CA THR A 4 18.52 0.94 -0.24
C THR A 4 17.15 1.54 0.08
N ARG A 5 16.21 1.35 -0.81
CA ARG A 5 14.84 1.92 -0.57
C ARG A 5 13.99 0.80 -0.01
N TYR A 6 12.78 1.13 0.36
CA TYR A 6 11.89 0.08 0.93
C TYR A 6 10.41 0.39 0.66
N CYS A 7 9.52 -0.49 1.06
CA CYS A 7 8.09 -0.19 0.81
C CYS A 7 7.72 1.08 1.50
N ALA A 8 7.10 1.95 0.76
CA ALA A 8 6.69 3.24 1.31
C ALA A 8 6.21 3.14 2.77
N VAL A 9 5.52 2.07 3.13
CA VAL A 9 5.03 1.97 4.56
C VAL A 9 4.68 0.53 5.02
N CYS A 10 4.01 -0.19 4.18
CA CYS A 10 3.61 -1.58 4.56
C CYS A 10 4.75 -2.46 5.13
N ASN A 11 5.62 -2.99 4.29
CA ASN A 11 6.73 -3.85 4.82
C ASN A 11 8.08 -3.18 4.77
N ASP A 12 8.80 -3.42 3.71
CA ASP A 12 10.12 -2.81 3.60
C ASP A 12 10.71 -3.09 2.22
N TYR A 13 11.95 -3.59 2.20
CA TYR A 13 12.62 -3.89 0.90
C TYR A 13 11.63 -4.30 -0.18
N ALA A 14 11.29 -3.36 -0.97
CA ALA A 14 10.34 -3.61 -2.08
C ALA A 14 11.02 -4.37 -3.21
N SER A 15 10.26 -5.21 -3.87
CA SER A 15 10.83 -6.00 -4.98
C SER A 15 11.37 -5.10 -6.08
N GLY A 16 10.88 -3.90 -6.15
CA GLY A 16 11.38 -2.97 -7.21
C GLY A 16 10.53 -1.71 -7.28
N TYR A 17 10.76 -0.92 -8.30
CA TYR A 17 9.97 0.34 -8.44
C TYR A 17 8.58 0.07 -9.02
N HIS A 18 7.61 0.79 -8.50
CA HIS A 18 6.22 0.61 -8.99
C HIS A 18 5.49 1.96 -9.01
N TYR A 19 4.90 2.25 -10.13
CA TYR A 19 4.17 3.54 -10.29
C TYR A 19 5.08 4.73 -10.00
N GLY A 20 5.38 4.98 -8.75
CA GLY A 20 6.28 6.14 -8.42
C GLY A 20 6.96 5.96 -7.07
N VAL A 21 7.27 4.73 -6.73
CA VAL A 21 7.94 4.46 -5.42
C VAL A 21 8.57 3.08 -5.42
N TRP A 22 9.14 2.74 -4.31
CA TRP A 22 9.78 1.41 -4.17
C TRP A 22 8.87 0.57 -3.32
N SER A 23 7.81 0.05 -3.92
CA SER A 23 6.83 -0.79 -3.15
C SER A 23 6.94 -2.26 -3.46
N CYS A 24 6.50 -3.02 -2.52
CA CYS A 24 6.54 -4.49 -2.67
C CYS A 24 5.44 -4.95 -3.63
N GLU A 25 5.59 -6.13 -4.17
CA GLU A 25 4.55 -6.63 -5.11
C GLU A 25 3.20 -6.79 -4.41
N GLY A 26 3.22 -7.32 -3.22
CA GLY A 26 1.93 -7.51 -2.49
C GLY A 26 1.08 -6.25 -2.57
N CYS A 27 1.67 -5.12 -2.26
CA CYS A 27 0.90 -3.87 -2.31
C CYS A 27 0.42 -3.61 -3.73
N LYS A 28 1.34 -3.24 -4.59
CA LYS A 28 0.98 -2.97 -6.00
C LYS A 28 -0.08 -3.94 -6.49
N ALA A 29 0.04 -5.17 -6.11
CA ALA A 29 -0.96 -6.16 -6.54
C ALA A 29 -2.32 -5.81 -5.97
N PHE A 30 -2.33 -5.58 -4.68
CA PHE A 30 -3.62 -5.23 -4.06
C PHE A 30 -4.05 -3.88 -4.55
N PHE A 31 -3.18 -2.95 -4.36
CA PHE A 31 -3.46 -1.59 -4.79
C PHE A 31 -3.97 -1.55 -6.21
N LYS A 32 -3.38 -2.32 -7.11
CA LYS A 32 -3.87 -2.29 -8.52
C LYS A 32 -5.20 -2.98 -8.64
N ARG A 33 -5.30 -4.10 -8.03
CA ARG A 33 -6.55 -4.83 -8.10
C ARG A 33 -7.64 -4.01 -7.44
N SER A 34 -7.23 -2.97 -6.75
CA SER A 34 -8.22 -2.10 -6.03
C SER A 34 -8.35 -0.63 -6.56
N ILE A 35 -7.29 0.17 -6.39
CA ILE A 35 -7.34 1.63 -6.86
C ILE A 35 -8.75 2.21 -6.69
N GLN A 36 -8.98 3.35 -7.27
CA GLN A 36 -10.31 3.99 -7.17
C GLN A 36 -10.62 4.33 -5.73
N GLY A 37 -11.21 5.46 -5.54
CA GLY A 37 -11.56 5.90 -4.16
C GLY A 37 -12.96 5.45 -3.79
N HIS A 38 -13.89 5.93 -4.54
CA HIS A 38 -15.32 5.57 -4.29
C HIS A 38 -15.58 4.08 -4.58
N ASN A 39 -15.69 3.31 -3.54
CA ASN A 39 -15.95 1.84 -3.71
C ASN A 39 -16.03 1.18 -2.35
N ASP A 40 -16.69 0.04 -2.27
CA ASP A 40 -16.77 -0.63 -0.95
C ASP A 40 -15.40 -0.97 -0.44
N TYR A 41 -15.02 -0.35 0.60
CA TYR A 41 -13.67 -0.60 1.20
C TYR A 41 -13.71 -0.34 2.71
N MET A 42 -13.28 -1.30 3.49
CA MET A 42 -13.30 -1.11 4.96
C MET A 42 -12.14 -1.85 5.63
N CYS A 43 -11.71 -1.34 6.75
CA CYS A 43 -10.58 -1.98 7.50
C CYS A 43 -11.14 -2.70 8.75
N PRO A 44 -10.39 -3.67 9.29
CA PRO A 44 -10.85 -4.40 10.49
C PRO A 44 -11.02 -3.49 11.73
N ALA A 45 -11.24 -2.21 11.50
CA ALA A 45 -11.40 -1.28 12.64
C ALA A 45 -12.26 -0.17 12.22
N THR A 46 -12.25 0.06 10.97
CA THR A 46 -13.06 1.13 10.44
C THR A 46 -12.79 2.45 11.17
N ASN A 47 -11.53 2.81 11.24
CA ASN A 47 -11.15 4.06 11.93
C ASN A 47 -9.73 4.46 11.55
N GLN A 48 -9.33 4.11 10.36
CA GLN A 48 -7.96 4.46 9.90
C GLN A 48 -6.92 3.91 10.89
N CYS A 49 -6.16 2.95 10.43
CA CYS A 49 -5.12 2.36 11.32
C CYS A 49 -3.89 1.91 10.54
N THR A 50 -2.74 2.06 11.15
CA THR A 50 -1.48 1.67 10.46
C THR A 50 -1.56 0.24 9.94
N ILE A 51 -0.51 -0.18 9.26
CA ILE A 51 -0.48 -1.57 8.70
C ILE A 51 0.96 -2.09 8.66
N ASP A 52 1.11 -3.34 8.31
CA ASP A 52 2.48 -3.95 8.24
C ASP A 52 2.63 -4.78 6.95
N LYS A 53 2.36 -6.06 7.05
CA LYS A 53 2.48 -6.92 5.84
C LYS A 53 1.61 -8.17 5.98
N ASN A 54 0.97 -8.55 4.90
CA ASN A 54 0.10 -9.74 4.95
C ASN A 54 -0.14 -10.29 3.55
N ARG A 55 -1.12 -9.76 2.89
CA ARG A 55 -1.42 -10.23 1.52
C ARG A 55 -2.37 -9.27 0.83
N ARG A 56 -3.60 -9.56 0.98
CA ARG A 56 -4.64 -8.71 0.35
C ARG A 56 -6.01 -9.07 0.90
N LYS A 57 -6.06 -9.41 2.17
CA LYS A 57 -7.36 -9.79 2.80
C LYS A 57 -7.42 -9.32 4.24
N SER A 58 -7.32 -8.03 4.42
CA SER A 58 -7.36 -7.49 5.81
C SER A 58 -7.57 -5.98 5.78
N CYS A 59 -6.49 -5.24 5.91
CA CYS A 59 -6.60 -3.76 5.91
C CYS A 59 -6.52 -3.25 4.47
N GLN A 60 -7.56 -3.52 3.72
CA GLN A 60 -7.58 -3.08 2.31
C GLN A 60 -7.87 -1.59 2.22
N ALA A 61 -8.82 -1.14 2.97
CA ALA A 61 -9.16 0.30 2.93
C ALA A 61 -8.08 1.11 3.62
N CYS A 62 -7.21 0.42 4.28
CA CYS A 62 -6.10 1.09 4.99
C CYS A 62 -4.88 1.02 4.09
N ARG A 63 -4.58 -0.16 3.63
CA ARG A 63 -3.42 -0.32 2.75
C ARG A 63 -3.64 0.54 1.53
N LEU A 64 -4.89 0.63 1.15
CA LEU A 64 -5.23 1.45 -0.02
C LEU A 64 -5.02 2.87 0.31
N ARG A 65 -5.75 3.34 1.29
CA ARG A 65 -5.61 4.74 1.70
C ARG A 65 -4.14 5.05 1.86
N LYS A 66 -3.43 4.11 2.38
CA LYS A 66 -2.02 4.32 2.56
C LYS A 66 -1.41 4.45 1.21
N CYS A 67 -1.77 3.53 0.33
CA CYS A 67 -1.21 3.59 -1.03
C CYS A 67 -1.50 4.94 -1.64
N TYR A 68 -2.67 5.42 -1.45
CA TYR A 68 -2.95 6.73 -2.01
C TYR A 68 -2.12 7.74 -1.25
N GLU A 69 -1.83 7.41 -0.01
CA GLU A 69 -1.01 8.33 0.81
C GLU A 69 0.40 8.27 0.31
N VAL A 70 0.74 7.15 -0.19
CA VAL A 70 2.11 6.96 -0.72
C VAL A 70 2.26 7.85 -1.91
N GLY A 71 1.14 8.27 -2.37
CA GLY A 71 1.13 9.16 -3.53
C GLY A 71 1.64 8.38 -4.71
N MET A 72 1.15 7.16 -4.86
CA MET A 72 1.63 6.34 -6.02
C MET A 72 0.80 6.60 -7.23
N MET A 73 -0.38 6.17 -7.11
CA MET A 73 -1.37 6.30 -8.17
C MET A 73 -1.00 5.41 -9.31
N LYS A 74 -1.91 4.55 -9.66
CA LYS A 74 -1.67 3.61 -10.77
C LYS A 74 -0.85 4.25 -11.90
N GLY A 75 -1.15 5.49 -12.17
CA GLY A 75 -0.42 6.20 -13.25
C GLY A 75 0.99 6.58 -12.79
N MET A 1 22.60 7.26 7.09
CA MET A 1 22.99 5.98 6.46
C MET A 1 21.80 5.02 6.47
N LYS A 2 21.18 4.88 5.32
CA LYS A 2 20.00 3.97 5.23
C LYS A 2 19.83 3.45 3.81
N GLU A 3 20.89 2.92 3.26
CA GLU A 3 20.81 2.39 1.88
C GLU A 3 19.60 1.49 1.72
N THR A 4 19.36 1.05 0.50
CA THR A 4 18.19 0.16 0.24
C THR A 4 16.89 0.82 0.65
N ARG A 5 15.99 0.95 -0.30
CA ARG A 5 14.68 1.59 0.02
C ARG A 5 13.74 0.50 0.43
N TYR A 6 12.55 0.85 0.77
CA TYR A 6 11.57 -0.20 1.20
C TYR A 6 10.15 0.21 0.85
N CYS A 7 9.22 -0.67 1.11
CA CYS A 7 7.82 -0.36 0.81
C CYS A 7 7.35 0.90 1.49
N ALA A 8 6.53 1.64 0.79
CA ALA A 8 6.01 2.91 1.34
C ALA A 8 4.69 2.67 2.09
N VAL A 9 4.13 1.49 1.94
CA VAL A 9 2.84 1.18 2.65
C VAL A 9 3.03 0.30 3.86
N CYS A 10 3.34 -0.94 3.60
CA CYS A 10 3.53 -1.93 4.70
C CYS A 10 4.96 -1.94 5.24
N ASN A 11 5.89 -1.39 4.49
CA ASN A 11 7.32 -1.37 4.96
C ASN A 11 8.00 -2.72 4.74
N ASP A 12 8.54 -2.89 3.59
CA ASP A 12 9.22 -4.16 3.27
C ASP A 12 10.11 -3.95 2.04
N TYR A 13 11.21 -4.67 1.98
CA TYR A 13 12.11 -4.50 0.81
C TYR A 13 11.31 -4.46 -0.48
N ALA A 14 11.33 -3.34 -1.13
CA ALA A 14 10.59 -3.22 -2.39
C ALA A 14 11.25 -3.99 -3.51
N SER A 15 10.45 -4.62 -4.31
CA SER A 15 11.01 -5.41 -5.44
C SER A 15 11.37 -4.51 -6.61
N GLY A 16 11.07 -3.23 -6.49
CA GLY A 16 11.41 -2.29 -7.62
C GLY A 16 10.43 -1.14 -7.68
N TYR A 17 10.76 -0.16 -8.49
CA TYR A 17 9.88 1.02 -8.65
C TYR A 17 8.64 0.63 -9.45
N HIS A 18 7.54 1.32 -9.20
CA HIS A 18 6.29 1.00 -9.94
C HIS A 18 5.43 2.24 -10.17
N TYR A 19 4.77 2.66 -9.15
CA TYR A 19 3.90 3.85 -9.26
C TYR A 19 4.78 5.09 -9.21
N GLY A 20 6.01 4.86 -8.83
CA GLY A 20 7.01 5.97 -8.74
C GLY A 20 7.59 5.92 -7.33
N VAL A 21 7.37 4.78 -6.69
CA VAL A 21 7.87 4.59 -5.30
C VAL A 21 8.46 3.21 -5.18
N TRP A 22 9.18 3.02 -4.13
CA TRP A 22 9.80 1.68 -3.91
C TRP A 22 8.79 0.84 -3.17
N SER A 23 7.83 0.31 -3.92
CA SER A 23 6.77 -0.54 -3.27
C SER A 23 7.04 -2.03 -3.46
N CYS A 24 6.46 -2.80 -2.57
CA CYS A 24 6.65 -4.29 -2.65
C CYS A 24 5.66 -4.93 -3.62
N GLU A 25 5.59 -6.23 -3.59
CA GLU A 25 4.64 -6.94 -4.50
C GLU A 25 3.21 -6.94 -3.98
N GLY A 26 2.98 -7.64 -2.90
CA GLY A 26 1.60 -7.69 -2.32
C GLY A 26 0.92 -6.33 -2.36
N CYS A 27 1.60 -5.32 -1.92
CA CYS A 27 0.97 -3.98 -1.95
C CYS A 27 0.72 -3.54 -3.37
N LYS A 28 1.64 -3.86 -4.25
CA LYS A 28 1.45 -3.46 -5.66
C LYS A 28 0.25 -4.19 -6.24
N ALA A 29 0.24 -5.48 -6.08
CA ALA A 29 -0.89 -6.27 -6.62
C ALA A 29 -2.18 -5.82 -5.96
N PHE A 30 -2.14 -5.71 -4.67
CA PHE A 30 -3.34 -5.26 -3.92
C PHE A 30 -3.79 -3.91 -4.41
N PHE A 31 -2.85 -3.04 -4.54
CA PHE A 31 -3.17 -1.68 -5.00
C PHE A 31 -3.74 -1.70 -6.41
N LYS A 32 -3.09 -2.39 -7.31
CA LYS A 32 -3.62 -2.41 -8.69
C LYS A 32 -4.87 -3.24 -8.77
N ARG A 33 -5.11 -4.01 -7.77
CA ARG A 33 -6.30 -4.85 -7.79
C ARG A 33 -7.53 -3.97 -7.61
N SER A 34 -7.32 -2.73 -7.17
CA SER A 34 -8.53 -1.84 -6.98
C SER A 34 -8.35 -0.36 -7.34
N ILE A 35 -7.26 0.26 -6.89
CA ILE A 35 -7.05 1.73 -7.22
C ILE A 35 -8.39 2.49 -7.13
N GLN A 36 -8.38 3.75 -7.46
CA GLN A 36 -9.62 4.55 -7.40
C GLN A 36 -10.15 4.61 -5.98
N GLY A 37 -10.63 5.73 -5.61
CA GLY A 37 -11.16 5.86 -4.22
C GLY A 37 -12.45 5.05 -4.07
N HIS A 38 -13.51 5.57 -4.63
CA HIS A 38 -14.82 4.85 -4.52
C HIS A 38 -14.65 3.34 -4.73
N ASN A 39 -14.78 2.61 -3.66
CA ASN A 39 -14.65 1.13 -3.73
C ASN A 39 -14.92 0.50 -2.36
N ASP A 40 -15.33 -0.75 -2.33
CA ASP A 40 -15.61 -1.37 -1.01
C ASP A 40 -14.34 -1.52 -0.22
N TYR A 41 -14.21 -0.72 0.77
CA TYR A 41 -12.99 -0.76 1.64
C TYR A 41 -13.34 -0.30 3.04
N MET A 42 -12.78 -0.93 4.03
CA MET A 42 -13.11 -0.51 5.40
C MET A 42 -12.17 -1.16 6.43
N CYS A 43 -12.11 -0.55 7.59
CA CYS A 43 -11.25 -1.07 8.71
C CYS A 43 -12.11 -1.67 9.88
N PRO A 44 -12.44 -2.96 9.81
CA PRO A 44 -13.23 -3.57 10.87
C PRO A 44 -12.48 -3.53 12.21
N ALA A 45 -12.64 -2.45 12.92
CA ALA A 45 -11.95 -2.32 14.23
C ALA A 45 -12.41 -1.09 14.89
N THR A 46 -12.90 -0.22 14.10
CA THR A 46 -13.39 1.04 14.64
C THR A 46 -12.31 1.72 15.48
N ASN A 47 -11.28 2.16 14.80
CA ASN A 47 -10.17 2.83 15.50
C ASN A 47 -9.18 3.42 14.49
N GLN A 48 -9.68 4.30 13.65
CA GLN A 48 -8.78 4.91 12.64
C GLN A 48 -8.28 3.85 11.66
N CYS A 49 -7.11 4.06 11.11
CA CYS A 49 -6.56 3.06 10.13
C CYS A 49 -5.04 2.90 10.32
N THR A 50 -4.62 1.67 10.34
CA THR A 50 -3.19 1.33 10.51
C THR A 50 -2.97 -0.08 9.96
N ILE A 51 -1.84 -0.31 9.27
CA ILE A 51 -1.59 -1.69 8.70
C ILE A 51 -0.31 -2.33 9.25
N ASP A 52 -0.21 -3.63 9.03
CA ASP A 52 0.97 -4.39 9.50
C ASP A 52 1.08 -5.74 8.77
N LYS A 53 0.37 -6.76 9.28
CA LYS A 53 0.44 -8.09 8.62
C LYS A 53 -0.58 -9.10 9.19
N ASN A 54 -1.31 -9.74 8.30
CA ASN A 54 -2.34 -10.75 8.73
C ASN A 54 -2.85 -11.49 7.49
N ARG A 55 -3.87 -10.94 6.88
CA ARG A 55 -4.47 -11.55 5.67
C ARG A 55 -4.05 -10.69 4.52
N ARG A 56 -4.91 -9.85 4.13
CA ARG A 56 -4.58 -8.94 3.00
C ARG A 56 -3.84 -7.78 3.62
N LYS A 57 -2.97 -8.15 4.55
CA LYS A 57 -2.14 -7.17 5.28
C LYS A 57 -3.02 -6.30 6.18
N SER A 58 -3.37 -6.87 7.30
CA SER A 58 -4.24 -6.16 8.30
C SER A 58 -5.56 -5.63 7.71
N CYS A 59 -5.57 -4.39 7.24
CA CYS A 59 -6.83 -3.80 6.65
C CYS A 59 -6.63 -3.35 5.24
N GLN A 60 -7.64 -3.55 4.44
CA GLN A 60 -7.54 -3.14 3.05
C GLN A 60 -7.75 -1.65 2.94
N ALA A 61 -8.47 -1.09 3.88
CA ALA A 61 -8.71 0.38 3.82
C ALA A 61 -7.49 1.16 4.31
N CYS A 62 -6.51 0.45 4.86
CA CYS A 62 -5.28 1.15 5.34
C CYS A 62 -4.26 1.05 4.24
N ARG A 63 -4.06 -0.16 3.79
CA ARG A 63 -3.09 -0.40 2.71
C ARG A 63 -3.43 0.51 1.55
N LEU A 64 -4.69 0.47 1.18
CA LEU A 64 -5.16 1.30 0.06
C LEU A 64 -4.99 2.77 0.39
N ARG A 65 -5.58 3.17 1.48
CA ARG A 65 -5.47 4.58 1.87
C ARG A 65 -4.01 4.94 1.97
N LYS A 66 -3.23 3.99 2.36
CA LYS A 66 -1.82 4.26 2.47
C LYS A 66 -1.27 4.37 1.09
N CYS A 67 -1.66 3.41 0.27
CA CYS A 67 -1.18 3.42 -1.12
C CYS A 67 -1.46 4.76 -1.75
N TYR A 68 -2.57 5.35 -1.43
CA TYR A 68 -2.87 6.66 -2.03
C TYR A 68 -2.05 7.71 -1.32
N GLU A 69 -1.73 7.44 -0.08
CA GLU A 69 -0.93 8.39 0.71
C GLU A 69 0.49 8.39 0.20
N VAL A 70 0.86 7.27 -0.26
CA VAL A 70 2.23 7.09 -0.81
C VAL A 70 2.40 7.96 -2.03
N GLY A 71 1.30 8.42 -2.51
CA GLY A 71 1.35 9.29 -3.72
C GLY A 71 1.73 8.36 -4.88
N MET A 72 1.00 7.29 -4.97
CA MET A 72 1.25 6.29 -6.05
C MET A 72 0.58 6.61 -7.37
N MET A 73 -0.62 6.14 -7.43
CA MET A 73 -1.48 6.29 -8.60
C MET A 73 -1.03 5.31 -9.64
N LYS A 74 -1.88 4.39 -9.93
CA LYS A 74 -1.56 3.34 -10.94
C LYS A 74 -0.66 3.89 -12.06
N GLY A 75 -0.84 5.15 -12.37
CA GLY A 75 -0.02 5.76 -13.46
C GLY A 75 -0.64 7.09 -13.90
N MET A 1 21.60 11.37 7.09
CA MET A 1 21.00 11.53 5.74
C MET A 1 19.99 10.42 5.48
N LYS A 2 19.55 10.34 4.26
CA LYS A 2 18.56 9.29 3.92
C LYS A 2 19.22 7.92 3.84
N GLU A 3 18.42 6.90 3.67
CA GLU A 3 18.98 5.52 3.59
C GLU A 3 18.13 4.64 2.69
N THR A 4 18.51 3.39 2.60
CA THR A 4 17.75 2.42 1.75
C THR A 4 16.25 2.66 1.86
N ARG A 5 15.55 2.57 0.75
CA ARG A 5 14.08 2.79 0.80
C ARG A 5 13.39 1.47 1.01
N TYR A 6 12.11 1.53 1.21
CA TYR A 6 11.35 0.27 1.44
C TYR A 6 9.89 0.41 1.00
N CYS A 7 9.11 -0.63 1.17
CA CYS A 7 7.70 -0.54 0.76
C CYS A 7 7.07 0.70 1.37
N ALA A 8 6.85 1.66 0.54
CA ALA A 8 6.23 2.91 1.02
C ALA A 8 4.86 2.62 1.62
N VAL A 9 4.48 1.36 1.60
CA VAL A 9 3.13 0.98 2.16
C VAL A 9 3.08 -0.07 3.30
N CYS A 10 3.75 -1.21 3.16
CA CYS A 10 3.66 -2.21 4.31
C CYS A 10 4.83 -3.21 4.56
N ASN A 11 5.33 -3.86 3.54
CA ASN A 11 6.42 -4.82 3.78
C ASN A 11 7.73 -4.17 4.15
N ASP A 12 8.58 -4.11 3.21
CA ASP A 12 9.89 -3.51 3.46
C ASP A 12 10.66 -3.39 2.15
N TYR A 13 11.91 -3.82 2.14
CA TYR A 13 12.69 -3.72 0.88
C TYR A 13 11.84 -4.16 -0.31
N ALA A 14 11.41 -3.20 -1.04
CA ALA A 14 10.56 -3.47 -2.22
C ALA A 14 11.32 -4.28 -3.27
N SER A 15 10.60 -5.14 -3.94
CA SER A 15 11.25 -5.98 -4.98
C SER A 15 11.70 -5.14 -6.18
N GLY A 16 11.22 -3.92 -6.25
CA GLY A 16 11.62 -3.05 -7.40
C GLY A 16 10.67 -1.88 -7.56
N TYR A 17 11.07 -0.93 -8.37
CA TYR A 17 10.21 0.26 -8.60
C TYR A 17 8.94 -0.14 -9.38
N HIS A 18 7.93 0.69 -9.31
CA HIS A 18 6.67 0.37 -10.04
C HIS A 18 5.99 1.63 -10.59
N TYR A 19 5.02 2.15 -9.87
CA TYR A 19 4.33 3.37 -10.37
C TYR A 19 5.23 4.60 -10.20
N GLY A 20 6.06 4.58 -9.20
CA GLY A 20 6.97 5.75 -8.98
C GLY A 20 7.56 5.71 -7.57
N VAL A 21 7.63 4.53 -7.03
CA VAL A 21 8.19 4.38 -5.64
C VAL A 21 8.78 3.01 -5.47
N TRP A 22 9.26 2.77 -4.29
CA TRP A 22 9.85 1.45 -3.98
C TRP A 22 8.79 0.67 -3.23
N SER A 23 7.84 0.10 -3.97
CA SER A 23 6.75 -0.69 -3.30
C SER A 23 6.88 -2.17 -3.52
N CYS A 24 6.33 -2.89 -2.61
CA CYS A 24 6.39 -4.37 -2.70
C CYS A 24 5.33 -4.86 -3.69
N GLU A 25 5.63 -5.91 -4.40
CA GLU A 25 4.66 -6.43 -5.40
C GLU A 25 3.30 -6.70 -4.75
N GLY A 26 3.31 -7.37 -3.64
CA GLY A 26 2.02 -7.67 -2.95
C GLY A 26 1.13 -6.43 -2.90
N CYS A 27 1.73 -5.29 -2.72
CA CYS A 27 0.93 -4.04 -2.66
C CYS A 27 0.45 -3.66 -4.05
N LYS A 28 1.39 -3.30 -4.90
CA LYS A 28 1.00 -2.90 -6.29
C LYS A 28 -0.10 -3.82 -6.81
N ALA A 29 -0.16 -5.01 -6.26
CA ALA A 29 -1.19 -5.98 -6.69
C ALA A 29 -2.52 -5.58 -6.05
N PHE A 30 -2.48 -5.39 -4.75
CA PHE A 30 -3.70 -5.00 -4.04
C PHE A 30 -4.13 -3.66 -4.53
N PHE A 31 -3.20 -2.77 -4.48
CA PHE A 31 -3.46 -1.41 -4.92
C PHE A 31 -4.04 -1.39 -6.32
N LYS A 32 -3.56 -2.25 -7.19
CA LYS A 32 -4.10 -2.27 -8.58
C LYS A 32 -5.53 -2.74 -8.60
N ARG A 33 -5.75 -3.84 -7.98
CA ARG A 33 -7.12 -4.38 -7.94
C ARG A 33 -7.96 -3.61 -6.95
N SER A 34 -7.28 -2.81 -6.17
CA SER A 34 -8.00 -1.99 -5.15
C SER A 34 -7.89 -0.47 -5.34
N ILE A 35 -7.39 -0.01 -6.45
CA ILE A 35 -7.30 1.51 -6.62
C ILE A 35 -8.66 2.18 -6.30
N GLN A 36 -9.18 2.94 -7.22
CA GLN A 36 -10.47 3.62 -6.97
C GLN A 36 -10.41 4.45 -5.69
N GLY A 37 -11.16 5.51 -5.65
CA GLY A 37 -11.16 6.38 -4.43
C GLY A 37 -12.46 6.20 -3.66
N HIS A 38 -13.50 6.81 -4.17
CA HIS A 38 -14.81 6.70 -3.51
C HIS A 38 -15.39 5.30 -3.70
N ASN A 39 -14.92 4.38 -2.88
CA ASN A 39 -15.40 2.97 -2.98
C ASN A 39 -15.62 2.40 -1.60
N ASP A 40 -16.36 1.33 -1.52
CA ASP A 40 -16.61 0.72 -0.19
C ASP A 40 -15.37 0.00 0.26
N TYR A 41 -14.75 0.55 1.23
CA TYR A 41 -13.49 -0.06 1.77
C TYR A 41 -13.55 -0.15 3.29
N MET A 42 -12.80 -1.06 3.82
CA MET A 42 -12.77 -1.23 5.29
C MET A 42 -12.48 0.09 5.99
N CYS A 43 -12.17 -0.03 7.25
CA CYS A 43 -11.85 1.19 8.08
C CYS A 43 -12.73 2.40 7.66
N PRO A 44 -14.02 2.33 7.99
CA PRO A 44 -14.95 3.41 7.65
C PRO A 44 -14.68 4.67 8.50
N ALA A 45 -13.44 4.91 8.79
CA ALA A 45 -13.09 6.11 9.61
C ALA A 45 -11.70 6.47 9.34
N THR A 46 -10.97 5.52 8.93
CA THR A 46 -9.58 5.78 8.62
C THR A 46 -8.87 6.42 9.81
N ASN A 47 -8.76 5.68 10.88
CA ASN A 47 -8.09 6.21 12.10
C ASN A 47 -6.61 5.87 12.06
N GLN A 48 -6.12 5.62 10.88
CA GLN A 48 -4.69 5.28 10.75
C GLN A 48 -4.35 4.07 11.60
N CYS A 49 -4.14 2.95 10.95
CA CYS A 49 -3.80 1.69 11.69
C CYS A 49 -2.50 1.11 11.16
N THR A 50 -1.85 0.33 11.98
CA THR A 50 -0.59 -0.26 11.51
C THR A 50 -0.85 -1.24 10.37
N ILE A 51 -0.11 -1.07 9.30
CA ILE A 51 -0.28 -1.97 8.11
C ILE A 51 1.02 -2.74 7.85
N ASP A 52 0.90 -4.01 7.62
CA ASP A 52 2.12 -4.85 7.36
C ASP A 52 1.77 -6.00 6.42
N LYS A 53 2.26 -7.17 6.74
CA LYS A 53 1.98 -8.35 5.89
C LYS A 53 2.29 -8.04 4.42
N ASN A 54 1.88 -8.93 3.54
CA ASN A 54 2.14 -8.71 2.08
C ASN A 54 0.93 -9.14 1.26
N ARG A 55 0.05 -9.89 1.88
CA ARG A 55 -1.17 -10.35 1.16
C ARG A 55 -2.31 -9.40 1.37
N ARG A 56 -3.06 -9.68 2.36
CA ARG A 56 -4.22 -8.81 2.69
C ARG A 56 -4.92 -9.30 3.96
N LYS A 57 -4.14 -9.64 4.96
CA LYS A 57 -4.73 -10.13 6.25
C LYS A 57 -4.67 -9.03 7.32
N SER A 58 -4.98 -7.83 6.92
CA SER A 58 -4.95 -6.68 7.89
C SER A 58 -5.98 -5.64 7.49
N CYS A 59 -5.78 -4.42 7.93
CA CYS A 59 -6.75 -3.36 7.58
C CYS A 59 -6.64 -3.03 6.09
N GLN A 60 -7.16 -3.91 5.28
CA GLN A 60 -7.12 -3.72 3.81
C GLN A 60 -7.44 -2.29 3.38
N ALA A 61 -8.33 -1.64 4.08
CA ALA A 61 -8.66 -0.25 3.67
C ALA A 61 -7.53 0.73 3.93
N CYS A 62 -6.89 0.65 5.05
CA CYS A 62 -5.78 1.61 5.29
C CYS A 62 -4.69 1.33 4.28
N ARG A 63 -4.63 0.13 3.78
CA ARG A 63 -3.59 -0.18 2.79
C ARG A 63 -3.79 0.73 1.60
N LEU A 64 -4.99 0.72 1.08
CA LEU A 64 -5.30 1.58 -0.07
C LEU A 64 -4.91 3.00 0.23
N ARG A 65 -5.62 3.57 1.16
CA ARG A 65 -5.36 4.96 1.56
C ARG A 65 -3.88 5.14 1.79
N LYS A 66 -3.26 4.19 2.43
CA LYS A 66 -1.84 4.33 2.67
C LYS A 66 -1.14 4.24 1.36
N CYS A 67 -1.74 3.53 0.43
CA CYS A 67 -1.08 3.41 -0.89
C CYS A 67 -1.20 4.74 -1.59
N TYR A 68 -2.30 5.39 -1.42
CA TYR A 68 -2.44 6.69 -2.07
C TYR A 68 -1.56 7.69 -1.34
N GLU A 69 -1.37 7.44 -0.07
CA GLU A 69 -0.52 8.35 0.72
C GLU A 69 0.84 8.40 0.10
N VAL A 70 1.19 7.31 -0.45
CA VAL A 70 2.51 7.20 -1.12
C VAL A 70 2.52 8.10 -2.31
N GLY A 71 1.37 8.42 -2.72
CA GLY A 71 1.24 9.30 -3.88
C GLY A 71 1.71 8.54 -5.11
N MET A 72 1.36 7.26 -5.15
CA MET A 72 1.79 6.44 -6.30
C MET A 72 0.91 6.69 -7.49
N MET A 73 -0.28 6.30 -7.30
CA MET A 73 -1.32 6.44 -8.32
C MET A 73 -1.00 5.53 -9.46
N LYS A 74 -1.91 4.66 -9.76
CA LYS A 74 -1.69 3.71 -10.87
C LYS A 74 -0.98 4.37 -12.06
N GLY A 75 -1.43 5.53 -12.40
CA GLY A 75 -0.80 6.24 -13.55
C GLY A 75 -1.48 7.59 -13.78
N MET A 1 19.74 -3.39 4.39
CA MET A 1 21.12 -3.19 4.89
C MET A 1 21.71 -1.90 4.30
N LYS A 2 22.54 -2.05 3.30
CA LYS A 2 23.15 -0.85 2.68
C LYS A 2 22.14 -0.15 1.78
N GLU A 3 22.64 0.50 0.75
CA GLU A 3 21.73 1.21 -0.18
C GLU A 3 20.53 0.33 -0.53
N THR A 4 19.39 0.66 0.01
CA THR A 4 18.18 -0.16 -0.29
C THR A 4 16.91 0.55 0.12
N ARG A 5 15.96 0.58 -0.79
CA ARG A 5 14.67 1.26 -0.48
C ARG A 5 13.68 0.19 -0.02
N TYR A 6 12.52 0.59 0.39
CA TYR A 6 11.52 -0.43 0.85
C TYR A 6 10.09 0.01 0.57
N CYS A 7 9.13 -0.79 0.98
CA CYS A 7 7.72 -0.41 0.73
C CYS A 7 7.51 0.99 1.21
N ALA A 8 7.12 1.83 0.32
CA ALA A 8 6.90 3.23 0.70
C ALA A 8 6.21 3.35 2.08
N VAL A 9 5.39 2.37 2.47
CA VAL A 9 4.73 2.51 3.81
C VAL A 9 4.05 1.23 4.37
N CYS A 10 3.57 0.39 3.51
CA CYS A 10 2.88 -0.88 4.04
C CYS A 10 3.65 -2.24 4.06
N ASN A 11 4.97 -2.27 3.99
CA ASN A 11 5.61 -3.62 4.03
C ASN A 11 7.13 -3.55 4.23
N ASP A 12 7.86 -3.63 3.15
CA ASP A 12 9.35 -3.58 3.28
C ASP A 12 10.00 -3.65 1.90
N TYR A 13 11.18 -4.26 1.86
CA TYR A 13 11.92 -4.37 0.55
C TYR A 13 11.00 -4.40 -0.65
N ALA A 14 10.91 -3.28 -1.27
CA ALA A 14 10.03 -3.16 -2.44
C ALA A 14 10.65 -3.84 -3.65
N SER A 15 9.82 -4.48 -4.42
CA SER A 15 10.32 -5.18 -5.63
C SER A 15 11.00 -4.22 -6.58
N GLY A 16 10.66 -2.96 -6.48
CA GLY A 16 11.30 -1.95 -7.39
C GLY A 16 10.36 -0.76 -7.63
N TYR A 17 10.56 -0.08 -8.74
CA TYR A 17 9.70 1.11 -9.07
C TYR A 17 8.59 0.70 -10.06
N HIS A 18 7.36 0.88 -9.63
CA HIS A 18 6.19 0.54 -10.51
C HIS A 18 5.16 1.68 -10.48
N TYR A 19 5.58 2.78 -9.92
CA TYR A 19 4.68 3.95 -9.83
C TYR A 19 5.29 5.14 -9.07
N GLY A 20 6.48 5.49 -9.43
CA GLY A 20 7.15 6.64 -8.76
C GLY A 20 7.49 6.33 -7.31
N VAL A 21 7.56 5.08 -6.98
CA VAL A 21 7.88 4.74 -5.56
C VAL A 21 8.38 3.33 -5.42
N TRP A 22 9.36 3.17 -4.58
CA TRP A 22 9.89 1.81 -4.37
C TRP A 22 8.88 1.14 -3.51
N SER A 23 7.85 0.69 -4.14
CA SER A 23 6.76 0.02 -3.39
C SER A 23 6.83 -1.50 -3.42
N CYS A 24 6.15 -2.04 -2.49
CA CYS A 24 6.04 -3.48 -2.28
C CYS A 24 5.81 -4.28 -3.56
N GLU A 25 5.55 -5.55 -3.34
CA GLU A 25 5.29 -6.51 -4.43
C GLU A 25 3.94 -7.14 -4.13
N GLY A 26 3.64 -7.21 -2.85
CA GLY A 26 2.35 -7.81 -2.40
C GLY A 26 1.33 -6.68 -2.24
N CYS A 27 1.59 -5.76 -1.33
CA CYS A 27 0.60 -4.68 -1.17
C CYS A 27 0.47 -3.97 -2.54
N LYS A 28 1.53 -4.05 -3.33
CA LYS A 28 1.52 -3.42 -4.68
C LYS A 28 0.45 -4.10 -5.51
N ALA A 29 0.41 -5.39 -5.42
CA ALA A 29 -0.60 -6.15 -6.18
C ALA A 29 -1.97 -5.73 -5.69
N PHE A 30 -2.13 -5.79 -4.40
CA PHE A 30 -3.43 -5.40 -3.80
C PHE A 30 -3.85 -4.05 -4.35
N PHE A 31 -2.95 -3.16 -4.29
CA PHE A 31 -3.22 -1.80 -4.78
C PHE A 31 -3.69 -1.81 -6.23
N LYS A 32 -2.94 -2.47 -7.06
CA LYS A 32 -3.34 -2.50 -8.49
C LYS A 32 -4.54 -3.40 -8.66
N ARG A 33 -4.92 -4.04 -7.62
CA ARG A 33 -6.09 -4.93 -7.71
C ARG A 33 -7.38 -4.14 -7.56
N SER A 34 -7.28 -2.92 -7.02
CA SER A 34 -8.54 -2.11 -6.86
C SER A 34 -8.37 -0.60 -7.05
N ILE A 35 -7.16 -0.08 -6.82
CA ILE A 35 -6.95 1.42 -6.98
C ILE A 35 -8.25 2.19 -6.75
N GLN A 36 -8.63 3.02 -7.69
CA GLN A 36 -9.87 3.81 -7.54
C GLN A 36 -9.88 4.52 -6.17
N GLY A 37 -10.61 5.57 -6.08
CA GLY A 37 -10.64 6.30 -4.77
C GLY A 37 -11.68 5.68 -3.86
N HIS A 38 -12.92 6.00 -4.11
CA HIS A 38 -14.00 5.44 -3.28
C HIS A 38 -14.29 4.00 -3.67
N ASN A 39 -13.28 3.20 -3.66
CA ASN A 39 -13.46 1.78 -4.02
C ASN A 39 -14.11 1.03 -2.89
N ASP A 40 -14.66 -0.10 -3.20
CA ASP A 40 -15.32 -0.89 -2.14
C ASP A 40 -14.30 -1.30 -1.11
N TYR A 41 -14.57 -0.99 0.13
CA TYR A 41 -13.59 -1.36 1.19
C TYR A 41 -14.16 -1.20 2.60
N MET A 42 -13.81 -0.11 3.23
CA MET A 42 -14.29 0.14 4.61
C MET A 42 -13.81 -0.96 5.54
N CYS A 43 -13.31 -0.54 6.67
CA CYS A 43 -12.80 -1.52 7.68
C CYS A 43 -13.93 -1.87 8.70
N PRO A 44 -13.71 -2.92 9.51
CA PRO A 44 -14.71 -3.33 10.51
C PRO A 44 -14.96 -2.23 11.58
N ALA A 45 -14.75 -0.99 11.22
CA ALA A 45 -14.97 0.09 12.21
C ALA A 45 -15.18 1.36 11.49
N THR A 46 -14.62 1.42 10.35
CA THR A 46 -14.77 2.63 9.55
C THR A 46 -14.15 3.82 10.29
N ASN A 47 -13.47 3.52 11.35
CA ASN A 47 -12.82 4.59 12.15
C ASN A 47 -11.44 4.87 11.62
N GLN A 48 -10.51 4.22 12.18
CA GLN A 48 -9.10 4.41 11.76
C GLN A 48 -8.18 3.40 12.43
N CYS A 49 -7.29 2.83 11.67
CA CYS A 49 -6.34 1.82 12.22
C CYS A 49 -4.99 1.92 11.50
N THR A 50 -3.95 1.45 12.14
CA THR A 50 -2.60 1.51 11.50
C THR A 50 -2.45 0.50 10.36
N ILE A 51 -1.34 0.58 9.68
CA ILE A 51 -1.08 -0.36 8.54
C ILE A 51 0.41 -0.77 8.55
N ASP A 52 0.65 -2.05 8.44
CA ASP A 52 2.06 -2.52 8.44
C ASP A 52 2.16 -3.92 7.83
N LYS A 53 1.09 -4.66 7.95
CA LYS A 53 1.06 -6.05 7.39
C LYS A 53 1.83 -6.13 6.06
N ASN A 54 2.24 -7.33 5.71
CA ASN A 54 3.01 -7.52 4.42
C ASN A 54 2.22 -8.35 3.42
N ARG A 55 1.14 -8.96 3.86
CA ARG A 55 0.34 -9.79 2.93
C ARG A 55 -0.80 -8.99 2.34
N ARG A 56 -1.94 -9.18 2.90
CA ARG A 56 -3.16 -8.47 2.44
C ARG A 56 -4.39 -8.97 3.19
N LYS A 57 -4.26 -9.10 4.50
CA LYS A 57 -5.41 -9.60 5.31
C LYS A 57 -5.43 -8.95 6.69
N SER A 58 -5.64 -7.67 6.72
CA SER A 58 -5.68 -6.97 8.03
C SER A 58 -6.39 -5.63 7.92
N CYS A 59 -5.88 -4.79 7.04
CA CYS A 59 -6.51 -3.44 6.86
C CYS A 59 -6.57 -3.11 5.36
N GLN A 60 -7.29 -3.92 4.63
CA GLN A 60 -7.41 -3.70 3.18
C GLN A 60 -7.91 -2.29 2.87
N ALA A 61 -8.86 -1.83 3.60
CA ALA A 61 -9.38 -0.47 3.34
C ALA A 61 -8.34 0.60 3.65
N CYS A 62 -7.78 0.57 4.80
CA CYS A 62 -6.78 1.59 5.13
C CYS A 62 -5.53 1.33 4.30
N ARG A 63 -5.40 0.11 3.82
CA ARG A 63 -4.20 -0.20 3.02
C ARG A 63 -4.27 0.61 1.74
N LEU A 64 -5.40 0.52 1.08
CA LEU A 64 -5.55 1.28 -0.18
C LEU A 64 -5.25 2.74 0.08
N ARG A 65 -5.94 3.29 1.03
CA ARG A 65 -5.71 4.70 1.36
C ARG A 65 -4.25 4.94 1.66
N LYS A 66 -3.68 4.11 2.50
CA LYS A 66 -2.26 4.31 2.82
C LYS A 66 -1.46 4.13 1.54
N CYS A 67 -1.97 3.31 0.65
CA CYS A 67 -1.23 3.10 -0.60
C CYS A 67 -1.26 4.37 -1.39
N TYR A 68 -2.29 5.14 -1.19
CA TYR A 68 -2.38 6.43 -1.93
C TYR A 68 -1.60 7.49 -1.15
N GLU A 69 -1.62 7.38 0.14
CA GLU A 69 -0.90 8.37 0.98
C GLU A 69 0.56 8.38 0.58
N VAL A 70 0.95 7.29 0.09
CA VAL A 70 2.35 7.11 -0.37
C VAL A 70 2.68 8.11 -1.45
N GLY A 71 1.66 8.58 -2.04
CA GLY A 71 1.84 9.57 -3.14
C GLY A 71 2.21 8.81 -4.42
N MET A 72 1.55 7.68 -4.61
CA MET A 72 1.82 6.83 -5.83
C MET A 72 0.59 6.74 -6.71
N MET A 73 0.74 6.07 -7.81
CA MET A 73 -0.39 5.91 -8.75
C MET A 73 -0.12 4.73 -9.64
N LYS A 74 -1.11 3.87 -9.78
CA LYS A 74 -0.96 2.66 -10.65
C LYS A 74 -0.01 2.91 -11.82
N GLY A 75 -0.05 4.11 -12.33
CA GLY A 75 0.84 4.45 -13.49
C GLY A 75 0.84 5.96 -13.73
N MET A 1 20.44 0.39 -4.69
CA MET A 1 21.66 0.99 -5.27
C MET A 1 22.31 1.94 -4.26
N LYS A 2 22.72 3.09 -4.71
CA LYS A 2 23.36 4.05 -3.78
C LYS A 2 22.54 4.21 -2.51
N GLU A 3 21.26 3.94 -2.62
CA GLU A 3 20.37 4.06 -1.44
C GLU A 3 19.26 3.03 -1.49
N THR A 4 19.17 2.21 -0.47
CA THR A 4 18.12 1.17 -0.46
C THR A 4 16.76 1.75 -0.12
N ARG A 5 15.81 1.54 -0.99
CA ARG A 5 14.45 2.08 -0.72
C ARG A 5 13.64 0.99 -0.08
N TYR A 6 12.43 1.30 0.29
CA TYR A 6 11.60 0.24 0.94
C TYR A 6 10.12 0.45 0.67
N CYS A 7 9.29 -0.45 1.18
CA CYS A 7 7.85 -0.31 0.96
C CYS A 7 7.30 0.90 1.68
N ALA A 8 6.87 1.84 0.91
CA ALA A 8 6.31 3.06 1.50
C ALA A 8 4.89 2.79 1.95
N VAL A 9 4.43 1.62 1.62
CA VAL A 9 3.04 1.24 2.00
C VAL A 9 2.92 0.40 3.26
N CYS A 10 3.61 -0.73 3.31
CA CYS A 10 3.48 -1.60 4.55
C CYS A 10 4.74 -2.38 5.06
N ASN A 11 5.43 -3.11 4.20
CA ASN A 11 6.61 -3.87 4.70
C ASN A 11 7.90 -3.08 4.69
N ASP A 12 8.68 -3.31 3.69
CA ASP A 12 9.95 -2.61 3.60
C ASP A 12 10.62 -2.89 2.25
N TYR A 13 11.87 -3.34 2.28
CA TYR A 13 12.58 -3.64 1.00
C TYR A 13 11.63 -4.09 -0.10
N ALA A 14 11.24 -3.14 -0.87
CA ALA A 14 10.31 -3.41 -1.98
C ALA A 14 11.02 -4.10 -3.14
N SER A 15 10.33 -4.98 -3.80
CA SER A 15 10.93 -5.70 -4.93
C SER A 15 11.43 -4.75 -6.01
N GLY A 16 10.86 -3.57 -6.06
CA GLY A 16 11.32 -2.58 -7.09
C GLY A 16 10.24 -1.53 -7.35
N TYR A 17 10.58 -0.54 -8.13
CA TYR A 17 9.61 0.53 -8.45
C TYR A 17 8.32 -0.08 -8.98
N HIS A 18 7.29 0.73 -9.09
CA HIS A 18 6.00 0.21 -9.60
C HIS A 18 5.15 1.34 -10.18
N TYR A 19 5.28 2.52 -9.63
CA TYR A 19 4.48 3.67 -10.14
C TYR A 19 5.23 4.96 -9.88
N GLY A 20 5.52 5.18 -8.64
CA GLY A 20 6.25 6.42 -8.25
C GLY A 20 6.99 6.16 -6.96
N VAL A 21 7.04 4.90 -6.58
CA VAL A 21 7.74 4.54 -5.33
C VAL A 21 8.23 3.11 -5.35
N TRP A 22 9.01 2.79 -4.35
CA TRP A 22 9.56 1.42 -4.23
C TRP A 22 8.65 0.64 -3.30
N SER A 23 7.60 0.06 -3.87
CA SER A 23 6.64 -0.73 -3.05
C SER A 23 6.78 -2.23 -3.26
N CYS A 24 6.33 -2.95 -2.27
CA CYS A 24 6.40 -4.43 -2.34
C CYS A 24 5.34 -4.98 -3.29
N GLU A 25 5.69 -6.03 -3.98
CA GLU A 25 4.71 -6.64 -4.94
C GLU A 25 3.33 -6.80 -4.32
N GLY A 26 3.27 -7.44 -3.20
CA GLY A 26 1.95 -7.65 -2.53
C GLY A 26 1.12 -6.37 -2.55
N CYS A 27 1.76 -5.25 -2.33
CA CYS A 27 1.01 -3.96 -2.34
C CYS A 27 0.65 -3.56 -3.75
N LYS A 28 1.57 -3.67 -4.66
CA LYS A 28 1.25 -3.28 -6.05
C LYS A 28 0.06 -4.12 -6.50
N ALA A 29 0.06 -5.36 -6.11
CA ALA A 29 -1.06 -6.24 -6.51
C ALA A 29 -2.36 -5.70 -5.93
N PHE A 30 -2.41 -5.65 -4.63
CA PHE A 30 -3.63 -5.15 -3.96
C PHE A 30 -3.97 -3.78 -4.47
N PHE A 31 -2.99 -2.97 -4.50
CA PHE A 31 -3.17 -1.61 -4.97
C PHE A 31 -3.67 -1.58 -6.42
N LYS A 32 -3.08 -2.38 -7.27
CA LYS A 32 -3.53 -2.40 -8.69
C LYS A 32 -4.84 -3.14 -8.83
N ARG A 33 -5.31 -3.69 -7.74
CA ARG A 33 -6.59 -4.45 -7.78
C ARG A 33 -7.77 -3.58 -7.34
N SER A 34 -7.49 -2.46 -6.70
CA SER A 34 -8.62 -1.58 -6.24
C SER A 34 -8.33 -0.10 -6.38
N ILE A 35 -7.18 0.24 -6.91
CA ILE A 35 -6.80 1.71 -7.08
C ILE A 35 -7.96 2.67 -6.84
N GLN A 36 -8.58 3.17 -7.92
CA GLN A 36 -9.74 4.13 -7.79
C GLN A 36 -10.29 4.20 -6.39
N GLY A 37 -10.48 5.38 -5.95
CA GLY A 37 -11.03 5.57 -4.59
C GLY A 37 -12.52 5.21 -4.59
N HIS A 38 -12.78 3.94 -4.67
CA HIS A 38 -14.20 3.46 -4.68
C HIS A 38 -14.37 2.22 -3.83
N ASN A 39 -15.49 1.59 -3.98
CA ASN A 39 -15.76 0.35 -3.19
C ASN A 39 -15.78 0.69 -1.70
N ASP A 40 -16.39 -0.16 -0.93
CA ASP A 40 -16.44 0.12 0.52
C ASP A 40 -15.12 -0.19 1.14
N TYR A 41 -14.35 0.81 1.25
CA TYR A 41 -12.97 0.68 1.84
C TYR A 41 -12.87 1.52 3.10
N MET A 42 -13.25 0.98 4.21
CA MET A 42 -13.16 1.77 5.47
C MET A 42 -13.02 0.88 6.68
N CYS A 43 -12.10 1.25 7.50
CA CYS A 43 -11.84 0.48 8.75
C CYS A 43 -12.77 0.99 9.89
N PRO A 44 -12.86 0.24 10.98
CA PRO A 44 -13.71 0.65 12.10
C PRO A 44 -13.45 2.09 12.56
N ALA A 45 -12.47 2.73 11.96
CA ALA A 45 -12.17 4.12 12.36
C ALA A 45 -11.31 4.75 11.35
N THR A 46 -10.53 3.95 10.73
CA THR A 46 -9.63 4.47 9.71
C THR A 46 -8.56 5.37 10.32
N ASN A 47 -8.46 5.33 11.62
CA ASN A 47 -7.44 6.18 12.30
C ASN A 47 -7.06 5.61 13.67
N GLN A 48 -6.60 4.39 13.67
CA GLN A 48 -6.20 3.75 14.95
C GLN A 48 -5.53 2.41 14.69
N CYS A 49 -5.22 2.17 13.44
CA CYS A 49 -4.56 0.88 13.07
C CYS A 49 -3.42 1.12 12.08
N THR A 50 -2.29 0.51 12.34
CA THR A 50 -1.12 0.67 11.43
C THR A 50 -1.10 -0.41 10.37
N ILE A 51 -0.76 -0.06 9.16
CA ILE A 51 -0.73 -1.08 8.07
C ILE A 51 0.63 -1.78 8.02
N ASP A 52 0.59 -3.08 7.86
CA ASP A 52 1.85 -3.87 7.80
C ASP A 52 1.62 -5.17 7.03
N LYS A 53 1.80 -6.29 7.70
CA LYS A 53 1.59 -7.60 7.01
C LYS A 53 2.19 -7.59 5.61
N ASN A 54 1.52 -8.25 4.69
CA ASN A 54 2.04 -8.28 3.30
C ASN A 54 1.03 -8.90 2.35
N ARG A 55 -0.02 -9.49 2.91
CA ARG A 55 -1.06 -10.11 2.06
C ARG A 55 -2.25 -9.19 1.92
N ARG A 56 -3.25 -9.46 2.68
CA ARG A 56 -4.48 -8.63 2.64
C ARG A 56 -5.56 -9.21 3.57
N LYS A 57 -5.13 -9.78 4.67
CA LYS A 57 -6.11 -10.39 5.63
C LYS A 57 -6.23 -9.54 6.90
N SER A 58 -6.32 -8.26 6.73
CA SER A 58 -6.44 -7.37 7.92
C SER A 58 -6.94 -5.97 7.52
N CYS A 59 -6.02 -5.05 7.41
CA CYS A 59 -6.40 -3.67 7.03
C CYS A 59 -6.40 -3.53 5.51
N GLN A 60 -7.51 -3.86 4.91
CA GLN A 60 -7.58 -3.76 3.44
C GLN A 60 -7.84 -2.34 2.98
N ALA A 61 -8.66 -1.61 3.68
CA ALA A 61 -8.91 -0.21 3.21
C ALA A 61 -7.76 0.70 3.51
N CYS A 62 -7.19 0.59 4.68
CA CYS A 62 -6.07 1.47 4.97
C CYS A 62 -4.96 1.18 4.00
N ARG A 63 -4.92 -0.03 3.50
CA ARG A 63 -3.85 -0.36 2.54
C ARG A 63 -3.99 0.56 1.34
N LEU A 64 -5.19 0.64 0.82
CA LEU A 64 -5.42 1.51 -0.36
C LEU A 64 -5.05 2.94 -0.01
N ARG A 65 -5.77 3.49 0.92
CA ARG A 65 -5.49 4.87 1.33
C ARG A 65 -4.04 5.01 1.68
N LYS A 66 -3.49 4.02 2.31
CA LYS A 66 -2.07 4.10 2.66
C LYS A 66 -1.28 4.04 1.40
N CYS A 67 -1.80 3.31 0.43
CA CYS A 67 -1.07 3.21 -0.84
C CYS A 67 -1.13 4.54 -1.53
N TYR A 68 -2.15 5.28 -1.27
CA TYR A 68 -2.26 6.61 -1.91
C TYR A 68 -1.50 7.61 -1.06
N GLU A 69 -1.46 7.35 0.21
CA GLU A 69 -0.75 8.28 1.12
C GLU A 69 0.72 8.28 0.77
N VAL A 70 1.07 7.26 0.11
CA VAL A 70 2.48 7.07 -0.33
C VAL A 70 2.81 8.08 -1.40
N GLY A 71 2.01 8.02 -2.39
CA GLY A 71 2.17 8.94 -3.57
C GLY A 71 2.59 8.09 -4.77
N MET A 72 1.85 7.03 -5.01
CA MET A 72 2.19 6.12 -6.18
C MET A 72 1.32 6.41 -7.36
N MET A 73 0.12 6.06 -7.18
CA MET A 73 -0.91 6.24 -8.20
C MET A 73 -0.58 5.37 -9.38
N LYS A 74 -1.49 4.49 -9.68
CA LYS A 74 -1.28 3.56 -10.81
C LYS A 74 -0.52 4.21 -11.97
N GLY A 75 -0.67 5.51 -12.10
CA GLY A 75 0.04 6.22 -13.19
C GLY A 75 -0.60 5.90 -14.55
N MET A 1 16.10 10.27 3.02
CA MET A 1 17.38 10.62 3.68
C MET A 1 18.12 9.34 4.08
N LYS A 2 17.38 8.33 4.46
CA LYS A 2 18.04 7.05 4.85
C LYS A 2 18.37 6.21 3.62
N GLU A 3 19.54 5.64 3.62
CA GLU A 3 19.94 4.80 2.47
C GLU A 3 18.94 3.67 2.24
N THR A 4 18.91 3.18 1.03
CA THR A 4 17.96 2.07 0.69
C THR A 4 16.53 2.46 0.97
N ARG A 5 15.68 2.30 -0.02
CA ARG A 5 14.25 2.65 0.17
C ARG A 5 13.50 1.40 0.54
N TYR A 6 12.24 1.55 0.81
CA TYR A 6 11.44 0.34 1.19
C TYR A 6 9.94 0.52 0.88
N CYS A 7 9.17 -0.55 1.07
CA CYS A 7 7.72 -0.45 0.79
C CYS A 7 7.14 0.81 1.39
N ALA A 8 6.59 1.62 0.55
CA ALA A 8 6.01 2.89 1.02
C ALA A 8 4.75 2.64 1.85
N VAL A 9 4.36 1.38 2.01
CA VAL A 9 3.10 1.12 2.83
C VAL A 9 3.15 0.00 3.89
N CYS A 10 3.51 -1.22 3.51
CA CYS A 10 3.54 -2.34 4.55
C CYS A 10 4.81 -3.22 4.71
N ASN A 11 5.38 -3.75 3.64
CA ASN A 11 6.56 -4.58 3.84
C ASN A 11 7.81 -3.79 4.07
N ASP A 12 8.64 -3.77 3.11
CA ASP A 12 9.89 -3.03 3.23
C ASP A 12 10.65 -3.08 1.90
N TYR A 13 11.91 -3.45 1.95
CA TYR A 13 12.71 -3.51 0.68
C TYR A 13 11.86 -4.01 -0.47
N ALA A 14 11.43 -3.10 -1.25
CA ALA A 14 10.58 -3.44 -2.41
C ALA A 14 11.38 -4.16 -3.48
N SER A 15 10.74 -5.08 -4.17
CA SER A 15 11.46 -5.83 -5.24
C SER A 15 12.34 -4.89 -6.08
N GLY A 16 11.86 -3.68 -6.30
CA GLY A 16 12.69 -2.71 -7.12
C GLY A 16 11.82 -1.86 -8.04
N TYR A 17 11.07 -0.97 -7.46
CA TYR A 17 10.18 -0.08 -8.26
C TYR A 17 9.26 -0.86 -9.23
N HIS A 18 8.01 -0.52 -9.22
CA HIS A 18 7.04 -1.20 -10.12
C HIS A 18 5.95 -0.24 -10.53
N TYR A 19 5.77 0.74 -9.70
CA TYR A 19 4.75 1.78 -9.94
C TYR A 19 5.45 3.16 -10.10
N GLY A 20 5.68 3.79 -8.97
CA GLY A 20 6.34 5.12 -8.94
C GLY A 20 7.04 5.30 -7.58
N VAL A 21 7.08 4.22 -6.83
CA VAL A 21 7.73 4.25 -5.48
C VAL A 21 8.28 2.87 -5.19
N TRP A 22 9.18 2.80 -4.29
CA TRP A 22 9.74 1.49 -3.96
C TRP A 22 8.67 0.72 -3.20
N SER A 23 7.69 0.23 -3.93
CA SER A 23 6.57 -0.53 -3.30
C SER A 23 6.73 -2.02 -3.49
N CYS A 24 6.29 -2.76 -2.53
CA CYS A 24 6.41 -4.23 -2.63
C CYS A 24 5.40 -4.79 -3.62
N GLU A 25 5.80 -5.79 -4.36
CA GLU A 25 4.87 -6.39 -5.36
C GLU A 25 3.47 -6.56 -4.79
N GLY A 26 3.39 -7.14 -3.63
CA GLY A 26 2.06 -7.35 -3.00
C GLY A 26 1.27 -6.04 -2.97
N CYS A 27 1.92 -4.97 -2.62
CA CYS A 27 1.21 -3.67 -2.56
C CYS A 27 0.80 -3.22 -3.97
N LYS A 28 1.65 -3.44 -4.91
CA LYS A 28 1.31 -3.04 -6.30
C LYS A 28 0.08 -3.81 -6.73
N ALA A 29 0.05 -5.08 -6.40
CA ALA A 29 -1.11 -5.91 -6.78
C ALA A 29 -2.36 -5.48 -6.01
N PHE A 30 -2.20 -5.35 -4.73
CA PHE A 30 -3.35 -4.94 -3.88
C PHE A 30 -3.84 -3.59 -4.30
N PHE A 31 -2.93 -2.70 -4.45
CA PHE A 31 -3.31 -1.35 -4.87
C PHE A 31 -3.95 -1.34 -6.24
N LYS A 32 -3.50 -2.17 -7.13
CA LYS A 32 -4.12 -2.17 -8.48
C LYS A 32 -5.47 -2.85 -8.38
N ARG A 33 -5.75 -3.37 -7.23
CA ARG A 33 -7.03 -4.04 -7.06
C ARG A 33 -8.15 -3.04 -7.17
N SER A 34 -7.85 -1.77 -6.94
CA SER A 34 -8.96 -0.75 -7.04
C SER A 34 -8.53 0.67 -7.41
N ILE A 35 -7.41 1.11 -6.91
CA ILE A 35 -6.95 2.51 -7.23
C ILE A 35 -8.12 3.51 -7.16
N GLN A 36 -7.79 4.77 -7.23
CA GLN A 36 -8.83 5.83 -7.17
C GLN A 36 -9.59 5.73 -5.85
N GLY A 37 -9.89 6.86 -5.31
CA GLY A 37 -10.64 6.85 -4.02
C GLY A 37 -11.94 6.10 -4.16
N HIS A 38 -12.74 6.56 -5.05
CA HIS A 38 -14.05 5.91 -5.30
C HIS A 38 -13.93 4.38 -5.32
N ASN A 39 -14.21 3.78 -4.20
CA ASN A 39 -14.12 2.29 -4.11
C ASN A 39 -14.60 1.82 -2.75
N ASP A 40 -15.38 0.77 -2.73
CA ASP A 40 -15.87 0.27 -1.42
C ASP A 40 -14.74 -0.35 -0.65
N TYR A 41 -14.29 0.36 0.30
CA TYR A 41 -13.16 -0.13 1.15
C TYR A 41 -13.48 0.18 2.63
N MET A 42 -13.29 -0.81 3.48
CA MET A 42 -13.59 -0.62 4.93
C MET A 42 -12.72 0.45 5.63
N CYS A 43 -12.58 0.25 6.91
CA CYS A 43 -11.77 1.16 7.79
C CYS A 43 -11.71 2.62 7.25
N PRO A 44 -12.84 3.31 7.30
CA PRO A 44 -12.91 4.67 6.82
C PRO A 44 -12.19 5.63 7.78
N ALA A 45 -11.14 5.14 8.41
CA ALA A 45 -10.39 6.01 9.36
C ALA A 45 -9.04 5.47 9.55
N THR A 46 -8.92 4.20 9.41
CA THR A 46 -7.61 3.55 9.58
C THR A 46 -7.24 3.42 11.08
N ASN A 47 -8.26 3.23 11.90
CA ASN A 47 -8.02 3.08 13.38
C ASN A 47 -8.68 1.82 13.93
N GLN A 48 -8.31 0.70 13.37
CA GLN A 48 -8.90 -0.58 13.85
C GLN A 48 -7.92 -1.75 13.63
N CYS A 49 -7.87 -2.22 12.43
CA CYS A 49 -6.95 -3.35 12.11
C CYS A 49 -5.49 -2.86 12.03
N THR A 50 -4.58 -3.75 11.69
CA THR A 50 -3.12 -3.34 11.59
C THR A 50 -2.46 -3.77 10.26
N ILE A 51 -1.77 -2.83 9.63
CA ILE A 51 -1.08 -3.11 8.32
C ILE A 51 0.44 -3.08 8.52
N ASP A 52 1.09 -4.14 8.13
CA ASP A 52 2.57 -4.19 8.29
C ASP A 52 3.15 -5.46 7.65
N LYS A 53 3.74 -6.31 8.47
CA LYS A 53 4.33 -7.57 7.93
C LYS A 53 3.41 -8.75 8.18
N ASN A 54 2.49 -8.99 7.25
CA ASN A 54 1.55 -10.12 7.42
C ASN A 54 1.15 -10.70 6.07
N ARG A 55 0.10 -10.16 5.51
CA ARG A 55 -0.36 -10.68 4.19
C ARG A 55 -1.18 -9.62 3.47
N ARG A 56 -2.42 -9.71 3.66
CA ARG A 56 -3.37 -8.75 3.03
C ARG A 56 -4.79 -9.02 3.49
N LYS A 57 -4.99 -9.05 4.80
CA LYS A 57 -6.36 -9.32 5.33
C LYS A 57 -6.57 -8.59 6.67
N SER A 58 -5.70 -7.67 6.97
CA SER A 58 -5.83 -6.90 8.25
C SER A 58 -6.40 -5.51 7.96
N CYS A 59 -5.56 -4.51 7.96
CA CYS A 59 -6.05 -3.13 7.69
C CYS A 59 -6.03 -2.93 6.17
N GLN A 60 -6.67 -3.88 5.50
CA GLN A 60 -6.74 -3.84 4.02
C GLN A 60 -7.39 -2.56 3.55
N ALA A 61 -8.54 -2.23 4.09
CA ALA A 61 -9.21 -0.97 3.63
C ALA A 61 -8.60 0.18 4.31
N CYS A 62 -7.36 0.10 4.36
CA CYS A 62 -6.55 1.11 4.98
C CYS A 62 -5.25 1.10 4.22
N ARG A 63 -4.85 -0.10 3.75
CA ARG A 63 -3.60 -0.20 2.98
C ARG A 63 -3.77 0.74 1.82
N LEU A 64 -4.98 0.67 1.27
CA LEU A 64 -5.35 1.50 0.11
C LEU A 64 -5.17 2.96 0.48
N ARG A 65 -5.90 3.38 1.47
CA ARG A 65 -5.80 4.78 1.90
C ARG A 65 -4.35 5.11 2.13
N LYS A 66 -3.62 4.15 2.62
CA LYS A 66 -2.21 4.38 2.87
C LYS A 66 -1.50 4.30 1.55
N CYS A 67 -2.10 3.59 0.61
CA CYS A 67 -1.46 3.47 -0.71
C CYS A 67 -1.53 4.80 -1.41
N TYR A 68 -2.64 5.47 -1.26
CA TYR A 68 -2.74 6.77 -1.93
C TYR A 68 -1.86 7.75 -1.18
N GLU A 69 -1.69 7.49 0.09
CA GLU A 69 -0.84 8.39 0.90
C GLU A 69 0.53 8.42 0.31
N VAL A 70 0.85 7.34 -0.30
CA VAL A 70 2.19 7.21 -0.95
C VAL A 70 2.25 8.10 -2.12
N GLY A 71 1.09 8.50 -2.54
CA GLY A 71 1.02 9.39 -3.70
C GLY A 71 1.63 8.63 -4.86
N MET A 72 1.29 7.35 -4.94
CA MET A 72 1.85 6.53 -6.05
C MET A 72 1.10 6.70 -7.31
N MET A 73 -0.15 6.54 -7.18
CA MET A 73 -1.06 6.66 -8.33
C MET A 73 -0.68 5.62 -9.34
N LYS A 74 -1.63 4.82 -9.71
CA LYS A 74 -1.34 3.74 -10.70
C LYS A 74 -0.32 4.18 -11.75
N GLY A 75 -0.50 5.36 -12.25
CA GLY A 75 0.45 5.87 -13.27
C GLY A 75 0.23 7.38 -13.49
N MET A 1 21.32 9.32 -1.79
CA MET A 1 22.76 9.01 -1.68
C MET A 1 22.96 7.49 -1.70
N LYS A 2 23.89 7.02 -0.90
CA LYS A 2 24.15 5.55 -0.85
C LYS A 2 23.26 4.89 0.19
N GLU A 3 22.07 4.50 -0.21
CA GLU A 3 21.14 3.85 0.75
C GLU A 3 20.11 3.00 0.02
N THR A 4 19.64 1.98 0.68
CA THR A 4 18.62 1.09 0.07
C THR A 4 17.21 1.64 0.32
N ARG A 5 16.34 1.45 -0.64
CA ARG A 5 14.93 1.96 -0.47
C ARG A 5 14.06 0.83 0.07
N TYR A 6 12.87 1.15 0.46
CA TYR A 6 11.98 0.08 1.00
C TYR A 6 10.52 0.37 0.67
N CYS A 7 9.61 -0.48 1.12
CA CYS A 7 8.20 -0.19 0.80
C CYS A 7 7.82 1.12 1.40
N ALA A 8 7.08 1.87 0.67
CA ALA A 8 6.66 3.18 1.18
C ALA A 8 6.22 3.13 2.65
N VAL A 9 5.51 2.09 3.05
CA VAL A 9 5.07 2.04 4.49
C VAL A 9 4.68 0.61 4.96
N CYS A 10 4.02 -0.10 4.12
CA CYS A 10 3.58 -1.49 4.50
C CYS A 10 4.70 -2.38 5.09
N ASN A 11 5.58 -2.91 4.26
CA ASN A 11 6.66 -3.79 4.82
C ASN A 11 8.03 -3.14 4.80
N ASP A 12 8.77 -3.38 3.75
CA ASP A 12 10.10 -2.78 3.67
C ASP A 12 10.74 -3.06 2.31
N TYR A 13 11.98 -3.54 2.33
CA TYR A 13 12.70 -3.84 1.05
C TYR A 13 11.75 -4.18 -0.09
N ALA A 14 11.44 -3.19 -0.83
CA ALA A 14 10.52 -3.38 -1.98
C ALA A 14 11.26 -4.06 -3.14
N SER A 15 10.56 -4.92 -3.83
CA SER A 15 11.20 -5.63 -4.97
C SER A 15 11.76 -4.63 -5.98
N GLY A 16 11.19 -3.45 -6.00
CA GLY A 16 11.68 -2.42 -6.97
C GLY A 16 10.58 -1.42 -7.30
N TYR A 17 10.79 -0.66 -8.34
CA TYR A 17 9.77 0.35 -8.77
C TYR A 17 8.69 -0.30 -9.66
N HIS A 18 7.46 -0.05 -9.31
CA HIS A 18 6.32 -0.62 -10.11
C HIS A 18 5.33 0.47 -10.46
N TYR A 19 4.86 1.11 -9.44
CA TYR A 19 3.88 2.21 -9.61
C TYR A 19 4.63 3.53 -9.82
N GLY A 20 5.26 3.95 -8.76
CA GLY A 20 6.04 5.21 -8.79
C GLY A 20 6.75 5.35 -7.45
N VAL A 21 6.87 4.24 -6.78
CA VAL A 21 7.53 4.20 -5.46
C VAL A 21 8.20 2.85 -5.26
N TRP A 22 9.21 2.83 -4.45
CA TRP A 22 9.89 1.53 -4.22
C TRP A 22 8.97 0.72 -3.35
N SER A 23 7.96 0.15 -3.98
CA SER A 23 6.97 -0.69 -3.22
C SER A 23 7.16 -2.17 -3.46
N CYS A 24 6.71 -2.94 -2.51
CA CYS A 24 6.84 -4.41 -2.64
C CYS A 24 5.90 -4.95 -3.71
N GLU A 25 5.81 -6.26 -3.81
CA GLU A 25 4.91 -6.87 -4.83
C GLU A 25 3.45 -6.86 -4.40
N GLY A 26 3.17 -7.53 -3.32
CA GLY A 26 1.75 -7.57 -2.82
C GLY A 26 1.11 -6.19 -2.92
N CYS A 27 1.83 -5.19 -2.49
CA CYS A 27 1.26 -3.82 -2.56
C CYS A 27 0.89 -3.48 -3.98
N LYS A 28 1.68 -3.97 -4.90
CA LYS A 28 1.38 -3.69 -6.31
C LYS A 28 0.10 -4.38 -6.74
N ALA A 29 0.07 -5.67 -6.55
CA ALA A 29 -1.14 -6.43 -6.94
C ALA A 29 -2.35 -5.96 -6.14
N PHE A 30 -2.10 -5.51 -4.96
CA PHE A 30 -3.20 -5.03 -4.11
C PHE A 30 -3.66 -3.67 -4.55
N PHE A 31 -2.72 -2.83 -4.78
CA PHE A 31 -3.05 -1.47 -5.23
C PHE A 31 -3.66 -1.48 -6.63
N LYS A 32 -3.15 -2.32 -7.49
CA LYS A 32 -3.72 -2.36 -8.87
C LYS A 32 -5.09 -3.03 -8.83
N ARG A 33 -5.45 -3.53 -7.69
CA ARG A 33 -6.76 -4.21 -7.55
C ARG A 33 -7.92 -3.19 -7.39
N SER A 34 -7.64 -2.03 -6.85
CA SER A 34 -8.76 -1.03 -6.69
C SER A 34 -8.34 0.41 -6.74
N ILE A 35 -7.36 0.70 -7.49
CA ILE A 35 -6.89 2.14 -7.58
C ILE A 35 -8.08 3.12 -7.53
N GLN A 36 -7.80 4.36 -7.22
CA GLN A 36 -8.87 5.38 -7.14
C GLN A 36 -9.77 5.09 -5.95
N GLY A 37 -10.18 6.12 -5.30
CA GLY A 37 -11.05 5.94 -4.11
C GLY A 37 -12.25 5.07 -4.44
N HIS A 38 -12.93 5.48 -5.43
CA HIS A 38 -14.14 4.71 -5.87
C HIS A 38 -13.94 3.19 -5.80
N ASN A 39 -14.27 2.62 -4.67
CA ASN A 39 -14.11 1.15 -4.49
C ASN A 39 -14.62 0.72 -3.11
N ASP A 40 -15.42 -0.32 -3.08
CA ASP A 40 -15.94 -0.77 -1.76
C ASP A 40 -14.80 -1.39 -1.03
N TYR A 41 -14.42 -0.77 0.04
CA TYR A 41 -13.27 -1.33 0.84
C TYR A 41 -13.60 -1.49 2.33
N MET A 42 -12.55 -1.59 3.15
CA MET A 42 -12.76 -1.77 4.63
C MET A 42 -12.96 -0.48 5.44
N CYS A 43 -12.84 -0.69 6.74
CA CYS A 43 -13.00 0.40 7.75
C CYS A 43 -14.37 1.15 7.56
N PRO A 44 -15.01 1.56 8.68
CA PRO A 44 -16.31 2.27 8.61
C PRO A 44 -16.27 3.62 7.86
N ALA A 45 -15.25 3.89 7.11
CA ALA A 45 -15.24 5.19 6.39
C ALA A 45 -14.20 5.19 5.36
N THR A 46 -13.19 4.47 5.62
CA THR A 46 -12.11 4.40 4.65
C THR A 46 -11.61 5.82 4.30
N ASN A 47 -12.11 6.78 5.01
CA ASN A 47 -11.68 8.20 4.75
C ASN A 47 -10.50 8.57 5.60
N GLN A 48 -10.09 7.65 6.40
CA GLN A 48 -8.93 7.89 7.29
C GLN A 48 -8.59 6.64 8.08
N CYS A 49 -7.56 5.97 7.67
CA CYS A 49 -7.17 4.74 8.38
C CYS A 49 -5.80 4.25 7.90
N THR A 50 -4.90 4.02 8.84
CA THR A 50 -3.52 3.53 8.48
C THR A 50 -3.33 2.06 8.78
N ILE A 51 -2.32 1.48 8.16
CA ILE A 51 -2.03 0.02 8.37
C ILE A 51 -0.85 -0.15 9.34
N ASP A 52 -0.54 -1.38 9.63
CA ASP A 52 0.60 -1.67 10.57
C ASP A 52 1.83 -2.10 9.78
N LYS A 53 1.94 -3.38 9.55
CA LYS A 53 3.11 -3.89 8.79
C LYS A 53 2.97 -5.38 8.54
N ASN A 54 1.74 -5.84 8.50
CA ASN A 54 1.52 -7.29 8.25
C ASN A 54 1.62 -7.61 6.76
N ARG A 55 0.57 -7.33 6.04
CA ARG A 55 0.57 -7.61 4.58
C ARG A 55 -0.73 -7.16 3.95
N ARG A 56 -1.70 -7.97 4.09
CA ARG A 56 -3.04 -7.67 3.53
C ARG A 56 -4.13 -8.43 4.28
N LYS A 57 -3.88 -8.68 5.55
CA LYS A 57 -4.89 -9.42 6.40
C LYS A 57 -5.43 -8.55 7.53
N SER A 58 -5.14 -7.29 7.44
CA SER A 58 -5.63 -6.35 8.51
C SER A 58 -6.83 -5.59 7.99
N CYS A 59 -6.57 -4.65 7.12
CA CYS A 59 -7.68 -3.85 6.54
C CYS A 59 -7.30 -3.40 5.15
N GLN A 60 -8.09 -3.74 4.20
CA GLN A 60 -7.75 -3.32 2.84
C GLN A 60 -7.96 -1.82 2.70
N ALA A 61 -8.78 -1.27 3.56
CA ALA A 61 -9.05 0.20 3.50
C ALA A 61 -7.90 0.99 4.12
N CYS A 62 -7.02 0.30 4.83
CA CYS A 62 -5.86 1.01 5.47
C CYS A 62 -4.69 0.94 4.51
N ARG A 63 -4.48 -0.23 3.95
CA ARG A 63 -3.37 -0.37 3.00
C ARG A 63 -3.66 0.51 1.82
N LEU A 64 -4.87 0.38 1.32
CA LEU A 64 -5.28 1.20 0.15
C LEU A 64 -5.19 2.67 0.49
N ARG A 65 -5.87 3.05 1.52
CA ARG A 65 -5.83 4.47 1.90
C ARG A 65 -4.40 4.90 2.02
N LYS A 66 -3.59 4.03 2.52
CA LYS A 66 -2.19 4.38 2.66
C LYS A 66 -1.60 4.42 1.27
N CYS A 67 -2.00 3.46 0.45
CA CYS A 67 -1.48 3.41 -0.92
C CYS A 67 -1.72 4.71 -1.60
N TYR A 68 -2.85 5.30 -1.37
CA TYR A 68 -3.10 6.59 -2.04
C TYR A 68 -2.28 7.63 -1.33
N GLU A 69 -2.02 7.37 -0.08
CA GLU A 69 -1.22 8.33 0.71
C GLU A 69 0.23 8.22 0.27
N VAL A 70 0.54 7.07 -0.20
CA VAL A 70 1.93 6.82 -0.67
C VAL A 70 2.19 7.77 -1.78
N GLY A 71 1.14 8.27 -2.29
CA GLY A 71 1.24 9.23 -3.41
C GLY A 71 1.60 8.43 -4.64
N MET A 72 0.96 7.29 -4.77
CA MET A 72 1.23 6.41 -5.94
C MET A 72 0.50 6.88 -7.16
N MET A 73 -0.74 6.56 -7.11
CA MET A 73 -1.64 6.90 -8.18
C MET A 73 -1.16 6.18 -9.39
N LYS A 74 -1.93 5.25 -9.80
CA LYS A 74 -1.55 4.47 -10.99
C LYS A 74 -0.97 5.37 -12.09
N GLY A 75 -1.64 6.45 -12.36
CA GLY A 75 -1.15 7.37 -13.42
C GLY A 75 -0.03 8.27 -12.87
N MET A 1 26.09 -0.39 0.24
CA MET A 1 26.81 0.82 0.71
C MET A 1 25.86 1.75 1.44
N LYS A 2 24.68 1.91 0.89
CA LYS A 2 23.68 2.80 1.54
C LYS A 2 22.34 2.72 0.80
N GLU A 3 22.27 1.86 -0.17
CA GLU A 3 21.02 1.72 -0.95
C GLU A 3 20.02 0.83 -0.25
N THR A 4 18.98 0.50 -0.97
CA THR A 4 17.87 -0.39 -0.45
C THR A 4 16.71 0.43 0.08
N ARG A 5 15.60 0.32 -0.62
CA ARG A 5 14.38 1.08 -0.21
C ARG A 5 13.29 0.10 0.04
N TYR A 6 12.35 0.51 0.82
CA TYR A 6 11.20 -0.39 1.17
C TYR A 6 9.87 0.22 0.75
N CYS A 7 8.82 -0.52 0.97
CA CYS A 7 7.49 -0.03 0.60
C CYS A 7 7.24 1.37 1.14
N ALA A 8 6.34 2.06 0.51
CA ALA A 8 6.03 3.43 0.97
C ALA A 8 5.36 3.45 2.36
N VAL A 9 4.74 2.35 2.77
CA VAL A 9 4.07 2.35 4.12
C VAL A 9 4.17 1.00 4.84
N CYS A 10 3.55 -0.01 4.29
CA CYS A 10 3.61 -1.34 4.94
C CYS A 10 5.03 -1.68 5.42
N ASN A 11 6.02 -1.02 4.83
CA ASN A 11 7.44 -1.26 5.23
C ASN A 11 7.92 -2.65 4.86
N ASP A 12 8.34 -2.77 3.64
CA ASP A 12 8.85 -4.09 3.15
C ASP A 12 9.84 -3.85 2.02
N TYR A 13 10.84 -4.68 1.94
CA TYR A 13 11.83 -4.46 0.86
C TYR A 13 11.13 -4.55 -0.48
N ALA A 14 11.09 -3.43 -1.16
CA ALA A 14 10.42 -3.41 -2.48
C ALA A 14 11.33 -3.94 -3.57
N SER A 15 10.77 -4.71 -4.45
CA SER A 15 11.59 -5.29 -5.55
C SER A 15 12.14 -4.19 -6.44
N GLY A 16 11.54 -3.02 -6.38
CA GLY A 16 12.03 -1.89 -7.22
C GLY A 16 10.92 -0.86 -7.46
N TYR A 17 11.12 -0.04 -8.46
CA TYR A 17 10.10 1.01 -8.78
C TYR A 17 9.05 0.45 -9.76
N HIS A 18 7.83 0.34 -9.27
CA HIS A 18 6.73 -0.20 -10.15
C HIS A 18 5.47 0.65 -9.96
N TYR A 19 5.62 1.73 -9.23
CA TYR A 19 4.45 2.62 -8.99
C TYR A 19 4.93 4.04 -8.71
N GLY A 20 6.14 4.34 -9.13
CA GLY A 20 6.67 5.71 -8.90
C GLY A 20 7.23 5.75 -7.47
N VAL A 21 7.19 4.61 -6.84
CA VAL A 21 7.69 4.49 -5.45
C VAL A 21 8.22 3.10 -5.22
N TRP A 22 9.23 2.99 -4.43
CA TRP A 22 9.77 1.63 -4.18
C TRP A 22 8.69 0.87 -3.40
N SER A 23 7.72 0.36 -4.13
CA SER A 23 6.60 -0.39 -3.47
C SER A 23 6.81 -1.89 -3.49
N CYS A 24 6.19 -2.57 -2.55
CA CYS A 24 6.34 -4.05 -2.50
C CYS A 24 5.32 -4.75 -3.40
N GLU A 25 5.73 -5.86 -3.95
CA GLU A 25 4.82 -6.63 -4.85
C GLU A 25 3.43 -6.80 -4.27
N GLY A 26 3.36 -7.16 -3.03
CA GLY A 26 2.01 -7.34 -2.41
C GLY A 26 1.17 -6.09 -2.56
N CYS A 27 1.60 -5.02 -1.96
CA CYS A 27 0.82 -3.77 -2.07
C CYS A 27 0.60 -3.43 -3.54
N LYS A 28 1.59 -3.65 -4.34
CA LYS A 28 1.42 -3.34 -5.78
C LYS A 28 0.24 -4.13 -6.33
N ALA A 29 0.21 -5.40 -6.02
CA ALA A 29 -0.89 -6.25 -6.52
C ALA A 29 -2.23 -5.74 -5.98
N PHE A 30 -2.29 -5.62 -4.70
CA PHE A 30 -3.53 -5.13 -4.06
C PHE A 30 -3.91 -3.78 -4.58
N PHE A 31 -2.94 -2.94 -4.64
CA PHE A 31 -3.17 -1.59 -5.14
C PHE A 31 -3.65 -1.58 -6.59
N LYS A 32 -3.12 -2.46 -7.40
CA LYS A 32 -3.55 -2.49 -8.84
C LYS A 32 -5.00 -2.91 -8.97
N ARG A 33 -5.44 -3.74 -8.08
CA ARG A 33 -6.85 -4.20 -8.13
C ARG A 33 -7.75 -3.26 -7.37
N SER A 34 -7.14 -2.33 -6.66
CA SER A 34 -7.94 -1.35 -5.86
C SER A 34 -7.71 0.13 -6.24
N ILE A 35 -6.89 0.39 -7.23
CA ILE A 35 -6.66 1.85 -7.59
C ILE A 35 -7.96 2.65 -7.61
N GLN A 36 -9.07 1.97 -7.60
CA GLN A 36 -10.32 2.74 -7.60
C GLN A 36 -10.43 3.45 -6.27
N GLY A 37 -10.98 4.61 -6.29
CA GLY A 37 -11.13 5.38 -5.01
C GLY A 37 -12.53 5.16 -4.45
N HIS A 38 -13.48 5.78 -5.08
CA HIS A 38 -14.88 5.65 -4.64
C HIS A 38 -15.34 4.18 -4.69
N ASN A 39 -14.93 3.43 -3.72
CA ASN A 39 -15.31 1.99 -3.67
C ASN A 39 -15.59 1.56 -2.24
N ASP A 40 -16.34 0.50 -2.09
CA ASP A 40 -16.64 0.05 -0.71
C ASP A 40 -15.47 -0.70 -0.15
N TYR A 41 -14.78 -0.03 0.70
CA TYR A 41 -13.57 -0.63 1.34
C TYR A 41 -13.71 -0.64 2.86
N MET A 42 -13.09 -1.59 3.47
CA MET A 42 -13.15 -1.69 4.94
C MET A 42 -12.73 -0.38 5.60
N CYS A 43 -12.50 -0.46 6.87
CA CYS A 43 -12.07 0.74 7.67
C CYS A 43 -12.74 2.03 7.16
N PRO A 44 -14.06 2.11 7.30
CA PRO A 44 -14.79 3.29 6.84
C PRO A 44 -14.41 4.52 7.68
N ALA A 45 -13.32 5.13 7.31
CA ALA A 45 -12.86 6.32 8.06
C ALA A 45 -11.75 6.94 7.33
N THR A 46 -11.08 6.14 6.58
CA THR A 46 -9.96 6.66 5.81
C THR A 46 -8.92 7.24 6.75
N ASN A 47 -9.11 6.99 8.02
CA ASN A 47 -8.15 7.50 9.03
C ASN A 47 -8.35 6.78 10.35
N GLN A 48 -8.11 5.50 10.35
CA GLN A 48 -8.27 4.70 11.61
C GLN A 48 -7.34 3.50 11.60
N CYS A 49 -7.08 2.97 12.76
CA CYS A 49 -6.18 1.78 12.85
C CYS A 49 -4.90 2.03 12.05
N THR A 50 -4.01 1.08 12.08
CA THR A 50 -2.73 1.23 11.32
C THR A 50 -2.22 -0.13 10.84
N ILE A 51 -1.71 -0.16 9.63
CA ILE A 51 -1.18 -1.45 9.07
C ILE A 51 0.35 -1.49 9.14
N ASP A 52 0.90 -2.65 8.87
CA ASP A 52 2.37 -2.78 8.92
C ASP A 52 2.83 -3.97 8.07
N LYS A 53 3.72 -4.77 8.61
CA LYS A 53 4.21 -5.95 7.85
C LYS A 53 3.21 -7.10 7.93
N ASN A 54 2.64 -7.45 6.80
CA ASN A 54 1.66 -8.56 6.79
C ASN A 54 1.60 -9.21 5.41
N ARG A 55 0.73 -8.70 4.58
CA ARG A 55 0.59 -9.25 3.20
C ARG A 55 -0.55 -8.57 2.49
N ARG A 56 -1.70 -9.04 2.76
CA ARG A 56 -2.92 -8.46 2.14
C ARG A 56 -4.17 -9.12 2.70
N LYS A 57 -4.16 -9.36 3.99
CA LYS A 57 -5.35 -10.01 4.64
C LYS A 57 -5.56 -9.46 6.05
N SER A 58 -5.84 -8.19 6.12
CA SER A 58 -6.07 -7.56 7.44
C SER A 58 -6.69 -6.17 7.26
N CYS A 59 -5.89 -5.15 7.47
CA CYS A 59 -6.43 -3.76 7.32
C CYS A 59 -6.41 -3.41 5.83
N GLN A 60 -6.95 -4.30 5.07
CA GLN A 60 -7.01 -4.12 3.59
C GLN A 60 -7.47 -2.72 3.18
N ALA A 61 -8.45 -2.20 3.85
CA ALA A 61 -8.90 -0.84 3.46
C ALA A 61 -7.90 0.24 3.78
N CYS A 62 -7.21 0.13 4.87
CA CYS A 62 -6.22 1.19 5.17
C CYS A 62 -5.11 1.05 4.19
N ARG A 63 -4.89 -0.16 3.74
CA ARG A 63 -3.80 -0.38 2.77
C ARG A 63 -4.01 0.54 1.59
N LEU A 64 -5.18 0.47 1.02
CA LEU A 64 -5.49 1.33 -0.13
C LEU A 64 -5.21 2.77 0.21
N ARG A 65 -5.93 3.26 1.17
CA ARG A 65 -5.75 4.66 1.57
C ARG A 65 -4.29 4.91 1.89
N LYS A 66 -3.65 3.90 2.41
CA LYS A 66 -2.23 4.07 2.75
C LYS A 66 -1.44 3.91 1.50
N CYS A 67 -2.06 3.33 0.48
CA CYS A 67 -1.33 3.15 -0.79
C CYS A 67 -1.40 4.46 -1.55
N TYR A 68 -2.47 5.20 -1.35
CA TYR A 68 -2.59 6.51 -2.05
C TYR A 68 -1.83 7.54 -1.24
N GLU A 69 -1.84 7.39 0.07
CA GLU A 69 -1.13 8.34 0.93
C GLU A 69 0.30 8.45 0.47
N VAL A 70 0.64 7.46 -0.22
CA VAL A 70 2.01 7.36 -0.79
C VAL A 70 2.24 8.41 -1.81
N GLY A 71 1.31 8.45 -2.68
CA GLY A 71 1.33 9.42 -3.80
C GLY A 71 1.83 8.65 -5.01
N MET A 72 1.39 7.41 -5.10
CA MET A 72 1.82 6.55 -6.25
C MET A 72 0.94 6.74 -7.45
N MET A 73 -0.24 6.32 -7.28
CA MET A 73 -1.25 6.42 -8.36
C MET A 73 -0.77 5.53 -9.46
N LYS A 74 -1.62 4.64 -9.88
CA LYS A 74 -1.23 3.70 -10.97
C LYS A 74 -0.33 4.39 -12.02
N GLY A 75 -0.55 5.66 -12.20
CA GLY A 75 0.26 6.41 -13.20
C GLY A 75 -0.08 5.97 -14.62
N MET A 1 25.47 3.58 1.82
CA MET A 1 25.70 2.80 0.57
C MET A 1 24.67 3.21 -0.49
N LYS A 2 24.26 2.25 -1.27
CA LYS A 2 23.26 2.56 -2.33
C LYS A 2 21.91 2.94 -1.71
N GLU A 3 21.89 3.07 -0.41
CA GLU A 3 20.62 3.44 0.26
C GLU A 3 19.49 2.55 -0.20
N THR A 4 19.23 1.52 0.56
CA THR A 4 18.13 0.58 0.17
C THR A 4 16.77 1.18 0.50
N ARG A 5 15.86 1.09 -0.44
CA ARG A 5 14.49 1.62 -0.21
C ARG A 5 13.60 0.48 0.21
N TYR A 6 12.38 0.79 0.54
CA TYR A 6 11.45 -0.31 0.96
C TYR A 6 10.00 0.07 0.68
N CYS A 7 9.08 -0.82 1.04
CA CYS A 7 7.67 -0.51 0.79
C CYS A 7 7.38 0.84 1.38
N ALA A 8 7.10 1.76 0.51
CA ALA A 8 6.80 3.12 0.96
C ALA A 8 6.01 3.15 2.29
N VAL A 9 5.25 2.09 2.59
CA VAL A 9 4.48 2.15 3.89
C VAL A 9 3.88 0.81 4.40
N CYS A 10 3.49 -0.06 3.50
CA CYS A 10 2.85 -1.39 3.98
C CYS A 10 3.71 -2.71 3.97
N ASN A 11 5.03 -2.67 3.91
CA ASN A 11 5.73 -4.00 3.93
C ASN A 11 7.24 -3.88 4.17
N ASP A 12 8.01 -3.86 3.12
CA ASP A 12 9.49 -3.75 3.30
C ASP A 12 10.19 -3.70 1.95
N TYR A 13 11.40 -4.22 1.91
CA TYR A 13 12.18 -4.21 0.62
C TYR A 13 11.28 -4.31 -0.59
N ALA A 14 11.10 -3.20 -1.20
CA ALA A 14 10.25 -3.12 -2.40
C ALA A 14 10.89 -3.83 -3.57
N SER A 15 10.08 -4.50 -4.34
CA SER A 15 10.62 -5.23 -5.52
C SER A 15 11.24 -4.26 -6.53
N GLY A 16 10.89 -3.00 -6.44
CA GLY A 16 11.47 -2.00 -7.40
C GLY A 16 10.50 -0.84 -7.65
N TYR A 17 10.67 -0.20 -8.78
CA TYR A 17 9.78 0.96 -9.13
C TYR A 17 8.65 0.51 -10.08
N HIS A 18 7.43 0.77 -9.67
CA HIS A 18 6.26 0.38 -10.50
C HIS A 18 5.23 1.52 -10.53
N TYR A 19 5.62 2.64 -9.99
CA TYR A 19 4.70 3.82 -9.95
C TYR A 19 5.24 5.02 -9.15
N GLY A 20 6.43 5.43 -9.48
CA GLY A 20 7.02 6.60 -8.77
C GLY A 20 7.45 6.27 -7.35
N VAL A 21 7.42 5.01 -7.00
CA VAL A 21 7.86 4.67 -5.60
C VAL A 21 8.39 3.27 -5.47
N TRP A 22 9.41 3.15 -4.69
CA TRP A 22 10.01 1.81 -4.49
C TRP A 22 9.04 1.12 -3.59
N SER A 23 7.98 0.64 -4.17
CA SER A 23 6.95 -0.06 -3.37
C SER A 23 7.01 -1.57 -3.44
N CYS A 24 6.30 -2.12 -2.54
CA CYS A 24 6.18 -3.57 -2.40
C CYS A 24 5.95 -4.31 -3.72
N GLU A 25 5.70 -5.58 -3.56
CA GLU A 25 5.43 -6.49 -4.70
C GLU A 25 4.04 -7.07 -4.49
N GLY A 26 3.81 -7.49 -3.28
CA GLY A 26 2.49 -8.08 -2.94
C GLY A 26 1.48 -6.96 -2.69
N CYS A 27 1.72 -6.13 -1.70
CA CYS A 27 0.75 -5.04 -1.45
C CYS A 27 0.54 -4.26 -2.76
N LYS A 28 1.60 -4.16 -3.55
CA LYS A 28 1.47 -3.43 -4.84
C LYS A 28 0.33 -4.06 -5.61
N ALA A 29 0.21 -5.36 -5.45
CA ALA A 29 -0.86 -6.09 -6.13
C ALA A 29 -2.21 -5.62 -5.62
N PHE A 30 -2.34 -5.63 -4.32
CA PHE A 30 -3.62 -5.18 -3.71
C PHE A 30 -3.97 -3.82 -4.24
N PHE A 31 -3.01 -2.98 -4.19
CA PHE A 31 -3.22 -1.59 -4.68
C PHE A 31 -3.79 -1.59 -6.08
N LYS A 32 -3.16 -2.29 -6.97
CA LYS A 32 -3.67 -2.31 -8.36
C LYS A 32 -5.01 -2.97 -8.43
N ARG A 33 -5.17 -3.99 -7.68
CA ARG A 33 -6.46 -4.67 -7.69
C ARG A 33 -7.52 -3.73 -7.18
N SER A 34 -7.08 -2.63 -6.58
CA SER A 34 -8.06 -1.64 -6.03
C SER A 34 -8.08 -0.25 -6.71
N ILE A 35 -7.02 0.53 -6.48
CA ILE A 35 -6.93 1.93 -7.09
C ILE A 35 -8.30 2.63 -7.10
N GLN A 36 -8.28 3.86 -7.56
CA GLN A 36 -9.53 4.65 -7.62
C GLN A 36 -10.10 4.82 -6.23
N GLY A 37 -10.68 5.95 -6.00
CA GLY A 37 -11.26 6.22 -4.66
C GLY A 37 -12.58 5.49 -4.52
N HIS A 38 -13.53 5.92 -5.31
CA HIS A 38 -14.90 5.29 -5.27
C HIS A 38 -14.81 3.79 -4.99
N ASN A 39 -15.09 3.43 -3.78
CA ASN A 39 -15.03 2.00 -3.40
C ASN A 39 -15.62 1.80 -1.99
N ASP A 40 -16.17 0.63 -1.76
CA ASP A 40 -16.77 0.36 -0.41
C ASP A 40 -15.73 -0.06 0.58
N TYR A 41 -14.60 0.30 0.27
CA TYR A 41 -13.44 -0.02 1.14
C TYR A 41 -13.65 0.49 2.56
N MET A 42 -13.60 -0.41 3.50
CA MET A 42 -13.80 -0.01 4.91
C MET A 42 -13.11 -0.99 5.85
N CYS A 43 -12.54 -0.47 6.89
CA CYS A 43 -11.84 -1.34 7.86
C CYS A 43 -12.86 -2.13 8.72
N PRO A 44 -12.48 -3.32 9.20
CA PRO A 44 -13.40 -4.13 10.01
C PRO A 44 -13.80 -3.42 11.33
N ALA A 45 -13.62 -2.11 11.38
CA ALA A 45 -13.98 -1.38 12.62
C ALA A 45 -14.22 0.02 12.29
N THR A 46 -13.54 0.47 11.30
CA THR A 46 -13.71 1.84 10.89
C THR A 46 -13.52 2.79 12.08
N ASN A 47 -12.30 2.89 12.53
CA ASN A 47 -12.02 3.79 13.69
C ASN A 47 -10.59 4.32 13.65
N GLN A 48 -10.19 4.79 12.48
CA GLN A 48 -8.81 5.32 12.34
C GLN A 48 -7.78 4.25 12.69
N CYS A 49 -6.82 4.07 11.83
CA CYS A 49 -5.79 3.04 12.12
C CYS A 49 -4.68 3.06 11.06
N THR A 50 -3.45 2.99 11.53
CA THR A 50 -2.29 3.00 10.58
C THR A 50 -1.80 1.58 10.34
N ILE A 51 -1.59 1.24 9.09
CA ILE A 51 -1.10 -0.14 8.78
C ILE A 51 0.43 -0.20 8.80
N ASP A 52 0.96 -1.38 8.58
CA ASP A 52 2.44 -1.54 8.59
C ASP A 52 2.87 -2.73 7.74
N LYS A 53 2.53 -3.90 8.20
CA LYS A 53 2.90 -5.11 7.43
C LYS A 53 2.25 -6.36 8.01
N ASN A 54 1.59 -7.11 7.17
CA ASN A 54 0.92 -8.34 7.66
C ASN A 54 0.49 -9.23 6.49
N ARG A 55 -0.65 -8.94 5.91
CA ARG A 55 -1.13 -9.75 4.76
C ARG A 55 -1.92 -8.88 3.81
N ARG A 56 -3.18 -8.97 3.93
CA ARG A 56 -4.09 -8.18 3.07
C ARG A 56 -5.55 -8.46 3.42
N LYS A 57 -5.78 -8.84 4.66
CA LYS A 57 -7.19 -9.14 5.10
C LYS A 57 -7.45 -8.61 6.51
N SER A 58 -6.67 -7.64 6.91
CA SER A 58 -6.84 -7.04 8.27
C SER A 58 -7.37 -5.61 8.16
N CYS A 59 -6.65 -4.82 7.41
CA CYS A 59 -7.06 -3.39 7.21
C CYS A 59 -6.92 -3.07 5.72
N GLN A 60 -7.56 -3.89 4.95
CA GLN A 60 -7.54 -3.73 3.48
C GLN A 60 -7.81 -2.31 3.03
N ALA A 61 -8.79 -1.68 3.58
CA ALA A 61 -9.07 -0.29 3.14
C ALA A 61 -7.96 0.66 3.55
N CYS A 62 -7.45 0.50 4.72
CA CYS A 62 -6.36 1.40 5.13
C CYS A 62 -5.19 1.20 4.20
N ARG A 63 -5.07 0.00 3.68
CA ARG A 63 -3.96 -0.26 2.76
C ARG A 63 -4.11 0.64 1.57
N LEU A 64 -5.28 0.65 1.01
CA LEU A 64 -5.50 1.51 -0.16
C LEU A 64 -5.18 2.93 0.20
N ARG A 65 -5.94 3.45 1.13
CA ARG A 65 -5.71 4.84 1.57
C ARG A 65 -4.24 5.05 1.88
N LYS A 66 -3.66 4.10 2.54
CA LYS A 66 -2.24 4.25 2.87
C LYS A 66 -1.48 4.22 1.59
N CYS A 67 -1.98 3.49 0.62
CA CYS A 67 -1.27 3.44 -0.65
C CYS A 67 -1.39 4.79 -1.31
N TYR A 68 -2.53 5.38 -1.23
CA TYR A 68 -2.67 6.69 -1.86
C TYR A 68 -1.83 7.68 -1.06
N GLU A 69 -1.66 7.39 0.20
CA GLU A 69 -0.86 8.29 1.06
C GLU A 69 0.57 8.32 0.57
N VAL A 70 0.97 7.21 0.07
CA VAL A 70 2.36 7.08 -0.45
C VAL A 70 2.57 8.07 -1.56
N GLY A 71 1.52 8.29 -2.25
CA GLY A 71 1.56 9.24 -3.40
C GLY A 71 2.01 8.44 -4.62
N MET A 72 1.27 7.39 -4.91
CA MET A 72 1.60 6.51 -6.09
C MET A 72 0.61 6.74 -7.24
N MET A 73 0.51 5.73 -8.04
CA MET A 73 -0.39 5.74 -9.19
C MET A 73 -0.15 4.50 -10.00
N LYS A 74 -1.16 3.70 -10.10
CA LYS A 74 -1.06 2.43 -10.86
C LYS A 74 -0.10 2.56 -12.06
N GLY A 75 -0.20 3.65 -12.74
CA GLY A 75 0.68 3.87 -13.93
C GLY A 75 0.20 5.06 -14.74
N MET A 1 26.50 5.41 1.07
CA MET A 1 27.18 4.46 0.15
C MET A 1 26.15 3.53 -0.48
N LYS A 2 25.01 3.42 0.14
CA LYS A 2 23.96 2.54 -0.41
C LYS A 2 22.62 2.80 0.27
N GLU A 3 22.08 3.97 0.04
CA GLU A 3 20.78 4.30 0.66
C GLU A 3 19.72 3.28 0.29
N THR A 4 19.37 2.44 1.22
CA THR A 4 18.34 1.39 0.94
C THR A 4 16.94 1.90 1.26
N ARG A 5 16.06 1.80 0.30
CA ARG A 5 14.66 2.26 0.53
C ARG A 5 13.83 1.06 0.85
N TYR A 6 12.57 1.27 1.09
CA TYR A 6 11.69 0.10 1.43
C TYR A 6 10.21 0.37 1.07
N CYS A 7 9.37 -0.67 1.19
CA CYS A 7 7.94 -0.48 0.87
C CYS A 7 7.42 0.78 1.52
N ALA A 8 6.87 1.62 0.72
CA ALA A 8 6.33 2.89 1.23
C ALA A 8 5.19 2.67 2.21
N VAL A 9 4.77 1.43 2.42
CA VAL A 9 3.62 1.23 3.40
C VAL A 9 3.58 -0.03 4.29
N CYS A 10 3.71 -1.22 3.70
CA CYS A 10 3.64 -2.47 4.57
C CYS A 10 4.87 -3.39 4.73
N ASN A 11 5.46 -3.88 3.67
CA ASN A 11 6.62 -4.77 3.86
C ASN A 11 7.88 -4.02 4.15
N ASP A 12 8.72 -3.98 3.21
CA ASP A 12 9.99 -3.29 3.38
C ASP A 12 10.75 -3.30 2.06
N TYR A 13 12.01 -3.74 2.10
CA TYR A 13 12.81 -3.77 0.84
C TYR A 13 11.93 -4.16 -0.35
N ALA A 14 11.55 -3.18 -1.06
CA ALA A 14 10.69 -3.41 -2.24
C ALA A 14 11.43 -4.17 -3.31
N SER A 15 10.75 -5.08 -3.95
CA SER A 15 11.38 -5.88 -5.02
C SER A 15 11.69 -5.02 -6.25
N GLY A 16 11.17 -3.83 -6.28
CA GLY A 16 11.42 -2.95 -7.46
C GLY A 16 10.41 -1.82 -7.54
N TYR A 17 10.85 -0.68 -8.01
CA TYR A 17 9.93 0.46 -8.14
C TYR A 17 8.67 0.03 -8.89
N HIS A 18 7.72 0.92 -9.01
CA HIS A 18 6.48 0.56 -9.76
C HIS A 18 5.79 1.79 -10.34
N TYR A 19 4.78 2.27 -9.68
CA TYR A 19 4.08 3.46 -10.22
C TYR A 19 4.91 4.71 -10.00
N GLY A 20 5.57 4.75 -8.89
CA GLY A 20 6.41 5.92 -8.59
C GLY A 20 6.92 5.87 -7.18
N VAL A 21 7.38 4.69 -6.79
CA VAL A 21 7.92 4.53 -5.40
C VAL A 21 8.54 3.15 -5.22
N TRP A 22 9.33 3.01 -4.19
CA TRP A 22 9.96 1.69 -3.92
C TRP A 22 8.91 0.82 -3.23
N SER A 23 8.00 0.24 -3.98
CA SER A 23 6.93 -0.61 -3.35
C SER A 23 7.12 -2.08 -3.57
N CYS A 24 6.55 -2.81 -2.67
CA CYS A 24 6.64 -4.30 -2.74
C CYS A 24 5.65 -4.81 -3.78
N GLU A 25 5.73 -6.07 -4.09
CA GLU A 25 4.79 -6.64 -5.09
C GLU A 25 3.41 -6.83 -4.51
N GLY A 26 3.35 -7.12 -3.24
CA GLY A 26 2.02 -7.32 -2.60
C GLY A 26 1.19 -6.03 -2.63
N CYS A 27 1.82 -4.92 -2.34
CA CYS A 27 1.07 -3.64 -2.34
C CYS A 27 0.59 -3.30 -3.76
N LYS A 28 1.44 -3.48 -4.71
CA LYS A 28 1.02 -3.18 -6.10
C LYS A 28 -0.14 -4.06 -6.48
N ALA A 29 0.00 -5.33 -6.25
CA ALA A 29 -1.10 -6.26 -6.60
C ALA A 29 -2.39 -5.87 -5.89
N PHE A 30 -2.28 -5.64 -4.62
CA PHE A 30 -3.48 -5.25 -3.83
C PHE A 30 -3.99 -3.90 -4.31
N PHE A 31 -3.10 -3.01 -4.40
CA PHE A 31 -3.45 -1.65 -4.85
C PHE A 31 -4.05 -1.67 -6.24
N LYS A 32 -3.56 -2.53 -7.10
CA LYS A 32 -4.13 -2.57 -8.46
C LYS A 32 -5.46 -3.27 -8.42
N ARG A 33 -5.82 -3.73 -7.25
CA ARG A 33 -7.10 -4.43 -7.12
C ARG A 33 -8.24 -3.45 -7.22
N SER A 34 -7.98 -2.17 -6.93
CA SER A 34 -9.14 -1.19 -7.03
C SER A 34 -8.75 0.24 -7.44
N ILE A 35 -7.57 0.69 -7.08
CA ILE A 35 -7.16 2.11 -7.45
C ILE A 35 -8.38 3.05 -7.48
N GLN A 36 -9.35 2.75 -6.66
CA GLN A 36 -10.59 3.58 -6.59
C GLN A 36 -10.70 4.15 -5.18
N GLY A 37 -11.36 5.26 -5.06
CA GLY A 37 -11.49 5.86 -3.70
C GLY A 37 -12.57 5.14 -2.89
N HIS A 38 -12.24 4.79 -1.68
CA HIS A 38 -13.21 4.09 -0.81
C HIS A 38 -13.81 2.88 -1.51
N ASN A 39 -12.99 1.90 -1.82
CA ASN A 39 -13.51 0.67 -2.51
C ASN A 39 -13.63 -0.49 -1.50
N ASP A 40 -14.16 -1.59 -1.94
CA ASP A 40 -14.31 -2.74 -1.01
C ASP A 40 -13.02 -3.07 -0.28
N TYR A 41 -13.08 -2.92 1.01
CA TYR A 41 -11.88 -3.20 1.88
C TYR A 41 -12.28 -3.08 3.35
N MET A 42 -11.28 -2.96 4.23
CA MET A 42 -11.58 -2.82 5.70
C MET A 42 -10.91 -1.55 6.28
N CYS A 43 -11.75 -0.78 6.90
CA CYS A 43 -11.37 0.54 7.54
C CYS A 43 -11.67 1.73 6.60
N PRO A 44 -12.97 1.94 6.31
CA PRO A 44 -13.39 3.04 5.42
C PRO A 44 -13.25 4.42 6.10
N ALA A 45 -12.35 4.53 7.04
CA ALA A 45 -12.19 5.84 7.72
C ALA A 45 -10.90 5.88 8.40
N THR A 46 -10.45 4.74 8.74
CA THR A 46 -9.17 4.65 9.43
C THR A 46 -9.17 5.54 10.67
N ASN A 47 -9.96 5.17 11.64
CA ASN A 47 -10.02 5.97 12.90
C ASN A 47 -8.88 5.59 13.81
N GLN A 48 -8.19 4.58 13.43
CA GLN A 48 -7.04 4.10 14.24
C GLN A 48 -6.30 2.97 13.51
N CYS A 49 -6.01 1.91 14.23
CA CYS A 49 -5.30 0.75 13.62
C CYS A 49 -4.10 1.18 12.76
N THR A 50 -3.41 0.20 12.25
CA THR A 50 -2.23 0.49 11.40
C THR A 50 -1.73 -0.79 10.76
N ILE A 51 -1.44 -0.75 9.48
CA ILE A 51 -0.95 -1.97 8.80
C ILE A 51 0.55 -2.17 8.99
N ASP A 52 1.04 -3.28 8.49
CA ASP A 52 2.49 -3.56 8.63
C ASP A 52 2.87 -4.85 7.87
N LYS A 53 3.67 -5.68 8.47
CA LYS A 53 4.08 -6.94 7.79
C LYS A 53 3.08 -8.06 8.08
N ASN A 54 2.20 -8.31 7.13
CA ASN A 54 1.18 -9.38 7.32
C ASN A 54 0.92 -10.09 6.00
N ARG A 55 -0.05 -9.61 5.28
CA ARG A 55 -0.38 -10.23 3.98
C ARG A 55 -1.36 -9.39 3.21
N ARG A 56 -2.58 -9.61 3.43
CA ARG A 56 -3.65 -8.83 2.71
C ARG A 56 -5.04 -9.16 3.26
N LYS A 57 -5.11 -9.40 4.56
CA LYS A 57 -6.44 -9.74 5.17
C LYS A 57 -6.59 -9.08 6.55
N SER A 58 -6.54 -7.78 6.56
CA SER A 58 -6.69 -7.05 7.85
C SER A 58 -6.98 -5.58 7.61
N CYS A 59 -5.95 -4.78 7.61
CA CYS A 59 -6.14 -3.32 7.37
C CYS A 59 -6.05 -3.07 5.87
N GLN A 60 -6.91 -3.74 5.17
CA GLN A 60 -6.95 -3.62 3.70
C GLN A 60 -7.37 -2.23 3.23
N ALA A 61 -8.36 -1.63 3.84
CA ALA A 61 -8.76 -0.27 3.35
C ALA A 61 -7.75 0.78 3.76
N CYS A 62 -6.99 0.46 4.76
CA CYS A 62 -5.97 1.43 5.21
C CYS A 62 -4.80 1.30 4.26
N ARG A 63 -4.58 0.08 3.82
CA ARG A 63 -3.47 -0.15 2.89
C ARG A 63 -3.73 0.69 1.66
N LEU A 64 -4.93 0.60 1.15
CA LEU A 64 -5.27 1.38 -0.03
C LEU A 64 -5.03 2.84 0.25
N ARG A 65 -5.80 3.36 1.17
CA ARG A 65 -5.65 4.78 1.54
C ARG A 65 -4.21 5.13 1.69
N LYS A 66 -3.46 4.26 2.30
CA LYS A 66 -2.05 4.56 2.45
C LYS A 66 -1.46 4.61 1.07
N CYS A 67 -1.84 3.64 0.25
CA CYS A 67 -1.30 3.60 -1.12
C CYS A 67 -1.52 4.92 -1.79
N TYR A 68 -2.68 5.47 -1.65
CA TYR A 68 -2.89 6.77 -2.30
C TYR A 68 -2.04 7.78 -1.59
N GLU A 69 -1.77 7.52 -0.34
CA GLU A 69 -0.93 8.46 0.44
C GLU A 69 0.50 8.34 -0.03
N VAL A 70 0.80 7.19 -0.49
CA VAL A 70 2.18 6.92 -0.99
C VAL A 70 2.43 7.82 -2.17
N GLY A 71 1.38 8.37 -2.65
CA GLY A 71 1.50 9.27 -3.83
C GLY A 71 1.93 8.41 -5.00
N MET A 72 1.25 7.31 -5.15
CA MET A 72 1.57 6.38 -6.26
C MET A 72 0.71 6.62 -7.48
N MET A 73 -0.47 6.12 -7.34
CA MET A 73 -1.48 6.21 -8.38
C MET A 73 -1.07 5.32 -9.52
N LYS A 74 -1.92 4.39 -9.84
CA LYS A 74 -1.61 3.44 -10.95
C LYS A 74 -0.84 4.13 -12.09
N GLY A 75 -1.06 5.42 -12.23
CA GLY A 75 -0.36 6.16 -13.32
C GLY A 75 -0.99 7.54 -13.51
N MET A 1 27.05 3.17 1.82
CA MET A 1 27.04 1.92 1.02
C MET A 1 25.71 1.20 1.19
N LYS A 2 24.92 1.67 2.14
CA LYS A 2 23.61 1.02 2.36
C LYS A 2 22.69 1.20 1.16
N GLU A 3 22.48 2.45 0.79
CA GLU A 3 21.59 2.77 -0.39
C GLU A 3 20.50 1.71 -0.60
N THR A 4 19.40 1.89 0.07
CA THR A 4 18.29 0.90 -0.07
C THR A 4 16.95 1.55 0.26
N ARG A 5 16.02 1.42 -0.64
CA ARG A 5 14.67 2.01 -0.40
C ARG A 5 13.79 0.93 0.14
N TYR A 6 12.58 1.28 0.47
CA TYR A 6 11.66 0.23 1.02
C TYR A 6 10.20 0.59 0.71
N CYS A 7 9.28 -0.29 1.07
CA CYS A 7 7.87 0.04 0.79
C CYS A 7 7.54 1.36 1.39
N ALA A 8 6.84 2.16 0.65
CA ALA A 8 6.47 3.48 1.17
C ALA A 8 5.99 3.41 2.63
N VAL A 9 5.26 2.36 2.99
CA VAL A 9 4.78 2.30 4.43
C VAL A 9 4.35 0.88 4.88
N CYS A 10 3.66 0.19 4.02
CA CYS A 10 3.19 -1.19 4.38
C CYS A 10 4.29 -2.18 4.84
N ASN A 11 5.09 -2.70 3.93
CA ASN A 11 6.15 -3.66 4.36
C ASN A 11 7.51 -3.02 4.47
N ASP A 12 8.32 -3.20 3.47
CA ASP A 12 9.66 -2.62 3.49
C ASP A 12 10.39 -2.90 2.16
N TYR A 13 11.62 -3.39 2.25
CA TYR A 13 12.39 -3.70 1.00
C TYR A 13 11.50 -4.11 -0.15
N ALA A 14 11.20 -3.16 -0.96
CA ALA A 14 10.34 -3.42 -2.14
C ALA A 14 11.15 -4.07 -3.26
N SER A 15 10.56 -5.02 -3.92
CA SER A 15 11.27 -5.70 -5.03
C SER A 15 11.90 -4.69 -5.98
N GLY A 16 11.27 -3.54 -6.09
CA GLY A 16 11.83 -2.50 -7.01
C GLY A 16 10.72 -1.55 -7.47
N TYR A 17 11.12 -0.47 -8.08
CA TYR A 17 10.10 0.51 -8.56
C TYR A 17 9.06 -0.21 -9.41
N HIS A 18 7.84 -0.19 -8.94
CA HIS A 18 6.73 -0.87 -9.69
C HIS A 18 5.75 0.17 -10.18
N TYR A 19 5.36 1.03 -9.29
CA TYR A 19 4.40 2.10 -9.62
C TYR A 19 5.14 3.43 -9.73
N GLY A 20 5.16 4.14 -8.64
CA GLY A 20 5.85 5.46 -8.60
C GLY A 20 6.62 5.54 -7.29
N VAL A 21 6.86 4.38 -6.74
CA VAL A 21 7.60 4.31 -5.47
C VAL A 21 8.17 2.92 -5.27
N TRP A 22 9.18 2.83 -4.45
CA TRP A 22 9.77 1.50 -4.19
C TRP A 22 8.79 0.72 -3.34
N SER A 23 7.73 0.26 -3.97
CA SER A 23 6.69 -0.52 -3.23
C SER A 23 6.81 -2.00 -3.46
N CYS A 24 6.42 -2.74 -2.46
CA CYS A 24 6.50 -4.20 -2.57
C CYS A 24 5.48 -4.73 -3.58
N GLU A 25 5.75 -5.90 -4.09
CA GLU A 25 4.82 -6.49 -5.09
C GLU A 25 3.41 -6.59 -4.54
N GLY A 26 3.30 -7.15 -3.38
CA GLY A 26 1.95 -7.30 -2.75
C GLY A 26 1.16 -5.99 -2.86
N CYS A 27 1.84 -4.89 -2.66
CA CYS A 27 1.14 -3.59 -2.74
C CYS A 27 0.69 -3.30 -4.16
N LYS A 28 1.58 -3.43 -5.08
CA LYS A 28 1.19 -3.17 -6.48
C LYS A 28 0.01 -4.06 -6.87
N ALA A 29 0.05 -5.28 -6.45
CA ALA A 29 -1.06 -6.20 -6.79
C ALA A 29 -2.33 -5.76 -6.08
N PHE A 30 -2.23 -5.59 -4.80
CA PHE A 30 -3.42 -5.16 -4.03
C PHE A 30 -3.90 -3.83 -4.53
N PHE A 31 -2.99 -2.94 -4.63
CA PHE A 31 -3.33 -1.60 -5.10
C PHE A 31 -3.99 -1.63 -6.46
N LYS A 32 -3.46 -2.41 -7.36
CA LYS A 32 -4.11 -2.45 -8.70
C LYS A 32 -5.43 -3.17 -8.61
N ARG A 33 -5.66 -3.76 -7.49
CA ARG A 33 -6.91 -4.47 -7.33
C ARG A 33 -8.07 -3.50 -7.29
N SER A 34 -7.77 -2.23 -7.00
CA SER A 34 -8.90 -1.24 -6.95
C SER A 34 -8.54 0.20 -7.33
N ILE A 35 -7.40 0.70 -6.89
CA ILE A 35 -7.02 2.13 -7.24
C ILE A 35 -8.25 3.06 -7.15
N GLN A 36 -8.04 4.31 -7.41
CA GLN A 36 -9.16 5.30 -7.34
C GLN A 36 -9.75 5.32 -5.94
N GLY A 37 -10.13 6.46 -5.51
CA GLY A 37 -10.74 6.57 -4.16
C GLY A 37 -12.03 5.79 -4.11
N HIS A 38 -13.01 6.31 -4.79
CA HIS A 38 -14.33 5.64 -4.82
C HIS A 38 -14.21 4.13 -4.94
N ASN A 39 -14.15 3.47 -3.81
CA ASN A 39 -14.03 1.99 -3.82
C ASN A 39 -14.52 1.41 -2.50
N ASP A 40 -14.82 0.15 -2.50
CA ASP A 40 -15.32 -0.48 -1.24
C ASP A 40 -14.18 -0.82 -0.33
N TYR A 41 -14.26 -0.35 0.89
CA TYR A 41 -13.18 -0.63 1.86
C TYR A 41 -13.61 -0.27 3.28
N MET A 42 -13.24 -1.12 4.21
CA MET A 42 -13.60 -0.87 5.63
C MET A 42 -12.52 -1.45 6.54
N CYS A 43 -12.16 -0.68 7.52
CA CYS A 43 -11.12 -1.13 8.49
C CYS A 43 -11.75 -2.04 9.58
N PRO A 44 -11.20 -3.25 9.84
CA PRO A 44 -11.76 -4.13 10.87
C PRO A 44 -11.57 -3.55 12.29
N ALA A 45 -11.56 -2.25 12.39
CA ALA A 45 -11.39 -1.62 13.72
C ALA A 45 -11.95 -0.27 13.68
N THR A 46 -12.01 0.25 12.52
CA THR A 46 -12.56 1.58 12.36
C THR A 46 -11.83 2.56 13.29
N ASN A 47 -10.54 2.35 13.42
CA ASN A 47 -9.73 3.25 14.30
C ASN A 47 -8.31 3.38 13.75
N GLN A 48 -8.21 3.83 12.53
CA GLN A 48 -6.87 4.01 11.90
C GLN A 48 -6.10 2.69 11.87
N CYS A 49 -5.58 2.30 12.99
CA CYS A 49 -4.81 1.02 13.04
C CYS A 49 -3.58 1.10 12.15
N THR A 50 -2.51 0.54 12.62
CA THR A 50 -1.26 0.57 11.82
C THR A 50 -1.26 -0.54 10.77
N ILE A 51 -0.95 -0.18 9.55
CA ILE A 51 -0.93 -1.21 8.46
C ILE A 51 0.44 -1.90 8.42
N ASP A 52 0.40 -3.18 8.22
CA ASP A 52 1.65 -3.98 8.16
C ASP A 52 1.29 -5.47 8.14
N LYS A 53 0.87 -5.95 9.27
CA LYS A 53 0.49 -7.37 9.38
C LYS A 53 1.46 -8.30 8.64
N ASN A 54 1.18 -8.54 7.37
CA ASN A 54 2.10 -9.45 6.61
C ASN A 54 1.99 -9.23 5.09
N ARG A 55 0.79 -9.21 4.57
CA ARG A 55 0.64 -9.01 3.10
C ARG A 55 -0.61 -8.21 2.77
N ARG A 56 -1.65 -8.90 2.49
CA ARG A 56 -2.94 -8.24 2.13
C ARG A 56 -4.13 -9.01 2.68
N LYS A 57 -3.88 -9.81 3.69
CA LYS A 57 -4.99 -10.62 4.30
C LYS A 57 -5.38 -10.06 5.66
N SER A 58 -5.50 -8.75 5.73
CA SER A 58 -5.89 -8.11 7.02
C SER A 58 -6.72 -6.85 6.76
N CYS A 59 -6.15 -5.68 7.02
CA CYS A 59 -6.93 -4.45 6.77
C CYS A 59 -6.77 -4.03 5.33
N GLN A 60 -7.74 -4.33 4.54
CA GLN A 60 -7.68 -3.97 3.10
C GLN A 60 -8.17 -2.56 2.83
N ALA A 61 -8.41 -1.80 3.87
CA ALA A 61 -8.90 -0.39 3.67
C ALA A 61 -7.79 0.57 3.98
N CYS A 62 -7.18 0.42 5.10
CA CYS A 62 -6.09 1.33 5.42
C CYS A 62 -4.97 1.10 4.42
N ARG A 63 -4.94 -0.10 3.87
CA ARG A 63 -3.88 -0.39 2.90
C ARG A 63 -4.00 0.56 1.73
N LEU A 64 -5.16 0.56 1.13
CA LEU A 64 -5.38 1.48 -0.01
C LEU A 64 -5.08 2.91 0.40
N ARG A 65 -5.70 3.36 1.44
CA ARG A 65 -5.44 4.74 1.86
C ARG A 65 -3.95 4.89 2.10
N LYS A 66 -3.35 3.84 2.59
CA LYS A 66 -1.91 3.89 2.86
C LYS A 66 -1.17 3.70 1.56
N CYS A 67 -1.92 3.31 0.53
CA CYS A 67 -1.29 3.11 -0.79
C CYS A 67 -1.27 4.43 -1.50
N TYR A 68 -2.27 5.23 -1.23
CA TYR A 68 -2.33 6.57 -1.87
C TYR A 68 -1.50 7.54 -1.05
N GLU A 69 -1.49 7.34 0.25
CA GLU A 69 -0.70 8.24 1.14
C GLU A 69 0.71 8.29 0.63
N VAL A 70 0.96 7.33 -0.15
CA VAL A 70 2.28 7.16 -0.78
C VAL A 70 2.54 8.23 -1.79
N GLY A 71 1.63 8.28 -2.67
CA GLY A 71 1.67 9.26 -3.78
C GLY A 71 2.07 8.48 -5.03
N MET A 72 1.58 7.25 -5.10
CA MET A 72 1.91 6.39 -6.29
C MET A 72 1.06 6.71 -7.47
N MET A 73 -0.16 6.38 -7.29
CA MET A 73 -1.17 6.60 -8.33
C MET A 73 -0.82 5.70 -9.47
N LYS A 74 -1.74 4.87 -9.85
CA LYS A 74 -1.46 3.93 -10.97
C LYS A 74 -0.65 4.61 -12.08
N GLY A 75 -0.76 5.91 -12.16
CA GLY A 75 -0.02 6.65 -13.22
C GLY A 75 -0.28 8.15 -13.11
N MET A 1 26.42 7.09 5.21
CA MET A 1 25.29 6.39 5.87
C MET A 1 24.34 5.80 4.83
N LYS A 2 24.53 4.54 4.53
CA LYS A 2 23.66 3.90 3.53
C LYS A 2 22.19 4.01 3.94
N GLU A 3 21.31 3.85 2.99
CA GLU A 3 19.85 3.95 3.31
C GLU A 3 19.01 3.15 2.33
N THR A 4 19.04 1.85 2.46
CA THR A 4 18.24 1.01 1.54
C THR A 4 16.78 1.49 1.51
N ARG A 5 16.12 1.30 0.39
CA ARG A 5 14.68 1.75 0.28
C ARG A 5 13.76 0.56 0.53
N TYR A 6 12.50 0.84 0.70
CA TYR A 6 11.54 -0.28 0.95
C TYR A 6 10.12 0.10 0.56
N CYS A 7 9.18 -0.82 0.77
CA CYS A 7 7.76 -0.51 0.41
C CYS A 7 7.47 0.86 0.92
N ALA A 8 6.97 1.71 0.09
CA ALA A 8 6.65 3.07 0.54
C ALA A 8 6.14 3.09 1.98
N VAL A 9 5.33 2.11 2.34
CA VAL A 9 4.80 2.13 3.75
C VAL A 9 4.11 0.83 4.21
N CYS A 10 3.59 0.07 3.28
CA CYS A 10 2.88 -1.22 3.69
C CYS A 10 3.67 -2.57 3.69
N ASN A 11 5.00 -2.57 3.73
CA ASN A 11 5.67 -3.91 3.74
C ASN A 11 7.16 -3.81 4.04
N ASP A 12 7.96 -3.81 3.01
CA ASP A 12 9.44 -3.73 3.25
C ASP A 12 10.19 -3.70 1.92
N TYR A 13 11.46 -4.10 1.99
CA TYR A 13 12.32 -4.13 0.76
C TYR A 13 11.51 -4.32 -0.50
N ALA A 14 11.27 -3.25 -1.16
CA ALA A 14 10.50 -3.31 -2.41
C ALA A 14 11.23 -4.17 -3.44
N SER A 15 10.47 -4.97 -4.14
CA SER A 15 11.11 -5.84 -5.16
C SER A 15 11.46 -5.07 -6.42
N GLY A 16 11.12 -3.81 -6.45
CA GLY A 16 11.44 -3.00 -7.66
C GLY A 16 10.51 -1.79 -7.80
N TYR A 17 10.92 -0.85 -8.59
CA TYR A 17 10.10 0.37 -8.80
C TYR A 17 9.05 0.10 -9.89
N HIS A 18 7.78 0.23 -9.54
CA HIS A 18 6.69 -0.03 -10.55
C HIS A 18 5.74 1.18 -10.62
N TYR A 19 4.93 1.32 -9.62
CA TYR A 19 3.98 2.45 -9.60
C TYR A 19 4.73 3.76 -9.81
N GLY A 20 5.23 4.27 -8.73
CA GLY A 20 5.99 5.54 -8.77
C GLY A 20 6.64 5.73 -7.43
N VAL A 21 7.13 4.63 -6.93
CA VAL A 21 7.80 4.67 -5.61
C VAL A 21 8.43 3.31 -5.33
N TRP A 22 9.39 3.28 -4.44
CA TRP A 22 10.01 1.95 -4.14
C TRP A 22 8.89 1.16 -3.50
N SER A 23 8.08 0.55 -4.33
CA SER A 23 6.94 -0.24 -3.79
C SER A 23 7.13 -1.75 -3.77
N CYS A 24 6.38 -2.30 -2.90
CA CYS A 24 6.35 -3.73 -2.67
C CYS A 24 6.08 -4.54 -3.94
N GLU A 25 5.76 -5.79 -3.72
CA GLU A 25 5.46 -6.73 -4.82
C GLU A 25 4.08 -7.31 -4.57
N GLY A 26 3.77 -7.45 -3.29
CA GLY A 26 2.44 -8.02 -2.91
C GLY A 26 1.44 -6.88 -2.72
N CYS A 27 1.68 -6.02 -1.74
CA CYS A 27 0.72 -4.91 -1.54
C CYS A 27 0.59 -4.15 -2.88
N LYS A 28 1.59 -4.28 -3.70
CA LYS A 28 1.54 -3.60 -5.01
C LYS A 28 0.39 -4.21 -5.83
N ALA A 29 0.21 -5.48 -5.65
CA ALA A 29 -0.87 -6.18 -6.39
C ALA A 29 -2.22 -5.70 -5.87
N PHE A 30 -2.27 -5.44 -4.60
CA PHE A 30 -3.52 -4.97 -3.97
C PHE A 30 -3.86 -3.61 -4.50
N PHE A 31 -2.91 -2.74 -4.47
CA PHE A 31 -3.14 -1.36 -4.98
C PHE A 31 -3.62 -1.37 -6.42
N LYS A 32 -2.98 -2.16 -7.26
CA LYS A 32 -3.41 -2.20 -8.70
C LYS A 32 -4.84 -2.70 -8.83
N ARG A 33 -5.15 -3.70 -8.09
CA ARG A 33 -6.52 -4.25 -8.15
C ARG A 33 -7.48 -3.38 -7.37
N SER A 34 -6.94 -2.49 -6.60
CA SER A 34 -7.80 -1.58 -5.77
C SER A 34 -7.78 -0.10 -6.18
N ILE A 35 -7.04 0.25 -7.21
CA ILE A 35 -7.04 1.72 -7.60
C ILE A 35 -8.44 2.26 -7.82
N GLN A 36 -9.09 2.56 -6.75
CA GLN A 36 -10.46 3.10 -6.80
C GLN A 36 -10.80 3.69 -5.46
N GLY A 37 -11.57 4.71 -5.45
CA GLY A 37 -11.94 5.33 -4.15
C GLY A 37 -13.05 4.52 -3.52
N HIS A 38 -14.18 4.57 -4.16
CA HIS A 38 -15.35 3.82 -3.65
C HIS A 38 -15.02 2.34 -3.55
N ASN A 39 -16.05 1.53 -3.58
CA ASN A 39 -15.89 0.03 -3.50
C ASN A 39 -15.89 -0.44 -2.04
N ASP A 40 -16.13 -1.71 -1.84
CA ASP A 40 -16.15 -2.22 -0.44
C ASP A 40 -14.76 -2.31 0.12
N TYR A 41 -14.47 -1.42 1.00
CA TYR A 41 -13.12 -1.39 1.64
C TYR A 41 -13.30 -1.15 3.15
N MET A 42 -12.94 0.02 3.60
CA MET A 42 -13.07 0.33 5.03
C MET A 42 -12.41 -0.73 5.94
N CYS A 43 -12.09 -0.30 7.11
CA CYS A 43 -11.45 -1.21 8.10
C CYS A 43 -12.10 -0.99 9.47
N PRO A 44 -11.91 -1.93 10.41
CA PRO A 44 -12.50 -1.79 11.74
C PRO A 44 -12.08 -0.45 12.41
N ALA A 45 -12.71 0.60 11.96
CA ALA A 45 -12.41 1.93 12.48
C ALA A 45 -13.07 2.89 11.60
N THR A 46 -12.38 3.33 10.60
CA THR A 46 -13.01 4.27 9.70
C THR A 46 -12.04 4.68 8.60
N ASN A 47 -10.78 4.49 8.89
CA ASN A 47 -9.65 4.84 7.93
C ASN A 47 -8.50 5.50 8.69
N GLN A 48 -8.07 4.90 9.77
CA GLN A 48 -6.94 5.52 10.54
C GLN A 48 -6.27 4.54 11.49
N CYS A 49 -5.12 4.08 11.08
CA CYS A 49 -4.35 3.09 11.91
C CYS A 49 -3.02 2.78 11.22
N THR A 50 -2.14 2.13 11.93
CA THR A 50 -0.84 1.79 11.30
C THR A 50 -1.04 0.72 10.25
N ILE A 51 -0.01 0.46 9.48
CA ILE A 51 -0.14 -0.59 8.41
C ILE A 51 1.22 -1.26 8.16
N ASP A 52 1.15 -2.54 7.86
CA ASP A 52 2.39 -3.29 7.60
C ASP A 52 2.04 -4.69 7.08
N LYS A 53 2.26 -5.68 7.91
CA LYS A 53 1.95 -7.08 7.49
C LYS A 53 2.35 -7.33 6.04
N ASN A 54 1.66 -8.25 5.41
CA ASN A 54 1.97 -8.58 4.00
C ASN A 54 0.94 -9.54 3.45
N ARG A 55 0.08 -9.99 4.32
CA ARG A 55 -0.98 -10.96 3.90
C ARG A 55 -2.14 -10.25 3.25
N ARG A 56 -2.21 -9.00 3.51
CA ARG A 56 -3.31 -8.17 2.93
C ARG A 56 -4.66 -8.75 3.32
N LYS A 57 -4.96 -8.69 4.60
CA LYS A 57 -6.27 -9.23 5.08
C LYS A 57 -6.68 -8.57 6.38
N SER A 58 -5.84 -7.70 6.84
CA SER A 58 -6.14 -6.97 8.12
C SER A 58 -6.63 -5.55 7.81
N CYS A 59 -5.72 -4.61 7.84
CA CYS A 59 -6.11 -3.21 7.55
C CYS A 59 -6.09 -3.01 6.03
N GLN A 60 -6.76 -3.89 5.37
CA GLN A 60 -6.82 -3.84 3.90
C GLN A 60 -7.26 -2.48 3.39
N ALA A 61 -8.30 -1.94 3.97
CA ALA A 61 -8.75 -0.62 3.48
C ALA A 61 -7.73 0.47 3.75
N CYS A 62 -7.19 0.50 4.92
CA CYS A 62 -6.20 1.54 5.19
C CYS A 62 -5.04 1.35 4.24
N ARG A 63 -4.90 0.13 3.76
CA ARG A 63 -3.79 -0.15 2.82
C ARG A 63 -3.99 0.74 1.59
N LEU A 64 -5.18 0.68 1.06
CA LEU A 64 -5.49 1.49 -0.13
C LEU A 64 -5.21 2.93 0.18
N ARG A 65 -5.98 3.45 1.09
CA ARG A 65 -5.81 4.86 1.50
C ARG A 65 -4.36 5.15 1.73
N LYS A 66 -3.70 4.22 2.35
CA LYS A 66 -2.29 4.44 2.61
C LYS A 66 -1.59 4.52 1.29
N CYS A 67 -2.04 3.69 0.35
CA CYS A 67 -1.41 3.72 -0.97
C CYS A 67 -1.64 5.06 -1.60
N TYR A 68 -2.81 5.55 -1.48
CA TYR A 68 -3.06 6.86 -2.07
C TYR A 68 -2.25 7.86 -1.28
N GLU A 69 -2.00 7.52 -0.04
CA GLU A 69 -1.20 8.44 0.82
C GLU A 69 0.24 8.38 0.39
N VAL A 70 0.62 7.24 -0.04
CA VAL A 70 2.03 7.04 -0.51
C VAL A 70 2.28 7.98 -1.65
N GLY A 71 1.22 8.41 -2.22
CA GLY A 71 1.33 9.35 -3.36
C GLY A 71 1.76 8.56 -4.60
N MET A 72 1.09 7.45 -4.83
CA MET A 72 1.46 6.61 -6.02
C MET A 72 0.62 6.96 -7.20
N MET A 73 -0.58 6.57 -7.06
CA MET A 73 -1.57 6.80 -8.09
C MET A 73 -1.10 6.07 -9.31
N LYS A 74 -1.83 5.06 -9.63
CA LYS A 74 -1.49 4.24 -10.81
C LYS A 74 -0.85 5.07 -11.93
N GLY A 75 -1.26 6.30 -12.04
CA GLY A 75 -0.69 7.17 -13.11
C GLY A 75 -1.29 8.58 -13.02
N MET A 1 26.07 7.74 3.49
CA MET A 1 24.70 7.64 4.05
C MET A 1 23.89 6.61 3.27
N LYS A 2 23.48 5.58 3.95
CA LYS A 2 22.69 4.53 3.28
C LYS A 2 21.24 4.98 3.07
N GLU A 3 21.00 5.62 1.95
CA GLU A 3 19.61 6.10 1.66
C GLU A 3 18.80 5.04 0.93
N THR A 4 18.59 3.93 1.60
CA THR A 4 17.79 2.84 0.96
C THR A 4 16.30 3.07 1.17
N ARG A 5 15.54 2.90 0.12
CA ARG A 5 14.06 3.10 0.25
C ARG A 5 13.39 1.77 0.53
N TYR A 6 12.12 1.81 0.82
CA TYR A 6 11.41 0.52 1.12
C TYR A 6 9.91 0.62 0.81
N CYS A 7 9.18 -0.47 1.04
CA CYS A 7 7.73 -0.41 0.76
C CYS A 7 7.14 0.82 1.39
N ALA A 8 6.78 1.74 0.56
CA ALA A 8 6.18 2.98 1.07
C ALA A 8 4.83 2.70 1.67
N VAL A 9 4.49 1.44 1.73
CA VAL A 9 3.15 1.04 2.29
C VAL A 9 3.16 0.01 3.45
N CYS A 10 3.93 -1.05 3.36
CA CYS A 10 3.88 -2.03 4.52
C CYS A 10 5.09 -2.97 4.76
N ASN A 11 5.57 -3.65 3.74
CA ASN A 11 6.71 -4.56 3.97
C ASN A 11 8.01 -3.84 4.20
N ASP A 12 8.80 -3.81 3.19
CA ASP A 12 10.09 -3.13 3.30
C ASP A 12 10.78 -3.09 1.94
N TYR A 13 12.07 -3.37 1.90
CA TYR A 13 12.78 -3.34 0.59
C TYR A 13 11.90 -3.93 -0.52
N ALA A 14 11.38 -3.05 -1.29
CA ALA A 14 10.49 -3.47 -2.40
C ALA A 14 11.30 -4.15 -3.51
N SER A 15 10.72 -5.18 -4.07
CA SER A 15 11.42 -5.91 -5.16
C SER A 15 12.02 -4.94 -6.18
N GLY A 16 11.39 -3.80 -6.35
CA GLY A 16 11.93 -2.82 -7.33
C GLY A 16 10.85 -1.81 -7.72
N TYR A 17 11.28 -0.67 -8.21
CA TYR A 17 10.30 0.36 -8.62
C TYR A 17 9.19 -0.26 -9.48
N HIS A 18 7.99 -0.27 -8.96
CA HIS A 18 6.85 -0.85 -9.73
C HIS A 18 5.93 0.24 -10.22
N TYR A 19 5.32 0.92 -9.30
CA TYR A 19 4.40 2.02 -9.66
C TYR A 19 5.19 3.32 -9.82
N GLY A 20 5.33 4.01 -8.73
CA GLY A 20 6.09 5.30 -8.75
C GLY A 20 6.81 5.41 -7.42
N VAL A 21 7.05 4.25 -6.85
CA VAL A 21 7.75 4.21 -5.56
C VAL A 21 8.27 2.81 -5.30
N TRP A 22 9.15 2.71 -4.36
CA TRP A 22 9.71 1.39 -4.03
C TRP A 22 8.66 0.64 -3.25
N SER A 23 7.63 0.19 -3.94
CA SER A 23 6.53 -0.57 -3.25
C SER A 23 6.66 -2.07 -3.43
N CYS A 24 6.26 -2.79 -2.42
CA CYS A 24 6.34 -4.27 -2.49
C CYS A 24 5.34 -4.84 -3.50
N GLU A 25 5.37 -6.14 -3.67
CA GLU A 25 4.44 -6.77 -4.64
C GLU A 25 3.00 -6.77 -4.13
N GLY A 26 2.79 -7.38 -3.00
CA GLY A 26 1.40 -7.42 -2.44
C GLY A 26 0.70 -6.07 -2.57
N CYS A 27 1.42 -5.01 -2.30
CA CYS A 27 0.81 -3.67 -2.42
C CYS A 27 0.58 -3.31 -3.88
N LYS A 28 1.48 -3.72 -4.71
CA LYS A 28 1.36 -3.43 -6.15
C LYS A 28 0.17 -4.19 -6.72
N ALA A 29 -0.03 -5.38 -6.23
CA ALA A 29 -1.18 -6.18 -6.70
C ALA A 29 -2.46 -5.71 -6.05
N PHE A 30 -2.38 -5.45 -4.79
CA PHE A 30 -3.57 -4.98 -4.07
C PHE A 30 -3.98 -3.61 -4.56
N PHE A 31 -3.03 -2.77 -4.67
CA PHE A 31 -3.34 -1.40 -5.15
C PHE A 31 -3.97 -1.45 -6.51
N LYS A 32 -3.44 -2.26 -7.39
CA LYS A 32 -4.03 -2.32 -8.74
C LYS A 32 -5.34 -3.09 -8.70
N ARG A 33 -5.60 -3.69 -7.58
CA ARG A 33 -6.84 -4.45 -7.46
C ARG A 33 -8.05 -3.54 -7.31
N SER A 34 -7.82 -2.31 -6.89
CA SER A 34 -9.01 -1.40 -6.74
C SER A 34 -8.71 0.09 -6.92
N ILE A 35 -7.45 0.48 -6.80
CA ILE A 35 -7.09 1.94 -6.95
C ILE A 35 -8.28 2.85 -6.60
N GLN A 36 -8.84 3.50 -7.61
CA GLN A 36 -10.02 4.43 -7.41
C GLN A 36 -10.42 4.67 -5.96
N GLY A 37 -10.57 5.90 -5.66
CA GLY A 37 -10.96 6.27 -4.27
C GLY A 37 -12.29 5.64 -3.94
N HIS A 38 -13.29 6.09 -4.62
CA HIS A 38 -14.65 5.55 -4.38
C HIS A 38 -14.68 4.04 -4.55
N ASN A 39 -14.25 3.35 -3.54
CA ASN A 39 -14.21 1.86 -3.58
C ASN A 39 -14.58 1.31 -2.22
N ASP A 40 -14.86 0.04 -2.17
CA ASP A 40 -15.22 -0.56 -0.86
C ASP A 40 -14.02 -0.69 0.05
N TYR A 41 -14.08 -0.02 1.16
CA TYR A 41 -12.96 -0.07 2.13
C TYR A 41 -13.36 0.58 3.45
N MET A 42 -12.93 -0.01 4.53
CA MET A 42 -13.28 0.57 5.84
C MET A 42 -12.48 -0.08 6.98
N CYS A 43 -12.01 0.75 7.84
CA CYS A 43 -11.20 0.27 9.01
C CYS A 43 -12.16 -0.19 10.16
N PRO A 44 -11.77 -1.21 10.95
CA PRO A 44 -12.62 -1.67 12.06
C PRO A 44 -12.83 -0.59 13.15
N ALA A 45 -12.58 0.65 12.79
CA ALA A 45 -12.76 1.75 13.78
C ALA A 45 -12.94 3.01 13.08
N THR A 46 -12.43 3.03 11.91
CA THR A 46 -12.54 4.23 11.09
C THR A 46 -12.01 5.45 11.84
N ASN A 47 -11.30 5.20 12.89
CA ASN A 47 -10.72 6.32 13.69
C ASN A 47 -9.37 6.72 13.18
N GLN A 48 -8.74 5.81 12.56
CA GLN A 48 -7.38 6.07 12.00
C GLN A 48 -6.86 4.86 11.22
N CYS A 49 -6.56 5.04 9.95
CA CYS A 49 -6.05 3.90 9.13
C CYS A 49 -4.52 3.88 9.12
N THR A 50 -3.99 2.73 9.37
CA THR A 50 -2.52 2.55 9.39
C THR A 50 -2.18 1.07 9.28
N ILE A 51 -1.27 0.73 8.39
CA ILE A 51 -0.87 -0.71 8.20
C ILE A 51 0.60 -0.93 8.53
N ASP A 52 1.03 -2.17 8.44
CA ASP A 52 2.45 -2.50 8.75
C ASP A 52 2.88 -3.77 8.01
N LYS A 53 4.10 -4.16 8.23
CA LYS A 53 4.63 -5.39 7.55
C LYS A 53 3.66 -6.57 7.67
N ASN A 54 3.15 -7.01 6.55
CA ASN A 54 2.21 -8.14 6.56
C ASN A 54 2.11 -8.75 5.15
N ARG A 55 1.12 -8.31 4.43
CA ARG A 55 0.91 -8.82 3.04
C ARG A 55 -0.29 -8.14 2.41
N ARG A 56 -1.41 -8.49 2.90
CA ARG A 56 -2.69 -7.91 2.41
C ARG A 56 -3.84 -8.43 3.24
N LYS A 57 -3.52 -8.96 4.40
CA LYS A 57 -4.59 -9.51 5.30
C LYS A 57 -4.93 -8.53 6.40
N SER A 58 -4.32 -7.40 6.35
CA SER A 58 -4.58 -6.37 7.40
C SER A 58 -5.83 -5.59 7.03
N CYS A 59 -5.87 -4.33 7.36
CA CYS A 59 -7.08 -3.55 7.02
C CYS A 59 -7.04 -3.16 5.57
N GLN A 60 -7.72 -3.90 4.77
CA GLN A 60 -7.72 -3.61 3.33
C GLN A 60 -7.88 -2.10 3.06
N ALA A 61 -8.49 -1.38 3.97
CA ALA A 61 -8.65 0.08 3.72
C ALA A 61 -7.35 0.83 3.99
N CYS A 62 -6.61 0.41 4.98
CA CYS A 62 -5.35 1.12 5.25
C CYS A 62 -4.42 0.89 4.10
N ARG A 63 -4.53 -0.26 3.52
CA ARG A 63 -3.66 -0.56 2.39
C ARG A 63 -3.90 0.42 1.26
N LEU A 64 -5.12 0.56 0.84
CA LEU A 64 -5.38 1.51 -0.26
C LEU A 64 -5.03 2.90 0.19
N ARG A 65 -5.62 3.30 1.27
CA ARG A 65 -5.35 4.66 1.77
C ARG A 65 -3.88 4.85 1.96
N LYS A 66 -3.23 3.89 2.52
CA LYS A 66 -1.79 4.05 2.71
C LYS A 66 -1.15 4.08 1.35
N CYS A 67 -1.66 3.25 0.44
CA CYS A 67 -1.06 3.24 -0.91
C CYS A 67 -1.15 4.59 -1.54
N TYR A 68 -2.17 5.34 -1.20
CA TYR A 68 -2.27 6.69 -1.81
C TYR A 68 -1.40 7.64 -0.99
N GLU A 69 -1.30 7.36 0.29
CA GLU A 69 -0.47 8.24 1.17
C GLU A 69 0.95 8.24 0.67
N VAL A 70 1.22 7.22 -0.03
CA VAL A 70 2.57 7.04 -0.62
C VAL A 70 2.85 8.15 -1.56
N GLY A 71 1.99 8.18 -2.50
CA GLY A 71 2.06 9.20 -3.58
C GLY A 71 2.36 8.45 -4.88
N MET A 72 1.76 7.27 -5.01
CA MET A 72 2.00 6.45 -6.25
C MET A 72 1.08 6.88 -7.35
N MET A 73 -0.13 6.58 -7.09
CA MET A 73 -1.21 6.89 -8.03
C MET A 73 -0.98 6.09 -9.27
N LYS A 74 -1.97 5.30 -9.60
CA LYS A 74 -1.88 4.45 -10.81
C LYS A 74 -1.08 5.13 -11.94
N GLY A 75 -1.33 6.38 -12.12
CA GLY A 75 -0.62 7.13 -13.19
C GLY A 75 -0.78 8.64 -13.00
N MET A 1 21.12 9.31 4.66
CA MET A 1 22.37 9.03 5.42
C MET A 1 22.03 8.36 6.75
N LYS A 2 20.84 7.81 6.84
CA LYS A 2 20.43 7.14 8.11
C LYS A 2 19.40 6.05 7.84
N GLU A 3 19.18 5.73 6.59
CA GLU A 3 18.17 4.68 6.30
C GLU A 3 18.16 4.29 4.81
N THR A 4 17.39 3.26 4.51
CA THR A 4 17.27 2.75 3.11
C THR A 4 15.81 2.96 2.65
N ARG A 5 15.52 2.63 1.42
CA ARG A 5 14.09 2.81 0.93
C ARG A 5 13.33 1.51 1.12
N TYR A 6 12.03 1.62 1.17
CA TYR A 6 11.23 0.37 1.37
C TYR A 6 9.82 0.52 0.80
N CYS A 7 9.00 -0.50 1.05
CA CYS A 7 7.63 -0.42 0.53
C CYS A 7 6.97 0.82 1.04
N ALA A 8 6.70 1.71 0.17
CA ALA A 8 6.06 2.96 0.59
C ALA A 8 4.73 2.67 1.27
N VAL A 9 4.38 1.40 1.34
CA VAL A 9 3.08 1.01 1.99
C VAL A 9 3.12 0.01 3.16
N CYS A 10 3.84 -1.11 3.05
CA CYS A 10 3.81 -2.07 4.24
C CYS A 10 4.99 -3.06 4.47
N ASN A 11 5.35 -3.84 3.48
CA ASN A 11 6.43 -4.80 3.67
C ASN A 11 7.73 -4.17 4.12
N ASP A 12 8.58 -4.04 3.19
CA ASP A 12 9.90 -3.45 3.48
C ASP A 12 10.67 -3.25 2.19
N TYR A 13 11.92 -3.70 2.15
CA TYR A 13 12.70 -3.51 0.90
C TYR A 13 11.84 -3.94 -0.30
N ALA A 14 11.39 -2.97 -1.01
CA ALA A 14 10.55 -3.25 -2.20
C ALA A 14 11.32 -4.06 -3.24
N SER A 15 10.65 -5.00 -3.83
CA SER A 15 11.32 -5.84 -4.86
C SER A 15 11.97 -4.98 -5.92
N GLY A 16 11.47 -3.78 -6.07
CA GLY A 16 12.05 -2.86 -7.08
C GLY A 16 11.01 -1.84 -7.53
N TYR A 17 11.44 -0.91 -8.35
CA TYR A 17 10.49 0.11 -8.84
C TYR A 17 9.53 -0.49 -9.87
N HIS A 18 8.26 -0.19 -9.73
CA HIS A 18 7.24 -0.73 -10.70
C HIS A 18 6.30 0.37 -11.12
N TYR A 19 5.69 0.93 -10.13
CA TYR A 19 4.73 2.02 -10.34
C TYR A 19 5.46 3.38 -10.36
N GLY A 20 5.64 3.94 -9.19
CA GLY A 20 6.34 5.26 -9.09
C GLY A 20 7.02 5.39 -7.71
N VAL A 21 7.17 4.27 -7.05
CA VAL A 21 7.81 4.29 -5.71
C VAL A 21 8.33 2.92 -5.37
N TRP A 22 9.29 2.88 -4.51
CA TRP A 22 9.84 1.57 -4.14
C TRP A 22 8.75 0.83 -3.39
N SER A 23 7.83 0.24 -4.14
CA SER A 23 6.69 -0.51 -3.50
C SER A 23 6.83 -2.02 -3.66
N CYS A 24 6.29 -2.74 -2.71
CA CYS A 24 6.38 -4.22 -2.78
C CYS A 24 5.38 -4.75 -3.80
N GLU A 25 5.75 -5.81 -4.48
CA GLU A 25 4.82 -6.38 -5.50
C GLU A 25 3.43 -6.61 -4.92
N GLY A 26 3.36 -7.36 -3.86
CA GLY A 26 2.04 -7.65 -3.23
C GLY A 26 1.15 -6.39 -3.20
N CYS A 27 1.75 -5.26 -2.90
CA CYS A 27 0.94 -4.03 -2.85
C CYS A 27 0.45 -3.65 -4.24
N LYS A 28 1.36 -3.24 -5.09
CA LYS A 28 0.97 -2.85 -6.51
C LYS A 28 -0.14 -3.77 -7.01
N ALA A 29 -0.18 -4.97 -6.50
CA ALA A 29 -1.22 -5.92 -6.93
C ALA A 29 -2.54 -5.60 -6.22
N PHE A 30 -2.44 -5.39 -4.94
CA PHE A 30 -3.64 -5.06 -4.12
C PHE A 30 -4.11 -3.68 -4.47
N PHE A 31 -3.18 -2.83 -4.58
CA PHE A 31 -3.48 -1.45 -4.92
C PHE A 31 -4.15 -1.34 -6.30
N LYS A 32 -3.80 -2.21 -7.22
CA LYS A 32 -4.43 -2.14 -8.59
C LYS A 32 -5.90 -2.54 -8.56
N ARG A 33 -6.25 -3.32 -7.58
CA ARG A 33 -7.65 -3.77 -7.46
C ARG A 33 -8.54 -2.74 -6.76
N SER A 34 -7.93 -1.73 -6.18
CA SER A 34 -8.76 -0.69 -5.46
C SER A 34 -8.39 0.77 -5.81
N ILE A 35 -7.49 0.96 -6.72
CA ILE A 35 -7.09 2.38 -7.08
C ILE A 35 -8.29 3.33 -7.03
N GLN A 36 -7.98 4.59 -6.84
CA GLN A 36 -9.03 5.62 -6.77
C GLN A 36 -9.83 5.42 -5.49
N GLY A 37 -10.18 6.50 -4.88
CA GLY A 37 -10.96 6.38 -3.61
C GLY A 37 -12.38 5.93 -3.90
N HIS A 38 -12.59 4.65 -3.92
CA HIS A 38 -13.96 4.12 -4.20
C HIS A 38 -14.04 2.65 -3.81
N ASN A 39 -14.19 2.40 -2.54
CA ASN A 39 -14.27 0.99 -2.07
C ASN A 39 -14.96 0.92 -0.70
N ASP A 40 -15.57 -0.21 -0.43
CA ASP A 40 -16.26 -0.37 0.88
C ASP A 40 -15.29 -0.80 1.92
N TYR A 41 -14.10 -0.65 1.56
CA TYR A 41 -12.96 -1.02 2.44
C TYR A 41 -13.15 -0.51 3.89
N MET A 42 -12.36 0.45 4.29
CA MET A 42 -12.47 1.00 5.66
C MET A 42 -12.22 -0.13 6.68
N CYS A 43 -11.67 0.22 7.79
CA CYS A 43 -11.40 -0.80 8.83
C CYS A 43 -12.66 -1.01 9.71
N PRO A 44 -12.72 -2.09 10.48
CA PRO A 44 -13.88 -2.38 11.34
C PRO A 44 -14.23 -1.19 12.26
N ALA A 45 -13.30 -0.29 12.44
CA ALA A 45 -13.61 0.86 13.33
C ALA A 45 -12.56 1.86 13.20
N THR A 46 -11.47 1.42 12.74
CA THR A 46 -10.36 2.34 12.57
C THR A 46 -10.03 3.04 13.90
N ASN A 47 -9.82 2.25 14.92
CA ASN A 47 -9.50 2.81 16.26
C ASN A 47 -8.01 2.82 16.48
N GLN A 48 -7.30 3.24 15.46
CA GLN A 48 -5.80 3.29 15.52
C GLN A 48 -5.20 1.93 15.15
N CYS A 49 -4.61 1.88 14.00
CA CYS A 49 -3.99 0.61 13.54
C CYS A 49 -2.97 0.89 12.46
N THR A 50 -1.80 0.32 12.61
CA THR A 50 -0.73 0.54 11.60
C THR A 50 -0.71 -0.58 10.57
N ILE A 51 0.01 -0.37 9.50
CA ILE A 51 0.10 -1.40 8.42
C ILE A 51 1.51 -2.00 8.39
N ASP A 52 1.59 -3.32 8.36
CA ASP A 52 2.92 -3.98 8.34
C ASP A 52 2.91 -5.21 7.42
N LYS A 53 3.73 -6.18 7.77
CA LYS A 53 3.79 -7.42 6.94
C LYS A 53 2.66 -8.38 7.28
N ASN A 54 1.86 -8.70 6.29
CA ASN A 54 0.73 -9.63 6.52
C ASN A 54 0.36 -10.32 5.22
N ARG A 55 -0.61 -9.77 4.54
CA ARG A 55 -1.05 -10.36 3.25
C ARG A 55 -2.13 -9.50 2.61
N ARG A 56 -3.30 -9.71 3.04
CA ARG A 56 -4.45 -8.94 2.49
C ARG A 56 -5.72 -9.25 3.28
N LYS A 57 -5.55 -9.62 4.53
CA LYS A 57 -6.74 -9.94 5.39
C LYS A 57 -6.58 -9.31 6.77
N SER A 58 -6.45 -8.02 6.80
CA SER A 58 -6.29 -7.32 8.10
C SER A 58 -6.63 -5.85 7.95
N CYS A 59 -5.62 -5.05 7.70
CA CYS A 59 -5.85 -3.59 7.53
C CYS A 59 -5.85 -3.25 6.04
N GLN A 60 -6.64 -3.99 5.33
CA GLN A 60 -6.73 -3.78 3.86
C GLN A 60 -7.06 -2.33 3.53
N ALA A 61 -7.98 -1.78 4.25
CA ALA A 61 -8.33 -0.37 3.95
C ALA A 61 -7.20 0.57 4.24
N CYS A 62 -6.66 0.50 5.41
CA CYS A 62 -5.55 1.40 5.72
C CYS A 62 -4.45 1.19 4.69
N ARG A 63 -4.32 -0.03 4.22
CA ARG A 63 -3.28 -0.30 3.21
C ARG A 63 -3.57 0.59 2.03
N LEU A 64 -4.76 0.47 1.51
CA LEU A 64 -5.14 1.30 0.35
C LEU A 64 -4.85 2.75 0.64
N ARG A 65 -5.53 3.26 1.63
CA ARG A 65 -5.31 4.68 2.00
C ARG A 65 -3.84 4.97 2.05
N LYS A 66 -3.08 4.04 2.56
CA LYS A 66 -1.65 4.28 2.62
C LYS A 66 -1.14 4.32 1.21
N CYS A 67 -1.66 3.42 0.37
CA CYS A 67 -1.21 3.40 -1.02
C CYS A 67 -1.41 4.76 -1.65
N TYR A 68 -2.50 5.38 -1.37
CA TYR A 68 -2.72 6.70 -1.97
C TYR A 68 -1.83 7.70 -1.25
N GLU A 69 -1.58 7.43 -0.01
CA GLU A 69 -0.72 8.35 0.76
C GLU A 69 0.63 8.40 0.10
N VAL A 70 0.95 7.32 -0.49
CA VAL A 70 2.24 7.22 -1.19
C VAL A 70 2.21 8.08 -2.39
N GLY A 71 1.03 8.42 -2.77
CA GLY A 71 0.85 9.27 -3.95
C GLY A 71 1.47 8.53 -5.11
N MET A 72 1.21 7.23 -5.14
CA MET A 72 1.78 6.41 -6.24
C MET A 72 0.99 6.53 -7.50
N MET A 73 -0.25 6.34 -7.32
CA MET A 73 -1.18 6.42 -8.45
C MET A 73 -0.82 5.33 -9.42
N LYS A 74 -1.79 4.53 -9.76
CA LYS A 74 -1.55 3.41 -10.70
C LYS A 74 -0.55 3.79 -11.79
N GLY A 75 -0.72 4.95 -12.34
CA GLY A 75 0.21 5.42 -13.41
C GLY A 75 -0.12 4.72 -14.73
N MET A 1 14.92 7.35 4.66
CA MET A 1 16.33 7.78 4.48
C MET A 1 16.75 7.63 3.02
N LYS A 2 17.74 8.38 2.62
CA LYS A 2 18.19 8.29 1.21
C LYS A 2 18.88 6.96 0.95
N GLU A 3 19.36 6.34 2.00
CA GLU A 3 20.04 5.03 1.83
C GLU A 3 19.02 3.90 1.74
N THR A 4 18.96 3.28 0.58
CA THR A 4 17.99 2.15 0.37
C THR A 4 16.56 2.58 0.66
N ARG A 5 15.69 2.30 -0.28
CA ARG A 5 14.26 2.67 -0.09
C ARG A 5 13.51 1.46 0.39
N TYR A 6 12.26 1.62 0.69
CA TYR A 6 11.48 0.46 1.18
C TYR A 6 9.98 0.61 0.87
N CYS A 7 9.20 -0.42 1.13
CA CYS A 7 7.76 -0.33 0.85
C CYS A 7 7.18 0.89 1.51
N ALA A 8 6.67 1.76 0.69
CA ALA A 8 6.07 3.00 1.21
C ALA A 8 4.75 2.73 1.90
N VAL A 9 4.41 1.47 2.01
CA VAL A 9 3.08 1.12 2.68
C VAL A 9 3.13 0.11 3.83
N CYS A 10 3.58 -1.10 3.55
CA CYS A 10 3.60 -2.15 4.66
C CYS A 10 4.87 -3.00 4.87
N ASN A 11 5.46 -3.57 3.83
CA ASN A 11 6.65 -4.39 4.07
C ASN A 11 7.89 -3.56 4.29
N ASP A 12 8.71 -3.58 3.32
CA ASP A 12 9.96 -2.82 3.41
C ASP A 12 10.72 -2.90 2.09
N TYR A 13 11.98 -3.30 2.15
CA TYR A 13 12.76 -3.40 0.88
C TYR A 13 11.90 -3.90 -0.27
N ALA A 14 11.45 -2.98 -1.03
CA ALA A 14 10.60 -3.30 -2.19
C ALA A 14 11.32 -4.16 -3.21
N SER A 15 10.61 -5.10 -3.78
CA SER A 15 11.24 -5.98 -4.78
C SER A 15 11.65 -5.19 -6.02
N GLY A 16 11.13 -4.01 -6.16
CA GLY A 16 11.50 -3.19 -7.35
C GLY A 16 10.47 -2.08 -7.59
N TYR A 17 10.93 -1.02 -8.22
CA TYR A 17 10.00 0.11 -8.51
C TYR A 17 8.74 -0.40 -9.21
N HIS A 18 7.75 0.45 -9.31
CA HIS A 18 6.49 0.03 -9.98
C HIS A 18 5.77 1.22 -10.62
N TYR A 19 5.19 2.07 -9.80
CA TYR A 19 4.47 3.27 -10.37
C TYR A 19 5.33 4.51 -10.21
N GLY A 20 5.57 4.88 -8.99
CA GLY A 20 6.40 6.09 -8.72
C GLY A 20 7.03 5.96 -7.34
N VAL A 21 7.15 4.74 -6.89
CA VAL A 21 7.76 4.50 -5.55
C VAL A 21 8.33 3.10 -5.46
N TRP A 22 8.97 2.86 -4.36
CA TRP A 22 9.58 1.53 -4.12
C TRP A 22 8.58 0.74 -3.30
N SER A 23 7.64 0.12 -3.98
CA SER A 23 6.60 -0.68 -3.26
C SER A 23 6.79 -2.15 -3.43
N CYS A 24 6.32 -2.86 -2.47
CA CYS A 24 6.44 -4.34 -2.53
C CYS A 24 5.41 -4.91 -3.49
N GLU A 25 5.78 -5.93 -4.19
CA GLU A 25 4.83 -6.55 -5.16
C GLU A 25 3.45 -6.73 -4.56
N GLY A 26 3.39 -7.38 -3.44
CA GLY A 26 2.07 -7.60 -2.77
C GLY A 26 1.23 -6.32 -2.77
N CYS A 27 1.86 -5.22 -2.45
CA CYS A 27 1.09 -3.94 -2.43
C CYS A 27 0.65 -3.55 -3.83
N LYS A 28 1.56 -3.57 -4.75
CA LYS A 28 1.15 -3.20 -6.13
C LYS A 28 -0.04 -4.03 -6.54
N ALA A 29 0.03 -5.30 -6.28
CA ALA A 29 -1.10 -6.20 -6.63
C ALA A 29 -2.39 -5.71 -5.98
N PHE A 30 -2.40 -5.71 -4.69
CA PHE A 30 -3.61 -5.25 -3.95
C PHE A 30 -3.98 -3.88 -4.40
N PHE A 31 -3.02 -3.07 -4.46
CA PHE A 31 -3.22 -1.70 -4.89
C PHE A 31 -3.80 -1.62 -6.30
N LYS A 32 -3.41 -2.55 -7.16
CA LYS A 32 -3.94 -2.53 -8.57
C LYS A 32 -5.43 -2.82 -8.59
N ARG A 33 -5.81 -3.76 -7.79
CA ARG A 33 -7.25 -4.13 -7.74
C ARG A 33 -8.06 -3.13 -6.92
N SER A 34 -7.36 -2.28 -6.22
CA SER A 34 -8.06 -1.26 -5.37
C SER A 34 -7.80 0.21 -5.77
N ILE A 35 -7.00 0.45 -6.76
CA ILE A 35 -6.74 1.91 -7.16
C ILE A 35 -8.00 2.76 -7.12
N GLN A 36 -9.15 2.15 -7.09
CA GLN A 36 -10.36 2.99 -7.05
C GLN A 36 -10.50 3.57 -5.64
N GLY A 37 -11.04 4.74 -5.55
CA GLY A 37 -11.20 5.36 -4.21
C GLY A 37 -12.42 4.77 -3.54
N HIS A 38 -13.53 4.97 -4.19
CA HIS A 38 -14.81 4.43 -3.65
C HIS A 38 -14.71 2.94 -3.42
N ASN A 39 -15.85 2.31 -3.37
CA ASN A 39 -15.90 0.81 -3.14
C ASN A 39 -15.81 0.51 -1.64
N ASP A 40 -16.19 -0.68 -1.27
CA ASP A 40 -16.13 -1.03 0.18
C ASP A 40 -14.71 -1.05 0.67
N TYR A 41 -14.41 -0.12 1.50
CA TYR A 41 -13.02 -0.03 2.07
C TYR A 41 -13.09 0.64 3.44
N MET A 42 -13.16 -0.17 4.48
CA MET A 42 -13.22 0.41 5.85
C MET A 42 -12.69 -0.58 6.89
N CYS A 43 -12.01 -0.06 7.87
CA CYS A 43 -11.45 -0.94 8.94
C CYS A 43 -12.58 -1.78 9.57
N PRO A 44 -12.23 -2.79 10.38
CA PRO A 44 -13.23 -3.64 11.03
C PRO A 44 -14.10 -2.84 12.02
N ALA A 45 -14.16 -1.53 11.85
CA ALA A 45 -14.95 -0.71 12.74
C ALA A 45 -15.20 0.55 12.04
N THR A 46 -14.85 1.64 12.63
CA THR A 46 -15.11 2.87 11.91
C THR A 46 -14.44 4.09 12.58
N ASN A 47 -13.22 3.93 13.03
CA ASN A 47 -12.55 5.09 13.68
C ASN A 47 -11.04 4.86 13.86
N GLN A 48 -10.46 4.11 12.97
CA GLN A 48 -9.00 3.86 13.10
C GLN A 48 -8.45 3.13 11.89
N CYS A 49 -7.22 3.44 11.52
CA CYS A 49 -6.61 2.77 10.34
C CYS A 49 -5.07 2.80 10.43
N THR A 50 -4.49 1.65 10.28
CA THR A 50 -3.01 1.51 10.34
C THR A 50 -2.60 0.08 9.97
N ILE A 51 -1.56 -0.06 9.15
CA ILE A 51 -1.11 -1.45 8.75
C ILE A 51 0.33 -1.70 9.13
N ASP A 52 0.79 -2.89 8.84
CA ASP A 52 2.18 -3.27 9.16
C ASP A 52 2.49 -4.62 8.56
N LYS A 53 1.47 -5.42 8.38
CA LYS A 53 1.65 -6.77 7.80
C LYS A 53 2.42 -6.68 6.47
N ASN A 54 2.40 -7.76 5.71
CA ASN A 54 3.14 -7.76 4.40
C ASN A 54 2.30 -8.42 3.30
N ARG A 55 1.22 -9.07 3.69
CA ARG A 55 0.36 -9.74 2.67
C ARG A 55 -0.83 -8.88 2.31
N ARG A 56 -1.89 -9.14 2.96
CA ARG A 56 -3.14 -8.37 2.71
C ARG A 56 -4.25 -8.83 3.64
N LYS A 57 -3.86 -9.40 4.74
CA LYS A 57 -4.87 -9.90 5.73
C LYS A 57 -5.25 -8.79 6.73
N SER A 58 -5.06 -7.55 6.32
CA SER A 58 -5.40 -6.40 7.21
C SER A 58 -6.64 -5.67 6.71
N CYS A 59 -6.65 -4.36 6.84
CA CYS A 59 -7.83 -3.58 6.37
C CYS A 59 -7.58 -3.05 4.98
N GLN A 60 -8.40 -3.43 4.07
CA GLN A 60 -8.23 -2.97 2.69
C GLN A 60 -8.24 -1.45 2.63
N ALA A 61 -8.86 -0.83 3.59
CA ALA A 61 -8.92 0.66 3.61
C ALA A 61 -7.68 1.26 4.24
N CYS A 62 -6.82 0.40 4.72
CA CYS A 62 -5.57 0.89 5.35
C CYS A 62 -4.48 0.73 4.33
N ARG A 63 -4.41 -0.43 3.76
CA ARG A 63 -3.38 -0.66 2.75
C ARG A 63 -3.61 0.32 1.63
N LEU A 64 -4.84 0.36 1.17
CA LEU A 64 -5.17 1.28 0.10
C LEU A 64 -4.83 2.70 0.47
N ARG A 65 -5.41 3.15 1.54
CA ARG A 65 -5.14 4.52 1.99
C ARG A 65 -3.66 4.70 2.18
N LYS A 66 -3.04 3.73 2.75
CA LYS A 66 -1.60 3.83 2.97
C LYS A 66 -0.89 3.68 1.66
N CYS A 67 -1.62 3.24 0.64
CA CYS A 67 -0.98 3.08 -0.68
C CYS A 67 -1.09 4.40 -1.41
N TYR A 68 -2.14 5.14 -1.10
CA TYR A 68 -2.31 6.46 -1.76
C TYR A 68 -1.52 7.50 -0.97
N GLU A 69 -1.46 7.31 0.34
CA GLU A 69 -0.71 8.27 1.19
C GLU A 69 0.68 8.40 0.68
N VAL A 70 0.98 7.47 -0.11
CA VAL A 70 2.30 7.37 -0.76
C VAL A 70 2.47 8.39 -1.83
N GLY A 71 1.58 8.31 -2.74
CA GLY A 71 1.56 9.22 -3.91
C GLY A 71 1.98 8.39 -5.12
N MET A 72 1.57 7.14 -5.12
CA MET A 72 1.94 6.22 -6.27
C MET A 72 1.01 6.42 -7.42
N MET A 73 -0.16 6.02 -7.19
CA MET A 73 -1.20 6.13 -8.21
C MET A 73 -0.81 5.29 -9.37
N LYS A 74 -1.67 4.37 -9.72
CA LYS A 74 -1.37 3.47 -10.86
C LYS A 74 -0.59 4.18 -11.98
N GLY A 75 -0.79 5.46 -12.09
CA GLY A 75 -0.07 6.24 -13.15
C GLY A 75 -0.71 5.98 -14.52
N MET A 1 19.12 7.00 -8.51
CA MET A 1 20.05 7.06 -7.35
C MET A 1 20.67 5.68 -7.10
N LYS A 2 21.06 5.43 -5.88
CA LYS A 2 21.67 4.11 -5.58
C LYS A 2 21.65 3.83 -4.08
N GLU A 3 20.62 3.16 -3.64
CA GLU A 3 20.50 2.83 -2.19
C GLU A 3 19.31 1.91 -1.98
N THR A 4 19.38 1.07 -0.97
CA THR A 4 18.24 0.16 -0.72
C THR A 4 17.00 0.91 -0.28
N ARG A 5 15.97 0.82 -1.07
CA ARG A 5 14.70 1.52 -0.74
C ARG A 5 13.74 0.49 -0.19
N TYR A 6 12.58 0.90 0.21
CA TYR A 6 11.62 -0.12 0.77
C TYR A 6 10.16 0.29 0.54
N CYS A 7 9.24 -0.57 0.96
CA CYS A 7 7.80 -0.23 0.77
C CYS A 7 7.55 1.12 1.34
N ALA A 8 7.06 1.99 0.53
CA ALA A 8 6.79 3.33 1.02
C ALA A 8 6.07 3.31 2.39
N VAL A 9 5.27 2.29 2.67
CA VAL A 9 4.57 2.30 4.02
C VAL A 9 3.97 0.95 4.47
N CYS A 10 3.50 0.14 3.56
CA CYS A 10 2.88 -1.20 4.01
C CYS A 10 3.78 -2.46 4.04
N ASN A 11 5.09 -2.35 3.99
CA ASN A 11 5.88 -3.60 4.04
C ASN A 11 7.36 -3.32 4.28
N ASP A 12 8.13 -3.38 3.24
CA ASP A 12 9.60 -3.12 3.37
C ASP A 12 10.27 -3.28 2.02
N TYR A 13 11.50 -3.80 2.04
CA TYR A 13 12.26 -4.00 0.75
C TYR A 13 11.33 -4.24 -0.43
N ALA A 14 11.12 -3.19 -1.14
CA ALA A 14 10.24 -3.27 -2.32
C ALA A 14 10.94 -3.97 -3.48
N SER A 15 10.22 -4.82 -4.15
CA SER A 15 10.84 -5.54 -5.29
C SER A 15 11.50 -4.54 -6.23
N GLY A 16 10.99 -3.35 -6.24
CA GLY A 16 11.55 -2.29 -7.12
C GLY A 16 10.49 -1.25 -7.43
N TYR A 17 10.77 -0.41 -8.39
CA TYR A 17 9.78 0.63 -8.76
C TYR A 17 8.66 0.02 -9.61
N HIS A 18 7.45 0.43 -9.33
CA HIS A 18 6.29 -0.10 -10.11
C HIS A 18 5.29 1.02 -10.34
N TYR A 19 4.92 1.68 -9.28
CA TYR A 19 3.95 2.79 -9.39
C TYR A 19 4.71 4.09 -9.59
N GLY A 20 5.19 4.60 -8.51
CA GLY A 20 5.96 5.86 -8.53
C GLY A 20 6.75 5.91 -7.24
N VAL A 21 6.86 4.76 -6.65
CA VAL A 21 7.61 4.64 -5.37
C VAL A 21 8.15 3.25 -5.21
N TRP A 22 9.19 3.13 -4.45
CA TRP A 22 9.77 1.79 -4.26
C TRP A 22 8.76 1.04 -3.45
N SER A 23 7.76 0.54 -4.12
CA SER A 23 6.70 -0.20 -3.42
C SER A 23 6.82 -1.71 -3.52
N CYS A 24 6.26 -2.30 -2.54
CA CYS A 24 6.22 -3.77 -2.38
C CYS A 24 5.94 -4.54 -3.67
N GLU A 25 5.75 -5.82 -3.48
CA GLU A 25 5.45 -6.74 -4.59
C GLU A 25 4.08 -7.35 -4.34
N GLY A 26 3.75 -7.42 -3.07
CA GLY A 26 2.42 -7.98 -2.66
C GLY A 26 1.45 -6.83 -2.41
N CYS A 27 1.70 -6.03 -1.41
CA CYS A 27 0.75 -4.91 -1.17
C CYS A 27 0.62 -4.11 -2.47
N LYS A 28 1.61 -4.24 -3.30
CA LYS A 28 1.58 -3.51 -4.61
C LYS A 28 0.49 -4.14 -5.46
N ALA A 29 0.53 -5.44 -5.55
CA ALA A 29 -0.48 -6.12 -6.36
C ALA A 29 -1.87 -5.71 -5.91
N PHE A 30 -2.01 -5.47 -4.63
CA PHE A 30 -3.32 -5.05 -4.11
C PHE A 30 -3.67 -3.70 -4.67
N PHE A 31 -2.79 -2.78 -4.43
CA PHE A 31 -3.02 -1.41 -4.93
C PHE A 31 -3.48 -1.41 -6.38
N LYS A 32 -2.87 -2.24 -7.21
CA LYS A 32 -3.29 -2.26 -8.65
C LYS A 32 -4.70 -2.79 -8.80
N ARG A 33 -4.91 -3.93 -8.25
CA ARG A 33 -6.25 -4.53 -8.34
C ARG A 33 -7.21 -3.82 -7.41
N SER A 34 -6.64 -2.97 -6.59
CA SER A 34 -7.48 -2.20 -5.62
C SER A 34 -7.44 -0.68 -5.78
N ILE A 35 -6.88 -0.18 -6.85
CA ILE A 35 -6.85 1.34 -6.98
C ILE A 35 -8.27 1.95 -6.78
N GLN A 36 -8.72 2.71 -7.74
CA GLN A 36 -10.05 3.33 -7.62
C GLN A 36 -10.15 4.14 -6.33
N GLY A 37 -10.88 5.21 -6.39
CA GLY A 37 -11.03 6.08 -5.18
C GLY A 37 -12.42 5.90 -4.58
N HIS A 38 -13.39 6.43 -5.26
CA HIS A 38 -14.78 6.31 -4.76
C HIS A 38 -15.31 4.90 -5.01
N ASN A 39 -14.70 3.94 -4.37
CA ASN A 39 -15.13 2.51 -4.54
C ASN A 39 -15.54 1.93 -3.20
N ASP A 40 -16.21 0.80 -3.23
CA ASP A 40 -16.64 0.20 -1.95
C ASP A 40 -15.47 -0.45 -1.26
N TYR A 41 -15.04 0.18 -0.24
CA TYR A 41 -13.87 -0.35 0.54
C TYR A 41 -14.20 -0.30 2.03
N MET A 42 -13.81 0.78 2.67
CA MET A 42 -14.08 0.93 4.11
C MET A 42 -13.47 -0.22 4.91
N CYS A 43 -13.14 0.08 6.12
CA CYS A 43 -12.54 -0.96 6.99
C CYS A 43 -13.66 -1.88 7.56
N PRO A 44 -13.35 -3.15 7.84
CA PRO A 44 -14.36 -4.06 8.38
C PRO A 44 -14.92 -3.59 9.75
N ALA A 45 -14.70 -2.34 10.11
CA ALA A 45 -15.23 -1.88 11.41
C ALA A 45 -15.16 -0.41 11.50
N THR A 46 -14.24 0.12 10.79
CA THR A 46 -14.09 1.56 10.80
C THR A 46 -13.91 2.07 12.24
N ASN A 47 -12.77 1.76 12.81
CA ASN A 47 -12.48 2.19 14.19
C ASN A 47 -10.98 2.32 14.44
N GLN A 48 -10.34 3.16 13.68
CA GLN A 48 -8.87 3.35 13.85
C GLN A 48 -8.12 2.03 13.67
N CYS A 49 -7.30 1.96 12.66
CA CYS A 49 -6.53 0.71 12.42
C CYS A 49 -5.29 0.99 11.58
N THR A 50 -4.17 0.46 12.01
CA THR A 50 -2.91 0.67 11.27
C THR A 50 -2.82 -0.29 10.10
N ILE A 51 -1.70 -0.26 9.42
CA ILE A 51 -1.51 -1.17 8.25
C ILE A 51 -0.11 -1.78 8.26
N ASP A 52 -0.04 -3.01 7.82
CA ASP A 52 1.28 -3.71 7.78
C ASP A 52 1.17 -4.99 6.97
N LYS A 53 1.25 -6.11 7.64
CA LYS A 53 1.15 -7.40 6.91
C LYS A 53 1.98 -7.38 5.63
N ASN A 54 1.46 -7.98 4.59
CA ASN A 54 2.21 -8.00 3.30
C ASN A 54 1.29 -8.40 2.15
N ARG A 55 0.48 -9.39 2.37
CA ARG A 55 -0.44 -9.85 1.31
C ARG A 55 -1.69 -9.00 1.27
N ARG A 56 -2.62 -9.39 2.03
CA ARG A 56 -3.90 -8.64 2.08
C ARG A 56 -4.84 -9.25 3.12
N LYS A 57 -4.28 -9.92 4.09
CA LYS A 57 -5.14 -10.56 5.15
C LYS A 57 -5.33 -9.60 6.33
N SER A 58 -5.44 -8.33 6.03
CA SER A 58 -5.63 -7.32 7.11
C SER A 58 -6.70 -6.31 6.70
N CYS A 59 -6.41 -5.05 6.87
CA CYS A 59 -7.41 -4.00 6.49
C CYS A 59 -7.15 -3.52 5.06
N GLN A 60 -7.97 -3.98 4.17
CA GLN A 60 -7.83 -3.60 2.75
C GLN A 60 -8.11 -2.12 2.50
N ALA A 61 -8.95 -1.52 3.30
CA ALA A 61 -9.24 -0.07 3.05
C ALA A 61 -8.13 0.85 3.53
N CYS A 62 -7.45 0.48 4.57
CA CYS A 62 -6.36 1.37 5.03
C CYS A 62 -5.20 1.20 4.08
N ARG A 63 -5.02 0.02 3.55
CA ARG A 63 -3.90 -0.17 2.62
C ARG A 63 -4.09 0.76 1.46
N LEU A 64 -5.22 0.63 0.83
CA LEU A 64 -5.50 1.52 -0.32
C LEU A 64 -5.21 2.96 0.03
N ARG A 65 -5.92 3.42 1.01
CA ARG A 65 -5.74 4.81 1.44
C ARG A 65 -4.28 5.10 1.72
N LYS A 66 -3.65 4.25 2.48
CA LYS A 66 -2.24 4.51 2.75
C LYS A 66 -1.47 4.42 1.46
N CYS A 67 -1.97 3.62 0.53
CA CYS A 67 -1.25 3.51 -0.74
C CYS A 67 -1.37 4.80 -1.49
N TYR A 68 -2.45 5.48 -1.30
CA TYR A 68 -2.59 6.77 -2.02
C TYR A 68 -1.80 7.79 -1.24
N GLU A 69 -1.68 7.55 0.04
CA GLU A 69 -0.92 8.49 0.90
C GLU A 69 0.55 8.35 0.61
N VAL A 70 0.88 7.21 0.13
CA VAL A 70 2.30 6.95 -0.23
C VAL A 70 2.73 7.97 -1.22
N GLY A 71 1.95 8.03 -2.23
CA GLY A 71 2.19 8.98 -3.35
C GLY A 71 2.51 8.17 -4.61
N MET A 72 1.69 7.17 -4.88
CA MET A 72 1.93 6.31 -6.11
C MET A 72 1.01 6.70 -7.21
N MET A 73 -0.18 6.40 -6.96
CA MET A 73 -1.25 6.69 -7.94
C MET A 73 -0.96 5.90 -9.18
N LYS A 74 -1.87 5.06 -9.50
CA LYS A 74 -1.71 4.22 -10.71
C LYS A 74 -0.99 4.96 -11.85
N GLY A 75 -1.15 6.26 -11.87
CA GLY A 75 -0.48 7.05 -12.95
C GLY A 75 -1.03 8.47 -12.99
N MET A 1 19.28 11.27 6.38
CA MET A 1 20.11 10.32 7.17
C MET A 1 19.61 8.90 6.95
N LYS A 2 18.42 8.79 6.42
CA LYS A 2 17.86 7.43 6.18
C LYS A 2 18.45 6.81 4.92
N GLU A 3 18.89 5.58 5.03
CA GLU A 3 19.49 4.87 3.85
C GLU A 3 18.57 3.74 3.39
N THR A 4 18.74 3.34 2.14
CA THR A 4 17.89 2.23 1.60
C THR A 4 16.41 2.56 1.71
N ARG A 5 15.70 2.44 0.62
CA ARG A 5 14.24 2.73 0.66
C ARG A 5 13.49 1.46 0.95
N TYR A 6 12.21 1.57 1.12
CA TYR A 6 11.40 0.35 1.42
C TYR A 6 9.95 0.52 0.96
N CYS A 7 9.15 -0.52 1.14
CA CYS A 7 7.76 -0.40 0.72
C CYS A 7 7.11 0.82 1.35
N ALA A 8 6.84 1.77 0.52
CA ALA A 8 6.21 3.01 1.02
C ALA A 8 4.84 2.70 1.60
N VAL A 9 4.47 1.44 1.57
CA VAL A 9 3.11 1.05 2.12
C VAL A 9 3.10 0.03 3.28
N CYS A 10 3.83 -1.07 3.19
CA CYS A 10 3.76 -2.05 4.37
C CYS A 10 4.93 -3.04 4.62
N ASN A 11 5.39 -3.72 3.61
CA ASN A 11 6.48 -4.68 3.84
C ASN A 11 7.78 -4.04 4.23
N ASP A 12 8.63 -3.96 3.30
CA ASP A 12 9.95 -3.37 3.56
C ASP A 12 10.71 -3.26 2.25
N TYR A 13 11.96 -3.69 2.24
CA TYR A 13 12.73 -3.59 0.98
C TYR A 13 11.88 -4.07 -0.20
N ALA A 14 11.44 -3.15 -0.96
CA ALA A 14 10.62 -3.48 -2.14
C ALA A 14 11.42 -4.29 -3.16
N SER A 15 10.80 -5.27 -3.74
CA SER A 15 11.51 -6.11 -4.73
C SER A 15 11.66 -5.40 -6.08
N GLY A 16 11.25 -4.16 -6.12
CA GLY A 16 11.36 -3.41 -7.41
C GLY A 16 10.49 -2.16 -7.38
N TYR A 17 10.82 -1.22 -8.23
CA TYR A 17 10.02 0.03 -8.28
C TYR A 17 8.68 -0.22 -8.97
N HIS A 18 7.67 0.50 -8.54
CA HIS A 18 6.32 0.35 -9.15
C HIS A 18 5.63 1.70 -9.25
N TYR A 19 5.02 1.93 -10.38
CA TYR A 19 4.31 3.23 -10.60
C TYR A 19 5.27 4.40 -10.39
N GLY A 20 5.58 4.69 -9.16
CA GLY A 20 6.51 5.82 -8.91
C GLY A 20 7.11 5.74 -7.52
N VAL A 21 7.55 4.56 -7.13
CA VAL A 21 8.16 4.41 -5.78
C VAL A 21 8.75 3.00 -5.58
N TRP A 22 9.40 2.82 -4.45
CA TRP A 22 10.00 1.50 -4.14
C TRP A 22 8.92 0.70 -3.39
N SER A 23 7.97 0.11 -4.11
CA SER A 23 6.88 -0.69 -3.40
C SER A 23 6.99 -2.17 -3.60
N CYS A 24 6.44 -2.87 -2.66
CA CYS A 24 6.47 -4.35 -2.71
C CYS A 24 5.41 -4.85 -3.70
N GLU A 25 5.71 -5.91 -4.38
CA GLU A 25 4.72 -6.45 -5.36
C GLU A 25 3.38 -6.72 -4.71
N GLY A 26 3.39 -7.40 -3.60
CA GLY A 26 2.10 -7.72 -2.92
C GLY A 26 1.21 -6.48 -2.86
N CYS A 27 1.81 -5.33 -2.67
CA CYS A 27 0.99 -4.09 -2.60
C CYS A 27 0.49 -3.73 -3.99
N LYS A 28 1.41 -3.34 -4.84
CA LYS A 28 1.00 -2.95 -6.23
C LYS A 28 -0.10 -3.88 -6.74
N ALA A 29 -0.11 -5.07 -6.21
CA ALA A 29 -1.15 -6.05 -6.63
C ALA A 29 -2.46 -5.67 -5.98
N PHE A 30 -2.42 -5.47 -4.69
CA PHE A 30 -3.66 -5.11 -3.97
C PHE A 30 -4.09 -3.73 -4.43
N PHE A 31 -3.15 -2.85 -4.38
CA PHE A 31 -3.42 -1.48 -4.78
C PHE A 31 -4.02 -1.43 -6.19
N LYS A 32 -3.59 -2.32 -7.06
CA LYS A 32 -4.12 -2.32 -8.45
C LYS A 32 -5.60 -2.69 -8.47
N ARG A 33 -5.93 -3.68 -7.74
CA ARG A 33 -7.35 -4.12 -7.70
C ARG A 33 -8.14 -3.22 -6.77
N SER A 34 -7.43 -2.41 -6.04
CA SER A 34 -8.10 -1.48 -5.08
C SER A 34 -8.03 0.01 -5.49
N ILE A 35 -7.34 0.34 -6.56
CA ILE A 35 -7.29 1.81 -6.94
C ILE A 35 -8.68 2.44 -6.86
N GLN A 36 -8.71 3.75 -7.02
CA GLN A 36 -10.00 4.53 -6.97
C GLN A 36 -10.39 4.76 -5.52
N GLY A 37 -10.90 5.90 -5.25
CA GLY A 37 -11.30 6.21 -3.85
C GLY A 37 -12.60 5.49 -3.51
N HIS A 38 -13.10 5.74 -2.32
CA HIS A 38 -14.36 5.08 -1.89
C HIS A 38 -14.36 3.62 -2.30
N ASN A 39 -13.26 2.99 -2.05
CA ASN A 39 -13.10 1.56 -2.40
C ASN A 39 -13.68 0.68 -1.30
N ASP A 40 -13.74 -0.58 -1.56
CA ASP A 40 -14.29 -1.51 -0.55
C ASP A 40 -13.51 -1.36 0.73
N TYR A 41 -13.54 -2.37 1.50
CA TYR A 41 -12.81 -2.33 2.80
C TYR A 41 -13.51 -1.40 3.78
N MET A 42 -12.96 -1.32 4.95
CA MET A 42 -13.53 -0.45 6.00
C MET A 42 -12.88 -0.76 7.35
N CYS A 43 -12.44 0.28 7.98
CA CYS A 43 -11.77 0.14 9.32
C CYS A 43 -12.42 1.00 10.45
N PRO A 44 -13.04 2.15 10.12
CA PRO A 44 -13.65 2.97 11.16
C PRO A 44 -14.72 2.18 11.92
N ALA A 45 -14.35 1.70 13.06
CA ALA A 45 -15.28 0.92 13.87
C ALA A 45 -14.66 0.70 15.17
N THR A 46 -13.67 -0.12 15.18
CA THR A 46 -13.02 -0.38 16.44
C THR A 46 -11.73 -1.19 16.24
N ASN A 47 -11.10 -0.99 15.11
CA ASN A 47 -9.84 -1.72 14.83
C ASN A 47 -8.96 -0.89 13.92
N GLN A 48 -8.45 0.19 14.46
CA GLN A 48 -7.56 1.07 13.64
C GLN A 48 -6.64 0.25 12.74
N CYS A 49 -6.24 -0.90 13.22
CA CYS A 49 -5.33 -1.81 12.43
C CYS A 49 -4.13 -1.07 11.83
N THR A 50 -2.97 -1.59 12.12
CA THR A 50 -1.72 -0.96 11.60
C THR A 50 -1.24 -1.76 10.39
N ILE A 51 -0.99 -1.09 9.31
CA ILE A 51 -0.52 -1.80 8.10
C ILE A 51 0.97 -2.13 8.22
N ASP A 52 1.29 -3.36 7.91
CA ASP A 52 2.71 -3.79 7.98
C ASP A 52 2.89 -5.14 7.27
N LYS A 53 1.83 -5.89 7.23
CA LYS A 53 1.89 -7.22 6.56
C LYS A 53 2.33 -7.10 5.10
N ASN A 54 1.73 -7.88 4.23
CA ASN A 54 2.12 -7.81 2.80
C ASN A 54 1.13 -8.57 1.92
N ARG A 55 0.24 -9.30 2.53
CA ARG A 55 -0.76 -10.06 1.75
C ARG A 55 -2.02 -9.24 1.55
N ARG A 56 -2.98 -9.53 2.33
CA ARG A 56 -4.29 -8.80 2.26
C ARG A 56 -5.30 -9.47 3.18
N LYS A 57 -4.80 -10.25 4.10
CA LYS A 57 -5.72 -10.96 5.05
C LYS A 57 -5.79 -10.23 6.40
N SER A 58 -5.52 -8.94 6.35
CA SER A 58 -5.56 -8.12 7.61
C SER A 58 -6.37 -6.87 7.37
N CYS A 59 -5.73 -5.87 6.81
CA CYS A 59 -6.43 -4.59 6.53
C CYS A 59 -6.30 -4.25 5.06
N GLN A 60 -7.37 -3.72 4.52
CA GLN A 60 -7.37 -3.34 3.09
C GLN A 60 -7.71 -1.88 2.91
N ALA A 61 -8.32 -1.28 3.91
CA ALA A 61 -8.67 0.16 3.76
C ALA A 61 -7.48 1.06 4.06
N CYS A 62 -6.75 0.78 5.13
CA CYS A 62 -5.57 1.65 5.42
C CYS A 62 -4.50 1.35 4.39
N ARG A 63 -4.50 0.15 3.87
CA ARG A 63 -3.48 -0.18 2.86
C ARG A 63 -3.67 0.72 1.69
N LEU A 64 -4.88 0.69 1.18
CA LEU A 64 -5.21 1.54 0.04
C LEU A 64 -4.87 2.97 0.35
N ARG A 65 -5.54 3.51 1.35
CA ARG A 65 -5.28 4.90 1.73
C ARG A 65 -3.80 5.11 1.89
N LYS A 66 -3.13 4.16 2.47
CA LYS A 66 -1.70 4.32 2.63
C LYS A 66 -1.10 4.35 1.27
N CYS A 67 -1.66 3.58 0.37
CA CYS A 67 -1.12 3.55 -0.98
C CYS A 67 -1.29 4.91 -1.59
N TYR A 68 -2.44 5.46 -1.45
CA TYR A 68 -2.63 6.79 -2.04
C TYR A 68 -1.73 7.76 -1.31
N GLU A 69 -1.49 7.48 -0.04
CA GLU A 69 -0.61 8.39 0.74
C GLU A 69 0.74 8.42 0.09
N VAL A 70 1.10 7.32 -0.43
CA VAL A 70 2.42 7.21 -1.10
C VAL A 70 2.40 8.09 -2.31
N GLY A 71 1.23 8.37 -2.71
CA GLY A 71 1.05 9.22 -3.89
C GLY A 71 1.57 8.47 -5.08
N MET A 72 1.23 7.19 -5.14
CA MET A 72 1.73 6.37 -6.30
C MET A 72 0.88 6.62 -7.50
N MET A 73 -0.31 6.23 -7.32
CA MET A 73 -1.33 6.36 -8.36
C MET A 73 -0.98 5.44 -9.48
N LYS A 74 -1.89 4.57 -9.79
CA LYS A 74 -1.64 3.60 -10.87
C LYS A 74 -0.89 4.22 -12.05
N GLY A 75 -1.27 5.40 -12.40
CA GLY A 75 -0.59 6.09 -13.53
C GLY A 75 -1.00 5.46 -14.87
N MET A 1 24.64 3.04 6.92
CA MET A 1 23.80 2.72 8.11
C MET A 1 22.46 2.16 7.67
N LYS A 2 22.02 2.58 6.51
CA LYS A 2 20.71 2.07 6.02
C LYS A 2 20.47 2.50 4.57
N GLU A 3 21.37 2.10 3.70
CA GLU A 3 21.22 2.45 2.26
C GLU A 3 20.28 1.48 1.56
N THR A 4 19.00 1.62 1.80
CA THR A 4 18.03 0.72 1.16
C THR A 4 16.62 1.27 1.28
N ARG A 5 15.88 1.22 0.18
CA ARG A 5 14.47 1.74 0.22
C ARG A 5 13.53 0.59 0.52
N TYR A 6 12.29 0.89 0.73
CA TYR A 6 11.31 -0.20 1.03
C TYR A 6 9.89 0.21 0.63
N CYS A 7 8.93 -0.69 0.84
CA CYS A 7 7.53 -0.35 0.47
C CYS A 7 7.22 0.98 1.06
N ALA A 8 6.74 1.87 0.26
CA ALA A 8 6.41 3.21 0.77
C ALA A 8 5.83 3.15 2.18
N VAL A 9 5.03 2.13 2.47
CA VAL A 9 4.44 2.05 3.85
C VAL A 9 3.76 0.70 4.20
N CYS A 10 3.26 0.01 3.22
CA CYS A 10 2.56 -1.32 3.53
C CYS A 10 3.39 -2.64 3.53
N ASN A 11 4.71 -2.61 3.58
CA ASN A 11 5.41 -3.92 3.60
C ASN A 11 6.89 -3.79 3.94
N ASP A 12 7.72 -3.76 2.95
CA ASP A 12 9.19 -3.64 3.22
C ASP A 12 9.97 -3.61 1.92
N TYR A 13 11.20 -4.10 1.99
CA TYR A 13 12.07 -4.11 0.78
C TYR A 13 11.28 -4.26 -0.52
N ALA A 14 11.13 -3.18 -1.16
CA ALA A 14 10.39 -3.17 -2.44
C ALA A 14 11.15 -3.92 -3.53
N SER A 15 10.43 -4.61 -4.34
CA SER A 15 11.09 -5.38 -5.43
C SER A 15 11.61 -4.46 -6.52
N GLY A 16 11.24 -3.20 -6.46
CA GLY A 16 11.73 -2.25 -7.51
C GLY A 16 10.89 -0.97 -7.52
N TYR A 17 11.22 -0.09 -8.42
CA TYR A 17 10.48 1.21 -8.53
C TYR A 17 9.22 1.07 -9.39
N HIS A 18 8.07 1.09 -8.76
CA HIS A 18 6.78 0.97 -9.53
C HIS A 18 5.87 2.16 -9.24
N TYR A 19 5.09 2.54 -10.22
CA TYR A 19 4.14 3.69 -10.06
C TYR A 19 4.88 4.99 -9.67
N GLY A 20 6.15 4.89 -9.33
CA GLY A 20 6.93 6.13 -8.93
C GLY A 20 7.51 6.02 -7.52
N VAL A 21 7.53 4.83 -6.97
CA VAL A 21 8.10 4.68 -5.58
C VAL A 21 8.68 3.31 -5.39
N TRP A 22 9.52 3.21 -4.41
CA TRP A 22 10.14 1.90 -4.14
C TRP A 22 9.03 1.12 -3.50
N SER A 23 8.13 0.65 -4.32
CA SER A 23 6.98 -0.12 -3.80
C SER A 23 7.14 -1.61 -3.81
N CYS A 24 6.33 -2.16 -3.01
CA CYS A 24 6.27 -3.60 -2.81
C CYS A 24 6.01 -4.34 -4.11
N GLU A 25 5.70 -5.61 -3.95
CA GLU A 25 5.42 -6.48 -5.11
C GLU A 25 4.09 -7.17 -4.85
N GLY A 26 3.81 -7.35 -3.57
CA GLY A 26 2.54 -8.02 -3.17
C GLY A 26 1.46 -6.97 -2.95
N CYS A 27 1.68 -6.04 -2.03
CA CYS A 27 0.64 -5.02 -1.81
C CYS A 27 0.33 -4.34 -3.17
N LYS A 28 1.37 -4.14 -3.96
CA LYS A 28 1.15 -3.51 -5.29
C LYS A 28 0.05 -4.25 -6.01
N ALA A 29 -0.06 -5.53 -5.71
CA ALA A 29 -1.11 -6.35 -6.35
C ALA A 29 -2.47 -5.89 -5.82
N PHE A 30 -2.60 -5.93 -4.53
CA PHE A 30 -3.87 -5.51 -3.89
C PHE A 30 -4.21 -4.12 -4.34
N PHE A 31 -3.24 -3.30 -4.23
CA PHE A 31 -3.42 -1.91 -4.62
C PHE A 31 -3.84 -1.80 -6.09
N LYS A 32 -3.41 -2.75 -6.90
CA LYS A 32 -3.79 -2.72 -8.35
C LYS A 32 -5.28 -2.96 -8.54
N ARG A 33 -5.77 -3.90 -7.81
CA ARG A 33 -7.22 -4.23 -7.91
C ARG A 33 -8.04 -3.24 -7.10
N SER A 34 -7.35 -2.46 -6.31
CA SER A 34 -8.05 -1.46 -5.45
C SER A 34 -7.78 0.00 -5.84
N ILE A 35 -6.95 0.25 -6.80
CA ILE A 35 -6.68 1.70 -7.18
C ILE A 35 -7.97 2.50 -7.20
N GLN A 36 -7.83 3.79 -7.19
CA GLN A 36 -9.01 4.68 -7.19
C GLN A 36 -9.80 4.43 -5.93
N GLY A 37 -10.34 5.44 -5.37
CA GLY A 37 -11.12 5.26 -4.13
C GLY A 37 -12.38 4.45 -4.43
N HIS A 38 -12.28 3.14 -4.34
CA HIS A 38 -13.46 2.27 -4.62
C HIS A 38 -13.43 1.00 -3.78
N ASN A 39 -14.40 0.15 -4.00
CA ASN A 39 -14.45 -1.12 -3.23
C ASN A 39 -14.83 -0.83 -1.77
N ASP A 40 -15.43 -1.80 -1.14
CA ASP A 40 -15.83 -1.61 0.29
C ASP A 40 -14.83 -2.26 1.20
N TYR A 41 -14.09 -1.45 1.85
CA TYR A 41 -13.04 -1.94 2.80
C TYR A 41 -13.33 -1.47 4.22
N MET A 42 -12.99 -0.23 4.48
CA MET A 42 -13.22 0.34 5.83
C MET A 42 -12.26 -0.29 6.85
N CYS A 43 -11.88 0.50 7.80
CA CYS A 43 -10.95 0.01 8.87
C CYS A 43 -11.75 -0.51 10.10
N PRO A 44 -11.31 -1.61 10.74
CA PRO A 44 -12.03 -2.14 11.91
C PRO A 44 -11.90 -1.20 13.12
N ALA A 45 -11.76 0.07 12.88
CA ALA A 45 -11.63 1.03 14.00
C ALA A 45 -11.93 2.37 13.54
N THR A 46 -11.78 2.54 12.27
CA THR A 46 -12.06 3.85 11.71
C THR A 46 -11.23 4.93 12.41
N ASN A 47 -9.94 4.81 12.31
CA ASN A 47 -9.04 5.80 12.97
C ASN A 47 -7.59 5.56 12.57
N GLN A 48 -7.41 5.01 11.39
CA GLN A 48 -6.03 4.74 10.91
C GLN A 48 -5.29 3.80 11.86
N CYS A 49 -5.04 2.59 11.39
CA CYS A 49 -4.32 1.59 12.25
C CYS A 49 -3.08 1.07 11.52
N THR A 50 -2.18 0.48 12.25
CA THR A 50 -0.95 -0.06 11.61
C THR A 50 -1.29 -0.84 10.36
N ILE A 51 -0.27 -1.19 9.61
CA ILE A 51 -0.50 -1.95 8.35
C ILE A 51 0.79 -2.67 7.95
N ASP A 52 0.67 -3.87 7.45
CA ASP A 52 1.87 -4.62 7.03
C ASP A 52 1.48 -5.95 6.39
N LYS A 53 1.63 -7.03 7.13
CA LYS A 53 1.27 -8.35 6.56
C LYS A 53 1.92 -8.54 5.20
N ASN A 54 1.30 -9.34 4.37
CA ASN A 54 1.86 -9.57 3.01
C ASN A 54 0.80 -10.10 2.06
N ARG A 55 -0.33 -10.49 2.62
CA ARG A 55 -1.43 -11.03 1.78
C ARG A 55 -2.52 -10.01 1.62
N ARG A 56 -3.52 -10.17 2.40
CA ARG A 56 -4.68 -9.23 2.37
C ARG A 56 -5.75 -9.70 3.36
N LYS A 57 -5.39 -9.77 4.62
CA LYS A 57 -6.39 -10.22 5.64
C LYS A 57 -6.20 -9.46 6.95
N SER A 58 -6.39 -8.17 6.88
CA SER A 58 -6.24 -7.33 8.10
C SER A 58 -7.02 -6.03 7.93
N CYS A 59 -6.52 -5.16 7.10
CA CYS A 59 -7.21 -3.87 6.86
C CYS A 59 -6.96 -3.39 5.43
N GLN A 60 -7.94 -3.55 4.61
CA GLN A 60 -7.80 -3.14 3.20
C GLN A 60 -7.91 -1.62 3.04
N ALA A 61 -8.61 -0.99 3.93
CA ALA A 61 -8.75 0.49 3.81
C ALA A 61 -7.50 1.21 4.24
N CYS A 62 -6.84 0.76 5.26
CA CYS A 62 -5.61 1.47 5.67
C CYS A 62 -4.54 1.17 4.66
N ARG A 63 -4.51 -0.04 4.16
CA ARG A 63 -3.48 -0.37 3.17
C ARG A 63 -3.68 0.54 1.96
N LEU A 64 -4.84 0.43 1.41
CA LEU A 64 -5.17 1.25 0.25
C LEU A 64 -4.86 2.71 0.50
N ARG A 65 -5.45 3.24 1.54
CA ARG A 65 -5.21 4.65 1.85
C ARG A 65 -3.73 4.88 2.03
N LYS A 66 -3.08 3.97 2.69
CA LYS A 66 -1.63 4.14 2.88
C LYS A 66 -0.94 3.94 1.58
N CYS A 67 -1.65 3.41 0.60
CA CYS A 67 -1.03 3.19 -0.72
C CYS A 67 -1.21 4.47 -1.52
N TYR A 68 -2.31 5.14 -1.26
CA TYR A 68 -2.56 6.41 -2.00
C TYR A 68 -1.76 7.51 -1.31
N GLU A 69 -1.57 7.35 -0.02
CA GLU A 69 -0.81 8.36 0.72
C GLU A 69 0.58 8.47 0.15
N VAL A 70 0.87 7.49 -0.59
CA VAL A 70 2.20 7.38 -1.26
C VAL A 70 2.25 8.19 -2.54
N GLY A 71 1.13 8.63 -2.96
CA GLY A 71 1.09 9.42 -4.21
C GLY A 71 1.60 8.50 -5.32
N MET A 72 1.20 7.24 -5.20
CA MET A 72 1.62 6.21 -6.19
C MET A 72 0.81 6.27 -7.46
N MET A 73 -0.33 5.70 -7.34
CA MET A 73 -1.28 5.60 -8.45
C MET A 73 -0.72 4.61 -9.41
N LYS A 74 -1.45 3.56 -9.61
CA LYS A 74 -0.99 2.52 -10.55
C LYS A 74 -0.35 3.14 -11.81
N GLY A 75 -0.78 4.31 -12.15
CA GLY A 75 -0.20 4.98 -13.36
C GLY A 75 1.24 5.43 -13.08
N MET A 1 21.95 8.60 -2.24
CA MET A 1 22.59 8.36 -3.55
C MET A 1 22.04 7.07 -4.17
N LYS A 2 22.07 6.02 -3.39
CA LYS A 2 21.55 4.72 -3.91
C LYS A 2 21.39 3.72 -2.78
N GLU A 3 21.00 4.20 -1.63
CA GLU A 3 20.82 3.29 -0.48
C GLU A 3 19.64 2.37 -0.70
N THR A 4 19.42 1.47 0.22
CA THR A 4 18.28 0.53 0.07
C THR A 4 16.97 1.20 0.42
N ARG A 5 16.03 1.13 -0.50
CA ARG A 5 14.70 1.75 -0.24
C ARG A 5 13.78 0.67 0.27
N TYR A 6 12.59 1.05 0.60
CA TYR A 6 11.63 0.04 1.12
C TYR A 6 10.20 0.44 0.77
N CYS A 7 9.23 -0.41 1.06
CA CYS A 7 7.84 -0.01 0.70
C CYS A 7 7.56 1.32 1.27
N ALA A 8 6.89 2.11 0.53
CA ALA A 8 6.59 3.46 1.03
C ALA A 8 6.06 3.41 2.48
N VAL A 9 5.29 2.37 2.82
CA VAL A 9 4.74 2.29 4.23
C VAL A 9 4.24 0.88 4.64
N CYS A 10 3.57 0.24 3.73
CA CYS A 10 3.04 -1.12 4.03
C CYS A 10 4.07 -2.19 4.47
N ASN A 11 4.92 -2.68 3.58
CA ASN A 11 5.91 -3.72 4.02
C ASN A 11 7.29 -3.15 4.27
N ASP A 12 8.15 -3.31 3.31
CA ASP A 12 9.51 -2.81 3.45
C ASP A 12 10.30 -3.05 2.16
N TYR A 13 11.50 -3.59 2.29
CA TYR A 13 12.35 -3.86 1.07
C TYR A 13 11.52 -4.07 -0.18
N ALA A 14 11.36 -3.03 -0.88
CA ALA A 14 10.56 -3.06 -2.12
C ALA A 14 11.21 -4.00 -3.15
N SER A 15 10.37 -4.68 -3.87
CA SER A 15 10.90 -5.63 -4.89
C SER A 15 11.35 -4.89 -6.15
N GLY A 16 11.14 -3.61 -6.18
CA GLY A 16 11.56 -2.81 -7.39
C GLY A 16 10.60 -1.64 -7.62
N TYR A 17 10.98 -0.78 -8.53
CA TYR A 17 10.12 0.40 -8.84
C TYR A 17 9.03 0.04 -9.86
N HIS A 18 7.80 0.27 -9.48
CA HIS A 18 6.68 -0.05 -10.39
C HIS A 18 5.45 0.73 -10.00
N TYR A 19 5.64 1.75 -9.20
CA TYR A 19 4.48 2.56 -8.77
C TYR A 19 4.93 3.96 -8.34
N GLY A 20 5.90 4.48 -9.05
CA GLY A 20 6.39 5.84 -8.69
C GLY A 20 6.97 5.82 -7.29
N VAL A 21 7.14 4.64 -6.78
CA VAL A 21 7.70 4.50 -5.42
C VAL A 21 8.26 3.12 -5.20
N TRP A 22 9.22 3.04 -4.33
CA TRP A 22 9.81 1.73 -4.06
C TRP A 22 8.81 0.94 -3.28
N SER A 23 7.83 0.42 -3.99
CA SER A 23 6.75 -0.39 -3.32
C SER A 23 7.04 -1.87 -3.48
N CYS A 24 6.47 -2.69 -2.62
CA CYS A 24 6.73 -4.17 -2.75
C CYS A 24 5.84 -4.82 -3.84
N GLU A 25 5.75 -6.15 -3.81
CA GLU A 25 4.92 -6.87 -4.84
C GLU A 25 3.43 -7.04 -4.46
N GLY A 26 3.15 -8.04 -3.64
CA GLY A 26 1.71 -8.28 -3.22
C GLY A 26 0.98 -6.95 -2.99
N CYS A 27 1.74 -5.97 -2.70
CA CYS A 27 1.20 -4.63 -2.46
C CYS A 27 0.85 -3.97 -3.77
N LYS A 28 1.75 -4.06 -4.69
CA LYS A 28 1.51 -3.46 -6.00
C LYS A 28 0.23 -4.05 -6.59
N ALA A 29 0.08 -5.34 -6.41
CA ALA A 29 -1.12 -6.01 -6.94
C ALA A 29 -2.36 -5.53 -6.20
N PHE A 30 -2.30 -5.58 -4.90
CA PHE A 30 -3.47 -5.11 -4.10
C PHE A 30 -3.86 -3.73 -4.53
N PHE A 31 -2.88 -2.92 -4.65
CA PHE A 31 -3.16 -1.54 -5.06
C PHE A 31 -3.69 -1.48 -6.50
N LYS A 32 -3.19 -2.35 -7.35
CA LYS A 32 -3.66 -2.35 -8.78
C LYS A 32 -5.12 -2.74 -8.87
N ARG A 33 -5.49 -3.70 -8.07
CA ARG A 33 -6.90 -4.15 -8.09
C ARG A 33 -7.78 -3.22 -7.27
N SER A 34 -7.14 -2.37 -6.50
CA SER A 34 -7.92 -1.41 -5.64
C SER A 34 -7.72 0.06 -6.00
N ILE A 35 -6.94 0.37 -7.00
CA ILE A 35 -6.77 1.84 -7.34
C ILE A 35 -8.08 2.59 -7.29
N GLN A 36 -9.16 1.89 -7.33
CA GLN A 36 -10.44 2.60 -7.29
C GLN A 36 -10.60 3.23 -5.92
N GLY A 37 -11.20 4.37 -5.88
CA GLY A 37 -11.40 5.06 -4.56
C GLY A 37 -12.76 4.69 -3.99
N HIS A 38 -13.77 5.27 -4.55
CA HIS A 38 -15.14 4.97 -4.07
C HIS A 38 -15.43 3.48 -4.17
N ASN A 39 -15.39 2.82 -3.05
CA ASN A 39 -15.66 1.37 -3.05
C ASN A 39 -15.82 0.86 -1.63
N ASP A 40 -16.48 -0.24 -1.50
CA ASP A 40 -16.67 -0.80 -0.14
C ASP A 40 -15.41 -1.47 0.28
N TYR A 41 -14.76 -0.87 1.21
CA TYR A 41 -13.47 -1.44 1.72
C TYR A 41 -13.52 -1.69 3.22
N MET A 42 -12.41 -2.13 3.75
CA MET A 42 -12.35 -2.43 5.20
C MET A 42 -12.77 -1.23 6.06
N CYS A 43 -12.36 -1.29 7.29
CA CYS A 43 -12.67 -0.21 8.31
C CYS A 43 -13.37 1.04 7.73
N PRO A 44 -14.68 0.97 7.53
CA PRO A 44 -15.42 2.09 6.97
C PRO A 44 -15.53 3.23 8.02
N ALA A 45 -14.51 3.37 8.84
CA ALA A 45 -14.54 4.44 9.88
C ALA A 45 -13.17 4.94 10.07
N THR A 46 -12.26 4.07 9.87
CA THR A 46 -10.88 4.44 10.03
C THR A 46 -10.64 5.09 11.40
N ASN A 47 -10.70 4.28 12.43
CA ASN A 47 -10.48 4.84 13.82
C ASN A 47 -9.67 3.87 14.68
N GLN A 48 -9.22 2.82 14.08
CA GLN A 48 -8.41 1.82 14.84
C GLN A 48 -7.90 0.72 13.91
N CYS A 49 -6.62 0.74 13.65
CA CYS A 49 -6.05 -0.32 12.75
C CYS A 49 -4.53 -0.33 12.78
N THR A 50 -3.98 -1.18 11.96
CA THR A 50 -2.50 -1.30 11.86
C THR A 50 -2.13 -1.82 10.48
N ILE A 51 -0.94 -1.47 10.01
CA ILE A 51 -0.54 -1.94 8.65
C ILE A 51 0.97 -2.27 8.61
N ASP A 52 1.26 -3.49 8.21
CA ASP A 52 2.69 -3.93 8.15
C ASP A 52 2.85 -5.11 7.18
N LYS A 53 2.36 -6.26 7.57
CA LYS A 53 2.48 -7.45 6.68
C LYS A 53 1.60 -8.61 7.15
N ASN A 54 1.14 -9.41 6.21
CA ASN A 54 0.27 -10.56 6.56
C ASN A 54 -0.04 -11.39 5.31
N ARG A 55 -1.00 -10.95 4.56
CA ARG A 55 -1.40 -11.67 3.31
C ARG A 55 -1.97 -10.66 2.34
N ARG A 56 -2.56 -9.69 2.90
CA ARG A 56 -3.19 -8.60 2.12
C ARG A 56 -3.08 -7.33 2.92
N LYS A 57 -2.03 -7.27 3.71
CA LYS A 57 -1.78 -6.08 4.56
C LYS A 57 -2.90 -5.87 5.57
N SER A 58 -3.09 -6.86 6.43
CA SER A 58 -4.16 -6.78 7.48
C SER A 58 -5.39 -5.99 6.97
N CYS A 59 -5.51 -4.76 7.41
CA CYS A 59 -6.66 -3.96 6.96
C CYS A 59 -6.50 -3.57 5.51
N GLN A 60 -7.44 -3.97 4.72
CA GLN A 60 -7.38 -3.63 3.29
C GLN A 60 -7.74 -2.18 3.04
N ALA A 61 -8.50 -1.61 3.94
CA ALA A 61 -8.88 -0.18 3.75
C ALA A 61 -7.75 0.75 4.09
N CYS A 62 -7.14 0.56 5.21
CA CYS A 62 -6.03 1.47 5.55
C CYS A 62 -4.92 1.23 4.56
N ARG A 63 -4.79 0.00 4.11
CA ARG A 63 -3.73 -0.28 3.14
C ARG A 63 -3.96 0.60 1.94
N LEU A 64 -5.10 0.42 1.33
CA LEU A 64 -5.44 1.23 0.16
C LEU A 64 -5.23 2.69 0.45
N ARG A 65 -5.97 3.19 1.41
CA ARG A 65 -5.83 4.61 1.75
C ARG A 65 -4.39 4.97 1.93
N LYS A 66 -3.65 4.07 2.51
CA LYS A 66 -2.24 4.38 2.68
C LYS A 66 -1.60 4.33 1.33
N CYS A 67 -2.09 3.45 0.48
CA CYS A 67 -1.50 3.36 -0.86
C CYS A 67 -1.66 4.67 -1.56
N TYR A 68 -2.79 5.28 -1.43
CA TYR A 68 -2.94 6.57 -2.11
C TYR A 68 -2.11 7.60 -1.38
N GLU A 69 -1.94 7.38 -0.10
CA GLU A 69 -1.13 8.34 0.69
C GLU A 69 0.28 8.31 0.20
N VAL A 70 0.68 7.16 -0.18
CA VAL A 70 2.07 6.99 -0.69
C VAL A 70 2.28 7.96 -1.82
N GLY A 71 1.20 8.29 -2.43
CA GLY A 71 1.25 9.22 -3.57
C GLY A 71 1.82 8.45 -4.75
N MET A 72 1.19 7.34 -5.05
CA MET A 72 1.67 6.49 -6.21
C MET A 72 0.89 6.74 -7.45
N MET A 73 -0.34 6.41 -7.32
CA MET A 73 -1.29 6.56 -8.42
C MET A 73 -0.81 5.65 -9.51
N LYS A 74 -1.64 4.72 -9.85
CA LYS A 74 -1.26 3.75 -10.92
C LYS A 74 -0.39 4.39 -12.00
N GLY A 75 -0.63 5.65 -12.27
CA GLY A 75 0.17 6.36 -13.31
C GLY A 75 -0.19 5.83 -14.70
N MET A 1 25.74 4.64 -1.90
CA MET A 1 26.75 3.92 -1.07
C MET A 1 26.07 2.83 -0.26
N LYS A 2 24.89 3.12 0.22
CA LYS A 2 24.16 2.11 1.03
C LYS A 2 22.76 2.61 1.38
N GLU A 3 22.31 3.59 0.65
CA GLU A 3 20.95 4.13 0.93
C GLU A 3 19.87 3.21 0.37
N THR A 4 19.67 2.10 1.01
CA THR A 4 18.63 1.15 0.53
C THR A 4 17.23 1.67 0.84
N ARG A 5 16.37 1.63 -0.14
CA ARG A 5 14.97 2.11 0.09
C ARG A 5 14.11 0.93 0.43
N TYR A 6 12.88 1.19 0.74
CA TYR A 6 11.97 0.05 1.08
C TYR A 6 10.52 0.38 0.77
N CYS A 7 9.59 -0.56 1.03
CA CYS A 7 8.18 -0.24 0.73
C CYS A 7 7.84 1.08 1.34
N ALA A 8 7.21 1.90 0.58
CA ALA A 8 6.84 3.22 1.08
C ALA A 8 6.34 3.18 2.54
N VAL A 9 5.62 2.12 2.93
CA VAL A 9 5.13 2.08 4.35
C VAL A 9 4.71 0.67 4.85
N CYS A 10 4.05 -0.07 4.02
CA CYS A 10 3.59 -1.45 4.44
C CYS A 10 4.70 -2.43 4.94
N ASN A 11 5.46 -3.04 4.04
CA ASN A 11 6.52 -3.99 4.50
C ASN A 11 7.89 -3.38 4.53
N ASP A 12 8.63 -3.58 3.49
CA ASP A 12 9.98 -3.03 3.45
C ASP A 12 10.60 -3.25 2.07
N TYR A 13 11.88 -3.65 2.06
CA TYR A 13 12.59 -3.87 0.75
C TYR A 13 11.62 -4.23 -0.37
N ALA A 14 11.24 -3.22 -1.06
CA ALA A 14 10.29 -3.42 -2.18
C ALA A 14 10.92 -4.26 -3.29
N SER A 15 10.13 -5.13 -3.85
CA SER A 15 10.66 -5.99 -4.93
C SER A 15 11.18 -5.15 -6.09
N GLY A 16 10.73 -3.93 -6.15
CA GLY A 16 11.19 -3.04 -7.26
C GLY A 16 10.18 -1.91 -7.50
N TYR A 17 10.69 -0.78 -7.91
CA TYR A 17 9.79 0.38 -8.17
C TYR A 17 8.59 -0.07 -9.01
N HIS A 18 7.68 0.84 -9.23
CA HIS A 18 6.48 0.49 -10.04
C HIS A 18 5.83 1.73 -10.61
N TYR A 19 4.83 2.23 -9.90
CA TYR A 19 4.14 3.44 -10.39
C TYR A 19 5.01 4.65 -10.14
N GLY A 20 5.46 4.78 -8.93
CA GLY A 20 6.31 5.94 -8.59
C GLY A 20 6.84 5.84 -7.18
N VAL A 21 7.22 4.65 -6.78
CA VAL A 21 7.76 4.48 -5.41
C VAL A 21 8.39 3.11 -5.20
N TRP A 22 9.36 3.07 -4.32
CA TRP A 22 10.02 1.77 -4.03
C TRP A 22 8.97 0.95 -3.29
N SER A 23 7.99 0.46 -4.01
CA SER A 23 6.92 -0.34 -3.34
C SER A 23 6.97 -1.82 -3.68
N CYS A 24 6.64 -2.61 -2.68
CA CYS A 24 6.65 -4.07 -2.86
C CYS A 24 5.58 -4.52 -3.84
N GLU A 25 5.71 -5.73 -4.34
CA GLU A 25 4.70 -6.24 -5.30
C GLU A 25 3.36 -6.46 -4.61
N GLY A 26 3.40 -6.99 -3.42
CA GLY A 26 2.12 -7.23 -2.69
C GLY A 26 1.23 -6.00 -2.75
N CYS A 27 1.80 -4.86 -2.42
CA CYS A 27 0.99 -3.62 -2.48
C CYS A 27 0.51 -3.37 -3.88
N LYS A 28 1.42 -3.20 -4.77
CA LYS A 28 1.03 -2.95 -6.18
C LYS A 28 -0.06 -3.92 -6.61
N ALA A 29 0.00 -5.13 -6.12
CA ALA A 29 -1.04 -6.10 -6.51
C ALA A 29 -2.35 -5.70 -5.87
N PHE A 30 -2.36 -5.66 -4.56
CA PHE A 30 -3.59 -5.28 -3.84
C PHE A 30 -4.09 -3.97 -4.36
N PHE A 31 -3.18 -3.10 -4.50
CA PHE A 31 -3.49 -1.78 -5.00
C PHE A 31 -4.13 -1.86 -6.38
N LYS A 32 -3.42 -2.38 -7.32
CA LYS A 32 -4.01 -2.45 -8.67
C LYS A 32 -5.26 -3.32 -8.64
N ARG A 33 -5.48 -3.95 -7.53
CA ARG A 33 -6.67 -4.80 -7.44
C ARG A 33 -7.93 -3.95 -7.34
N SER A 34 -7.78 -2.69 -6.93
CA SER A 34 -9.01 -1.83 -6.84
C SER A 34 -8.80 -0.34 -7.16
N ILE A 35 -7.64 0.21 -6.83
CA ILE A 35 -7.40 1.69 -7.13
C ILE A 35 -8.70 2.51 -6.94
N GLN A 36 -8.75 3.67 -7.53
CA GLN A 36 -9.95 4.53 -7.40
C GLN A 36 -10.12 4.99 -5.97
N GLY A 37 -10.54 6.20 -5.83
CA GLY A 37 -10.74 6.75 -4.46
C GLY A 37 -11.98 6.17 -3.84
N HIS A 38 -13.08 6.50 -4.41
CA HIS A 38 -14.37 6.00 -3.88
C HIS A 38 -14.56 4.52 -4.20
N ASN A 39 -13.62 3.72 -3.75
CA ASN A 39 -13.71 2.25 -4.00
C ASN A 39 -14.34 1.57 -2.81
N ASP A 40 -14.82 0.38 -3.01
CA ASP A 40 -15.45 -0.35 -1.89
C ASP A 40 -14.40 -0.83 -0.91
N TYR A 41 -14.61 -0.57 0.34
CA TYR A 41 -13.61 -1.03 1.33
C TYR A 41 -14.11 -0.97 2.76
N MET A 42 -13.24 -1.39 3.64
CA MET A 42 -13.55 -1.40 5.08
C MET A 42 -13.29 -0.05 5.73
N CYS A 43 -13.05 -0.11 6.99
CA CYS A 43 -12.78 1.14 7.80
C CYS A 43 -13.53 2.37 7.23
N PRO A 44 -14.87 2.33 7.32
CA PRO A 44 -15.72 3.43 6.83
C PRO A 44 -15.59 4.68 7.71
N ALA A 45 -14.42 4.87 8.26
CA ALA A 45 -14.19 6.05 9.12
C ALA A 45 -12.79 6.43 9.03
N THR A 46 -12.02 5.48 8.68
CA THR A 46 -10.60 5.73 8.53
C THR A 46 -10.03 6.37 9.80
N ASN A 47 -10.22 5.70 10.91
CA ASN A 47 -9.69 6.24 12.18
C ASN A 47 -8.20 6.00 12.27
N GLN A 48 -7.59 5.81 11.14
CA GLN A 48 -6.13 5.57 11.11
C GLN A 48 -5.77 4.33 11.91
N CYS A 49 -5.44 3.27 11.21
CA CYS A 49 -5.06 1.98 11.90
C CYS A 49 -3.67 1.54 11.44
N THR A 50 -3.23 0.43 11.94
CA THR A 50 -1.88 -0.06 11.54
C THR A 50 -1.94 -0.85 10.23
N ILE A 51 -0.85 -0.85 9.51
CA ILE A 51 -0.80 -1.59 8.20
C ILE A 51 0.62 -2.11 7.98
N ASP A 52 0.73 -3.34 7.56
CA ASP A 52 2.08 -3.92 7.32
C ASP A 52 2.02 -5.11 6.38
N LYS A 53 3.09 -5.87 6.36
CA LYS A 53 3.13 -7.06 5.48
C LYS A 53 2.12 -8.11 5.93
N ASN A 54 1.41 -8.68 4.99
CA ASN A 54 0.41 -9.70 5.34
C ASN A 54 -0.11 -10.39 4.07
N ARG A 55 -1.09 -9.78 3.46
CA ARG A 55 -1.67 -10.36 2.22
C ARG A 55 -2.86 -9.54 1.78
N ARG A 56 -3.93 -9.75 2.44
CA ARG A 56 -5.17 -9.02 2.11
C ARG A 56 -6.29 -9.40 3.09
N LYS A 57 -5.95 -9.47 4.35
CA LYS A 57 -6.97 -9.83 5.37
C LYS A 57 -6.66 -9.17 6.71
N SER A 58 -6.71 -7.88 6.73
CA SER A 58 -6.42 -7.13 7.99
C SER A 58 -7.04 -5.75 7.94
N CYS A 59 -6.42 -4.86 7.19
CA CYS A 59 -6.96 -3.46 7.07
C CYS A 59 -6.90 -3.03 5.60
N GLN A 60 -7.41 -3.89 4.77
CA GLN A 60 -7.43 -3.62 3.31
C GLN A 60 -7.84 -2.18 3.02
N ALA A 61 -8.86 -1.74 3.67
CA ALA A 61 -9.32 -0.35 3.44
C ALA A 61 -8.23 0.66 3.69
N CYS A 62 -7.50 0.50 4.74
CA CYS A 62 -6.42 1.47 4.99
C CYS A 62 -5.30 1.21 4.03
N ARG A 63 -5.10 -0.05 3.71
CA ARG A 63 -4.00 -0.37 2.77
C ARG A 63 -4.15 0.50 1.53
N LEU A 64 -5.34 0.55 1.01
CA LEU A 64 -5.56 1.38 -0.19
C LEU A 64 -5.21 2.81 0.13
N ARG A 65 -5.93 3.37 1.07
CA ARG A 65 -5.66 4.78 1.44
C ARG A 65 -4.19 4.98 1.65
N LYS A 66 -3.54 4.00 2.20
CA LYS A 66 -2.11 4.16 2.42
C LYS A 66 -1.46 4.20 1.05
N CYS A 67 -1.88 3.29 0.20
CA CYS A 67 -1.30 3.25 -1.15
C CYS A 67 -1.40 4.60 -1.79
N TYR A 68 -2.46 5.29 -1.53
CA TYR A 68 -2.58 6.63 -2.13
C TYR A 68 -1.75 7.61 -1.30
N GLU A 69 -1.64 7.32 -0.03
CA GLU A 69 -0.84 8.21 0.85
C GLU A 69 0.61 8.05 0.54
N VAL A 70 0.91 6.94 0.01
CA VAL A 70 2.31 6.64 -0.35
C VAL A 70 2.77 7.64 -1.37
N GLY A 71 1.94 7.80 -2.32
CA GLY A 71 2.20 8.76 -3.44
C GLY A 71 2.60 7.96 -4.68
N MET A 72 1.72 7.06 -5.08
CA MET A 72 2.01 6.20 -6.31
C MET A 72 1.05 6.49 -7.40
N MET A 73 -0.13 6.08 -7.15
CA MET A 73 -1.23 6.26 -8.11
C MET A 73 -0.99 5.40 -9.31
N LYS A 74 -1.89 4.51 -9.54
CA LYS A 74 -1.75 3.60 -10.69
C LYS A 74 -1.24 4.35 -11.93
N GLY A 75 -1.49 5.63 -11.98
CA GLY A 75 -1.03 6.43 -13.16
C GLY A 75 0.50 6.49 -13.18
N MET A 1 23.96 6.39 -2.25
CA MET A 1 23.23 7.03 -1.13
C MET A 1 23.04 6.04 0.01
N LYS A 2 23.19 6.52 1.22
CA LYS A 2 23.03 5.63 2.40
C LYS A 2 21.57 5.57 2.83
N GLU A 3 20.67 5.86 1.91
CA GLU A 3 19.20 5.83 2.24
C GLU A 3 18.46 4.81 1.39
N THR A 4 18.26 3.64 1.96
CA THR A 4 17.53 2.58 1.20
C THR A 4 16.03 2.78 1.32
N ARG A 5 15.32 2.66 0.23
CA ARG A 5 13.84 2.84 0.30
C ARG A 5 13.20 1.50 0.55
N TYR A 6 11.91 1.50 0.74
CA TYR A 6 11.23 0.20 0.99
C TYR A 6 9.78 0.23 0.54
N CYS A 7 9.07 -0.87 0.78
CA CYS A 7 7.67 -0.93 0.37
C CYS A 7 6.94 0.25 1.01
N ALA A 8 6.96 1.35 0.30
CA ALA A 8 6.30 2.59 0.79
C ALA A 8 4.93 2.32 1.43
N VAL A 9 4.39 1.15 1.22
CA VAL A 9 3.04 0.83 1.82
C VAL A 9 3.03 -0.02 3.08
N CYS A 10 3.79 -1.08 3.12
CA CYS A 10 3.73 -1.90 4.38
C CYS A 10 4.88 -2.98 4.68
N ASN A 11 5.31 -3.77 3.71
CA ASN A 11 6.37 -4.78 4.02
C ASN A 11 7.74 -4.17 4.26
N ASP A 12 8.52 -4.15 3.24
CA ASP A 12 9.88 -3.59 3.38
C ASP A 12 10.56 -3.48 2.02
N TYR A 13 11.88 -3.67 2.00
CA TYR A 13 12.63 -3.58 0.70
C TYR A 13 11.77 -3.90 -0.50
N ALA A 14 11.27 -2.89 -1.09
CA ALA A 14 10.40 -3.06 -2.27
C ALA A 14 11.10 -3.86 -3.35
N SER A 15 10.33 -4.60 -4.09
CA SER A 15 10.94 -5.41 -5.18
C SER A 15 11.48 -4.51 -6.28
N GLY A 16 11.06 -3.27 -6.26
CA GLY A 16 11.54 -2.31 -7.31
C GLY A 16 10.50 -1.22 -7.57
N TYR A 17 10.74 -0.43 -8.58
CA TYR A 17 9.79 0.67 -8.92
C TYR A 17 8.63 0.13 -9.77
N HIS A 18 7.44 0.58 -9.49
CA HIS A 18 6.25 0.10 -10.28
C HIS A 18 5.23 1.22 -10.47
N TYR A 19 4.90 1.89 -9.39
CA TYR A 19 3.91 3.00 -9.48
C TYR A 19 4.62 4.33 -9.61
N GLY A 20 5.82 4.34 -9.16
CA GLY A 20 6.66 5.57 -9.20
C GLY A 20 7.27 5.71 -7.83
N VAL A 21 7.18 4.62 -7.10
CA VAL A 21 7.73 4.57 -5.73
C VAL A 21 8.29 3.20 -5.47
N TRP A 22 9.27 3.15 -4.62
CA TRP A 22 9.86 1.84 -4.33
C TRP A 22 8.81 1.12 -3.51
N SER A 23 7.83 0.59 -4.20
CA SER A 23 6.73 -0.14 -3.51
C SER A 23 6.90 -1.65 -3.51
N CYS A 24 6.11 -2.23 -2.67
CA CYS A 24 6.11 -3.69 -2.50
C CYS A 24 5.92 -4.44 -3.83
N GLU A 25 5.74 -5.75 -3.68
CA GLU A 25 5.53 -6.64 -4.86
C GLU A 25 4.13 -7.21 -4.82
N GLY A 26 3.81 -7.84 -3.72
CA GLY A 26 2.45 -8.44 -3.58
C GLY A 26 1.47 -7.34 -3.17
N CYS A 27 1.76 -6.67 -2.07
CA CYS A 27 0.86 -5.59 -1.64
C CYS A 27 0.70 -4.61 -2.80
N LYS A 28 1.70 -4.54 -3.63
CA LYS A 28 1.63 -3.62 -4.78
C LYS A 28 0.45 -4.06 -5.62
N ALA A 29 0.24 -5.35 -5.64
CA ALA A 29 -0.87 -5.92 -6.43
C ALA A 29 -2.21 -5.45 -5.85
N PHE A 30 -2.28 -5.45 -4.55
CA PHE A 30 -3.54 -5.01 -3.89
C PHE A 30 -3.90 -3.62 -4.37
N PHE A 31 -2.95 -2.76 -4.32
CA PHE A 31 -3.19 -1.37 -4.76
C PHE A 31 -3.78 -1.30 -6.16
N LYS A 32 -3.23 -2.01 -7.08
CA LYS A 32 -3.78 -1.97 -8.47
C LYS A 32 -5.12 -2.66 -8.53
N ARG A 33 -5.27 -3.66 -7.76
CA ARG A 33 -6.54 -4.39 -7.77
C ARG A 33 -7.62 -3.58 -7.06
N SER A 34 -7.20 -2.51 -6.41
CA SER A 34 -8.20 -1.66 -5.66
C SER A 34 -8.26 -0.17 -6.08
N ILE A 35 -7.10 0.52 -6.11
CA ILE A 35 -7.10 2.01 -6.49
C ILE A 35 -8.46 2.65 -6.20
N GLN A 36 -8.90 3.51 -7.08
CA GLN A 36 -10.21 4.19 -6.86
C GLN A 36 -10.28 4.83 -5.48
N GLY A 37 -10.92 5.94 -5.42
CA GLY A 37 -11.05 6.65 -4.10
C GLY A 37 -12.39 6.31 -3.49
N HIS A 38 -13.42 6.82 -4.10
CA HIS A 38 -14.79 6.56 -3.59
C HIS A 38 -15.05 5.07 -3.51
N ASN A 39 -14.61 4.48 -2.43
CA ASN A 39 -14.80 3.01 -2.23
C ASN A 39 -15.36 2.74 -0.84
N ASP A 40 -15.99 1.60 -0.69
CA ASP A 40 -16.57 1.27 0.64
C ASP A 40 -15.49 0.93 1.61
N TYR A 41 -14.34 1.12 1.16
CA TYR A 41 -13.16 0.84 1.98
C TYR A 41 -13.24 1.59 3.31
N MET A 42 -13.33 0.86 4.38
CA MET A 42 -13.41 1.54 5.71
C MET A 42 -12.97 0.59 6.82
N CYS A 43 -12.24 1.14 7.74
CA CYS A 43 -11.75 0.31 8.87
C CYS A 43 -12.94 -0.40 9.56
N PRO A 44 -12.64 -1.41 10.38
CA PRO A 44 -13.69 -2.15 11.08
C PRO A 44 -14.52 -1.20 11.96
N ALA A 45 -14.16 0.05 11.97
CA ALA A 45 -14.90 1.01 12.79
C ALA A 45 -14.46 2.36 12.41
N THR A 46 -13.55 2.90 13.15
CA THR A 46 -13.10 4.22 12.79
C THR A 46 -11.86 4.64 13.59
N ASN A 47 -11.02 3.67 13.88
CA ASN A 47 -9.79 3.98 14.66
C ASN A 47 -8.74 4.60 13.77
N GLN A 48 -9.18 5.37 12.81
CA GLN A 48 -8.22 6.01 11.88
C GLN A 48 -7.48 4.96 11.06
N CYS A 49 -7.47 5.15 9.76
CA CYS A 49 -6.77 4.16 8.90
C CYS A 49 -5.26 4.40 8.89
N THR A 50 -4.54 3.32 9.00
CA THR A 50 -3.06 3.38 8.99
C THR A 50 -2.53 1.95 9.00
N ILE A 51 -1.38 1.73 8.38
CA ILE A 51 -0.82 0.33 8.35
C ILE A 51 0.67 0.33 8.68
N ASP A 52 1.24 -0.85 8.72
CA ASP A 52 2.70 -0.95 9.04
C ASP A 52 3.30 -2.21 8.43
N LYS A 53 2.91 -3.35 8.95
CA LYS A 53 3.48 -4.62 8.41
C LYS A 53 2.55 -5.81 8.66
N ASN A 54 2.04 -6.39 7.61
CA ASN A 54 1.12 -7.54 7.77
C ASN A 54 1.05 -8.35 6.47
N ARG A 55 0.13 -7.98 5.63
CA ARG A 55 -0.02 -8.70 4.33
C ARG A 55 -1.05 -7.99 3.45
N ARG A 56 -2.26 -8.27 3.71
CA ARG A 56 -3.36 -7.65 2.93
C ARG A 56 -4.70 -8.05 3.50
N LYS A 57 -4.69 -8.51 4.74
CA LYS A 57 -5.96 -8.94 5.40
C LYS A 57 -6.28 -8.04 6.58
N SER A 58 -5.55 -6.98 6.69
CA SER A 58 -5.80 -6.04 7.82
C SER A 58 -7.01 -5.20 7.49
N CYS A 59 -6.82 -4.20 6.67
CA CYS A 59 -7.95 -3.32 6.28
C CYS A 59 -7.71 -2.77 4.90
N GLN A 60 -8.48 -3.23 3.96
CA GLN A 60 -8.31 -2.74 2.58
C GLN A 60 -8.26 -1.22 2.53
N ALA A 61 -8.84 -0.59 3.50
CA ALA A 61 -8.82 0.91 3.51
C ALA A 61 -7.53 1.45 4.08
N CYS A 62 -6.85 0.68 4.86
CA CYS A 62 -5.59 1.19 5.41
C CYS A 62 -4.52 0.95 4.37
N ARG A 63 -4.62 -0.18 3.70
CA ARG A 63 -3.62 -0.48 2.66
C ARG A 63 -3.77 0.55 1.57
N LEU A 64 -4.97 0.64 1.09
CA LEU A 64 -5.25 1.60 0.03
C LEU A 64 -4.89 3.01 0.46
N ARG A 65 -5.49 3.42 1.54
CA ARG A 65 -5.20 4.78 2.03
C ARG A 65 -3.72 4.96 2.22
N LYS A 66 -3.06 4.00 2.81
CA LYS A 66 -1.62 4.19 2.98
C LYS A 66 -0.99 4.20 1.62
N CYS A 67 -1.56 3.45 0.70
CA CYS A 67 -0.98 3.43 -0.64
C CYS A 67 -1.14 4.79 -1.28
N TYR A 68 -2.17 5.47 -0.94
CA TYR A 68 -2.33 6.80 -1.56
C TYR A 68 -1.45 7.77 -0.78
N GLU A 69 -1.22 7.45 0.46
CA GLU A 69 -0.38 8.31 1.30
C GLU A 69 1.05 8.24 0.82
N VAL A 70 1.32 7.16 0.18
CA VAL A 70 2.68 6.93 -0.36
C VAL A 70 2.97 7.98 -1.39
N GLY A 71 2.11 7.98 -2.33
CA GLY A 71 2.20 8.95 -3.46
C GLY A 71 2.42 8.15 -4.76
N MET A 72 1.60 7.13 -4.94
CA MET A 72 1.74 6.27 -6.18
C MET A 72 0.64 6.61 -7.18
N MET A 73 0.50 5.77 -8.14
CA MET A 73 -0.52 5.97 -9.16
C MET A 73 -0.61 4.75 -10.02
N LYS A 74 -1.78 4.20 -10.07
CA LYS A 74 -2.03 2.98 -10.89
C LYS A 74 -1.10 2.87 -12.09
N GLY A 75 -0.81 4.00 -12.68
CA GLY A 75 0.10 3.99 -13.85
C GLY A 75 -0.47 3.13 -14.97
N MET A 1 20.79 4.58 -6.61
CA MET A 1 20.65 3.16 -6.20
C MET A 1 21.61 2.84 -5.08
N LYS A 2 22.09 3.86 -4.42
CA LYS A 2 23.04 3.63 -3.30
C LYS A 2 22.30 3.11 -2.06
N GLU A 3 21.55 3.98 -1.45
CA GLU A 3 20.80 3.57 -0.24
C GLU A 3 19.65 2.64 -0.60
N THR A 4 19.37 1.70 0.26
CA THR A 4 18.26 0.75 -0.01
C THR A 4 16.92 1.36 0.30
N ARG A 5 15.99 1.27 -0.62
CA ARG A 5 14.64 1.84 -0.38
C ARG A 5 13.74 0.74 0.12
N TYR A 6 12.54 1.07 0.46
CA TYR A 6 11.61 0.01 0.95
C TYR A 6 10.15 0.38 0.61
N CYS A 7 9.19 -0.49 0.99
CA CYS A 7 7.78 -0.13 0.66
C CYS A 7 7.51 1.25 1.13
N ALA A 8 6.77 1.96 0.37
CA ALA A 8 6.46 3.32 0.77
C ALA A 8 6.04 3.40 2.26
N VAL A 9 5.34 2.38 2.77
CA VAL A 9 4.92 2.45 4.22
C VAL A 9 4.48 1.10 4.82
N CYS A 10 3.79 0.32 4.05
CA CYS A 10 3.30 -1.02 4.58
C CYS A 10 4.39 -2.09 4.91
N ASN A 11 5.02 -2.69 3.91
CA ASN A 11 6.04 -3.72 4.23
C ASN A 11 7.42 -3.16 4.36
N ASP A 12 8.21 -3.37 3.36
CA ASP A 12 9.58 -2.86 3.40
C ASP A 12 10.29 -3.11 2.07
N TYR A 13 11.52 -3.60 2.14
CA TYR A 13 12.31 -3.89 0.89
C TYR A 13 11.42 -4.17 -0.30
N ALA A 14 11.17 -3.14 -1.02
CA ALA A 14 10.31 -3.26 -2.22
C ALA A 14 11.06 -3.95 -3.36
N SER A 15 10.35 -4.74 -4.11
CA SER A 15 10.99 -5.45 -5.24
C SER A 15 11.62 -4.47 -6.22
N GLY A 16 11.12 -3.26 -6.22
CA GLY A 16 11.69 -2.23 -7.14
C GLY A 16 10.67 -1.12 -7.43
N TYR A 17 10.88 -0.43 -8.53
CA TYR A 17 9.94 0.68 -8.90
C TYR A 17 8.87 0.19 -9.89
N HIS A 18 7.63 0.48 -9.59
CA HIS A 18 6.53 0.04 -10.48
C HIS A 18 5.29 0.91 -10.23
N TYR A 19 5.46 1.92 -9.42
CA TYR A 19 4.31 2.83 -9.12
C TYR A 19 4.82 4.21 -8.78
N GLY A 20 6.02 4.50 -9.22
CA GLY A 20 6.60 5.84 -8.93
C GLY A 20 7.15 5.83 -7.51
N VAL A 21 7.17 4.65 -6.94
CA VAL A 21 7.69 4.50 -5.56
C VAL A 21 8.23 3.10 -5.35
N TRP A 22 9.16 2.98 -4.45
CA TRP A 22 9.73 1.65 -4.18
C TRP A 22 8.69 0.90 -3.37
N SER A 23 7.70 0.37 -4.07
CA SER A 23 6.60 -0.39 -3.39
C SER A 23 6.81 -1.90 -3.39
N CYS A 24 6.18 -2.55 -2.44
CA CYS A 24 6.31 -4.04 -2.36
C CYS A 24 5.35 -4.72 -3.33
N GLU A 25 5.78 -5.83 -3.88
CA GLU A 25 4.91 -6.56 -4.83
C GLU A 25 3.48 -6.67 -4.31
N GLY A 26 3.33 -7.16 -3.11
CA GLY A 26 1.97 -7.29 -2.54
C GLY A 26 1.18 -6.00 -2.73
N CYS A 27 1.75 -4.90 -2.30
CA CYS A 27 1.05 -3.61 -2.47
C CYS A 27 0.66 -3.41 -3.91
N LYS A 28 1.60 -3.57 -4.78
CA LYS A 28 1.30 -3.40 -6.20
C LYS A 28 0.07 -4.23 -6.60
N ALA A 29 0.11 -5.48 -6.28
CA ALA A 29 -1.05 -6.36 -6.63
C ALA A 29 -2.33 -5.86 -5.97
N PHE A 30 -2.27 -5.63 -4.70
CA PHE A 30 -3.47 -5.13 -3.98
C PHE A 30 -3.88 -3.79 -4.47
N PHE A 31 -2.92 -3.00 -4.71
CA PHE A 31 -3.17 -1.65 -5.20
C PHE A 31 -3.74 -1.63 -6.61
N LYS A 32 -3.24 -2.51 -7.46
CA LYS A 32 -3.77 -2.52 -8.87
C LYS A 32 -5.21 -2.99 -8.90
N ARG A 33 -5.57 -3.79 -7.94
CA ARG A 33 -6.96 -4.29 -7.90
C ARG A 33 -7.85 -3.36 -7.10
N SER A 34 -7.23 -2.39 -6.48
CA SER A 34 -8.01 -1.40 -5.64
C SER A 34 -7.77 0.06 -6.00
N ILE A 35 -7.03 0.35 -7.02
CA ILE A 35 -6.81 1.82 -7.36
C ILE A 35 -8.10 2.62 -7.28
N GLN A 36 -9.21 1.95 -7.20
CA GLN A 36 -10.45 2.72 -7.12
C GLN A 36 -10.49 3.45 -5.79
N GLY A 37 -11.04 4.61 -5.80
CA GLY A 37 -11.12 5.40 -4.52
C GLY A 37 -12.50 5.23 -3.92
N HIS A 38 -13.46 5.80 -4.58
CA HIS A 38 -14.86 5.72 -4.09
C HIS A 38 -15.41 4.30 -4.27
N ASN A 39 -14.94 3.41 -3.44
CA ASN A 39 -15.40 1.98 -3.51
C ASN A 39 -15.54 1.43 -2.11
N ASP A 40 -16.18 0.30 -1.98
CA ASP A 40 -16.33 -0.27 -0.63
C ASP A 40 -14.96 -0.60 -0.08
N TYR A 41 -14.58 0.12 0.91
CA TYR A 41 -13.25 -0.11 1.53
C TYR A 41 -13.27 0.27 3.01
N MET A 42 -13.37 1.56 3.24
CA MET A 42 -13.40 2.12 4.64
C MET A 42 -13.80 1.08 5.72
N CYS A 43 -13.27 1.29 6.89
CA CYS A 43 -13.56 0.35 8.04
C CYS A 43 -13.71 1.10 9.41
N PRO A 44 -14.59 2.10 9.46
CA PRO A 44 -14.81 2.86 10.70
C PRO A 44 -15.62 2.03 11.70
N ALA A 45 -14.97 1.46 12.67
CA ALA A 45 -15.69 0.66 13.66
C ALA A 45 -14.74 0.28 14.69
N THR A 46 -14.28 -0.93 14.65
CA THR A 46 -13.34 -1.32 15.68
C THR A 46 -12.72 -2.69 15.36
N ASN A 47 -12.74 -3.04 14.10
CA ASN A 47 -12.16 -4.35 13.71
C ASN A 47 -10.64 -4.29 13.72
N GLN A 48 -10.11 -3.49 14.60
CA GLN A 48 -8.63 -3.36 14.69
C GLN A 48 -8.06 -2.84 13.37
N CYS A 49 -7.58 -1.62 13.40
CA CYS A 49 -6.99 -1.01 12.15
C CYS A 49 -5.49 -0.79 12.32
N THR A 50 -4.75 -1.19 11.31
CA THR A 50 -3.28 -1.03 11.38
C THR A 50 -2.64 -1.43 10.04
N ILE A 51 -1.44 -0.96 9.79
CA ILE A 51 -0.75 -1.31 8.50
C ILE A 51 0.76 -1.34 8.70
N ASP A 52 1.33 -2.48 8.44
CA ASP A 52 2.79 -2.64 8.58
C ASP A 52 3.26 -3.83 7.75
N LYS A 53 3.99 -4.74 8.36
CA LYS A 53 4.49 -5.93 7.63
C LYS A 53 3.69 -7.18 8.01
N ASN A 54 2.66 -7.48 7.25
CA ASN A 54 1.83 -8.68 7.56
C ASN A 54 1.49 -9.44 6.27
N ARG A 55 0.32 -9.18 5.75
CA ARG A 55 -0.11 -9.86 4.50
C ARG A 55 -0.97 -8.94 3.64
N ARG A 56 -2.23 -9.06 3.81
CA ARG A 56 -3.18 -8.23 3.05
C ARG A 56 -4.60 -8.44 3.58
N LYS A 57 -4.68 -9.03 4.75
CA LYS A 57 -6.03 -9.28 5.37
C LYS A 57 -6.19 -8.53 6.67
N SER A 58 -5.34 -7.58 6.88
CA SER A 58 -5.41 -6.78 8.14
C SER A 58 -6.47 -5.71 8.00
N CYS A 59 -6.38 -4.95 6.95
CA CYS A 59 -7.36 -3.87 6.71
C CYS A 59 -7.23 -3.36 5.28
N GLN A 60 -7.99 -3.92 4.41
CA GLN A 60 -7.94 -3.50 3.00
C GLN A 60 -8.13 -2.01 2.83
N ALA A 61 -8.94 -1.41 3.65
CA ALA A 61 -9.13 0.07 3.50
C ALA A 61 -7.92 0.83 3.96
N CYS A 62 -7.53 0.64 5.18
CA CYS A 62 -6.34 1.39 5.61
C CYS A 62 -5.21 1.07 4.65
N ARG A 63 -5.20 -0.16 4.14
CA ARG A 63 -4.11 -0.52 3.20
C ARG A 63 -4.19 0.40 2.00
N LEU A 64 -5.28 0.30 1.29
CA LEU A 64 -5.46 1.16 0.11
C LEU A 64 -5.10 2.60 0.44
N ARG A 65 -5.69 3.11 1.47
CA ARG A 65 -5.39 4.49 1.84
C ARG A 65 -3.90 4.61 2.08
N LYS A 66 -3.33 3.58 2.67
CA LYS A 66 -1.89 3.64 2.93
C LYS A 66 -1.17 3.48 1.62
N CYS A 67 -1.88 3.01 0.60
CA CYS A 67 -1.22 2.84 -0.72
C CYS A 67 -1.23 4.18 -1.42
N TYR A 68 -2.27 4.95 -1.16
CA TYR A 68 -2.35 6.29 -1.81
C TYR A 68 -1.55 7.28 -0.97
N GLU A 69 -1.54 7.07 0.34
CA GLU A 69 -0.79 7.99 1.23
C GLU A 69 0.62 8.07 0.75
N VAL A 70 0.92 7.11 0.01
CA VAL A 70 2.26 6.97 -0.59
C VAL A 70 2.54 8.09 -1.51
N GLY A 71 1.65 8.21 -2.40
CA GLY A 71 1.71 9.25 -3.44
C GLY A 71 1.96 8.54 -4.76
N MET A 72 1.55 7.28 -4.81
CA MET A 72 1.74 6.49 -6.08
C MET A 72 0.63 6.79 -7.04
N MET A 73 0.58 6.02 -8.06
CA MET A 73 -0.43 6.20 -9.07
C MET A 73 -0.37 5.05 -10.02
N LYS A 74 -1.50 4.44 -10.22
CA LYS A 74 -1.59 3.27 -11.14
C LYS A 74 -0.51 3.29 -12.23
N GLY A 75 -0.20 4.45 -12.70
CA GLY A 75 0.83 4.58 -13.76
C GLY A 75 0.91 6.02 -14.27
N MET A 1 27.64 -0.45 1.17
CA MET A 1 26.41 0.25 0.71
C MET A 1 26.36 1.65 1.30
N LYS A 2 25.21 2.26 1.24
CA LYS A 2 25.07 3.62 1.80
C LYS A 2 23.62 4.02 1.91
N GLU A 3 22.77 3.32 1.19
CA GLU A 3 21.32 3.65 1.24
C GLU A 3 20.49 2.53 0.65
N THR A 4 19.23 2.53 0.98
CA THR A 4 18.32 1.47 0.47
C THR A 4 16.88 1.90 0.66
N ARG A 5 16.06 1.70 -0.34
CA ARG A 5 14.63 2.09 -0.20
C ARG A 5 13.84 0.91 0.30
N TYR A 6 12.60 1.15 0.60
CA TYR A 6 11.74 0.04 1.11
C TYR A 6 10.28 0.33 0.79
N CYS A 7 9.38 -0.56 1.15
CA CYS A 7 7.98 -0.27 0.83
C CYS A 7 7.61 1.02 1.49
N ALA A 8 6.97 1.87 0.75
CA ALA A 8 6.57 3.18 1.30
C ALA A 8 6.14 3.09 2.77
N VAL A 9 5.45 2.02 3.16
CA VAL A 9 5.02 1.92 4.60
C VAL A 9 4.63 0.49 5.05
N CYS A 10 3.92 -0.20 4.22
CA CYS A 10 3.47 -1.61 4.58
C CYS A 10 4.58 -2.56 5.11
N ASN A 11 5.44 -3.08 4.24
CA ASN A 11 6.51 -4.01 4.73
C ASN A 11 7.88 -3.37 4.77
N ASP A 12 8.63 -3.55 3.72
CA ASP A 12 9.98 -2.98 3.69
C ASP A 12 10.62 -3.19 2.32
N TYR A 13 11.88 -3.62 2.32
CA TYR A 13 12.61 -3.85 1.02
C TYR A 13 11.66 -4.27 -0.09
N ALA A 14 11.30 -3.31 -0.85
CA ALA A 14 10.37 -3.55 -1.98
C ALA A 14 11.10 -4.27 -3.12
N SER A 15 10.39 -5.16 -3.78
CA SER A 15 10.99 -5.90 -4.89
C SER A 15 11.52 -4.96 -5.97
N GLY A 16 10.98 -3.77 -6.01
CA GLY A 16 11.45 -2.78 -7.03
C GLY A 16 10.40 -1.70 -7.26
N TYR A 17 10.61 -0.92 -8.29
CA TYR A 17 9.65 0.17 -8.59
C TYR A 17 8.38 -0.39 -9.24
N HIS A 18 7.33 0.40 -9.24
CA HIS A 18 6.05 -0.07 -9.85
C HIS A 18 5.23 1.09 -10.41
N TYR A 19 5.21 2.19 -9.69
CA TYR A 19 4.42 3.38 -10.17
C TYR A 19 5.23 4.65 -9.96
N GLY A 20 5.60 4.89 -8.72
CA GLY A 20 6.39 6.12 -8.41
C GLY A 20 7.08 5.96 -7.06
N VAL A 21 7.29 4.72 -6.68
CA VAL A 21 7.96 4.44 -5.38
C VAL A 21 8.56 3.06 -5.40
N TRP A 22 9.17 2.71 -4.31
CA TRP A 22 9.79 1.37 -4.18
C TRP A 22 8.85 0.54 -3.32
N SER A 23 7.82 0.01 -3.96
CA SER A 23 6.83 -0.82 -3.19
C SER A 23 6.96 -2.30 -3.46
N CYS A 24 6.48 -3.04 -2.53
CA CYS A 24 6.55 -4.50 -2.65
C CYS A 24 5.55 -4.98 -3.70
N GLU A 25 5.91 -5.99 -4.42
CA GLU A 25 5.00 -6.52 -5.47
C GLU A 25 3.59 -6.74 -4.92
N GLY A 26 3.50 -7.05 -3.67
CA GLY A 26 2.15 -7.26 -3.07
C GLY A 26 1.28 -6.00 -3.14
N CYS A 27 1.72 -4.95 -2.49
CA CYS A 27 0.91 -3.69 -2.52
C CYS A 27 0.49 -3.36 -3.95
N LYS A 28 1.40 -3.40 -4.84
CA LYS A 28 1.04 -3.09 -6.25
C LYS A 28 -0.13 -3.97 -6.68
N ALA A 29 0.02 -5.25 -6.49
CA ALA A 29 -1.08 -6.18 -6.89
C ALA A 29 -2.40 -5.76 -6.24
N PHE A 30 -2.39 -5.66 -4.94
CA PHE A 30 -3.64 -5.27 -4.22
C PHE A 30 -4.08 -3.91 -4.67
N PHE A 31 -3.16 -3.03 -4.66
CA PHE A 31 -3.44 -1.67 -5.06
C PHE A 31 -3.98 -1.61 -6.49
N LYS A 32 -3.53 -2.51 -7.33
CA LYS A 32 -4.03 -2.50 -8.76
C LYS A 32 -5.51 -2.84 -8.81
N ARG A 33 -5.89 -3.79 -8.01
CA ARG A 33 -7.31 -4.21 -7.98
C ARG A 33 -8.14 -3.23 -7.17
N SER A 34 -7.47 -2.39 -6.43
CA SER A 34 -8.20 -1.40 -5.57
C SER A 34 -7.99 0.06 -5.98
N ILE A 35 -7.23 0.34 -7.01
CA ILE A 35 -7.03 1.79 -7.39
C ILE A 35 -8.34 2.56 -7.37
N GLN A 36 -9.43 1.88 -7.30
CA GLN A 36 -10.70 2.61 -7.27
C GLN A 36 -10.82 3.32 -5.92
N GLY A 37 -11.45 4.44 -5.92
CA GLY A 37 -11.59 5.20 -4.63
C GLY A 37 -12.92 4.82 -3.97
N HIS A 38 -13.98 5.38 -4.47
CA HIS A 38 -15.32 5.07 -3.90
C HIS A 38 -15.57 3.57 -3.91
N ASN A 39 -15.30 2.95 -2.79
CA ASN A 39 -15.52 1.48 -2.70
C ASN A 39 -15.59 1.07 -1.23
N ASP A 40 -16.08 -0.12 -0.97
CA ASP A 40 -16.17 -0.62 0.45
C ASP A 40 -14.98 -0.17 1.27
N TYR A 41 -14.16 -1.08 1.48
CA TYR A 41 -12.92 -0.82 2.26
C TYR A 41 -13.21 -0.22 3.63
N MET A 42 -12.81 -0.93 4.66
CA MET A 42 -13.04 -0.43 6.04
C MET A 42 -12.55 -1.46 7.05
N CYS A 43 -11.88 -0.97 8.04
CA CYS A 43 -11.35 -1.88 9.09
C CYS A 43 -12.53 -2.41 9.96
N PRO A 44 -12.34 -3.57 10.63
CA PRO A 44 -13.40 -4.13 11.47
C PRO A 44 -13.66 -3.24 12.71
N ALA A 45 -13.27 -1.99 12.61
CA ALA A 45 -13.49 -1.06 13.75
C ALA A 45 -13.65 0.30 13.23
N THR A 46 -13.13 0.49 12.08
CA THR A 46 -13.24 1.80 11.45
C THR A 46 -12.62 2.88 12.34
N ASN A 47 -11.98 2.45 13.38
CA ASN A 47 -11.33 3.41 14.32
C ASN A 47 -9.86 3.55 14.01
N GLN A 48 -9.54 3.61 12.75
CA GLN A 48 -8.11 3.74 12.35
C GLN A 48 -7.30 2.54 12.85
N CYS A 49 -6.43 2.04 11.99
CA CYS A 49 -5.61 0.88 12.40
C CYS A 49 -4.30 0.83 11.61
N THR A 50 -3.28 0.27 12.20
CA THR A 50 -1.97 0.19 11.51
C THR A 50 -2.04 -0.74 10.30
N ILE A 51 -0.92 -0.86 9.62
CA ILE A 51 -0.86 -1.74 8.41
C ILE A 51 0.52 -2.42 8.35
N ASP A 52 0.53 -3.70 8.03
CA ASP A 52 1.83 -4.43 7.95
C ASP A 52 1.77 -5.55 6.93
N LYS A 53 1.56 -6.77 7.39
CA LYS A 53 1.49 -7.92 6.44
C LYS A 53 0.76 -9.11 7.04
N ASN A 54 0.13 -9.87 6.18
CA ASN A 54 -0.64 -11.07 6.64
C ASN A 54 -1.20 -11.80 5.42
N ARG A 55 -2.32 -11.32 4.94
CA ARG A 55 -2.97 -11.93 3.75
C ARG A 55 -3.04 -10.89 2.66
N ARG A 56 -4.15 -10.27 2.58
CA ARG A 56 -4.35 -9.23 1.55
C ARG A 56 -3.81 -7.94 2.12
N LYS A 57 -2.67 -8.05 2.76
CA LYS A 57 -2.01 -6.87 3.38
C LYS A 57 -2.85 -6.38 4.55
N SER A 58 -3.22 -7.30 5.41
CA SER A 58 -4.03 -6.92 6.59
C SER A 58 -5.18 -6.00 6.17
N CYS A 59 -5.36 -4.94 6.89
CA CYS A 59 -6.46 -4.01 6.53
C CYS A 59 -6.38 -3.64 5.07
N GLN A 60 -7.50 -3.71 4.42
CA GLN A 60 -7.54 -3.38 2.97
C GLN A 60 -7.84 -1.90 2.78
N ALA A 61 -8.36 -1.27 3.79
CA ALA A 61 -8.68 0.18 3.65
C ALA A 61 -7.50 1.03 3.98
N CYS A 62 -6.84 0.75 5.06
CA CYS A 62 -5.69 1.59 5.39
C CYS A 62 -4.62 1.26 4.38
N ARG A 63 -4.65 0.05 3.86
CA ARG A 63 -3.63 -0.32 2.86
C ARG A 63 -3.86 0.55 1.67
N LEU A 64 -5.04 0.45 1.13
CA LEU A 64 -5.38 1.26 -0.04
C LEU A 64 -5.10 2.71 0.23
N ARG A 65 -5.81 3.24 1.20
CA ARG A 65 -5.62 4.65 1.56
C ARG A 65 -4.16 4.94 1.70
N LYS A 66 -3.45 4.05 2.34
CA LYS A 66 -2.02 4.31 2.49
C LYS A 66 -1.45 4.36 1.11
N CYS A 67 -1.88 3.44 0.27
CA CYS A 67 -1.35 3.42 -1.08
C CYS A 67 -1.57 4.76 -1.73
N TYR A 68 -2.75 5.27 -1.61
CA TYR A 68 -2.98 6.58 -2.23
C TYR A 68 -2.13 7.60 -1.47
N GLU A 69 -1.91 7.32 -0.22
CA GLU A 69 -1.10 8.24 0.60
C GLU A 69 0.34 8.17 0.14
N VAL A 70 0.69 7.03 -0.31
CA VAL A 70 2.06 6.83 -0.80
C VAL A 70 2.25 7.74 -1.98
N GLY A 71 1.15 8.17 -2.46
CA GLY A 71 1.17 9.07 -3.63
C GLY A 71 1.69 8.29 -4.80
N MET A 72 1.20 7.07 -4.96
CA MET A 72 1.69 6.24 -6.11
C MET A 72 0.86 6.51 -7.32
N MET A 73 -0.33 6.12 -7.17
CA MET A 73 -1.33 6.28 -8.24
C MET A 73 -0.91 5.43 -9.39
N LYS A 74 -1.79 4.56 -9.78
CA LYS A 74 -1.49 3.66 -10.93
C LYS A 74 -0.61 4.33 -11.99
N GLY A 75 -0.87 5.57 -12.21
CA GLY A 75 -0.08 6.31 -13.23
C GLY A 75 -0.11 5.59 -14.58
N MET A 1 29.19 -0.61 1.87
CA MET A 1 27.89 0.09 1.87
C MET A 1 26.76 -0.91 1.72
N LYS A 2 25.55 -0.43 1.82
CA LYS A 2 24.39 -1.35 1.69
C LYS A 2 23.09 -0.58 1.50
N GLU A 3 23.17 0.48 0.73
CA GLU A 3 21.94 1.29 0.50
C GLU A 3 20.79 0.39 0.08
N THR A 4 19.60 0.74 0.51
CA THR A 4 18.43 -0.09 0.14
C THR A 4 17.13 0.65 0.39
N ARG A 5 16.22 0.54 -0.54
CA ARG A 5 14.90 1.22 -0.38
C ARG A 5 13.92 0.22 0.19
N TYR A 6 12.74 0.69 0.52
CA TYR A 6 11.73 -0.25 1.10
C TYR A 6 10.32 0.21 0.73
N CYS A 7 9.31 -0.53 1.18
CA CYS A 7 7.96 -0.08 0.83
C CYS A 7 7.73 1.29 1.36
N ALA A 8 7.13 2.11 0.58
CA ALA A 8 6.89 3.47 1.04
C ALA A 8 6.30 3.49 2.46
N VAL A 9 5.50 2.49 2.81
CA VAL A 9 4.92 2.50 4.20
C VAL A 9 4.38 1.12 4.67
N CYS A 10 3.75 0.42 3.78
CA CYS A 10 3.19 -0.92 4.17
C CYS A 10 4.21 -1.97 4.66
N ASN A 11 4.91 -2.66 3.77
CA ASN A 11 5.88 -3.68 4.26
C ASN A 11 7.28 -3.13 4.43
N ASP A 12 8.10 -3.37 3.45
CA ASP A 12 9.48 -2.89 3.51
C ASP A 12 10.20 -3.19 2.21
N TYR A 13 11.36 -3.84 2.30
CA TYR A 13 12.14 -4.19 1.06
C TYR A 13 11.25 -4.32 -0.16
N ALA A 14 11.13 -3.26 -0.85
CA ALA A 14 10.30 -3.25 -2.06
C ALA A 14 10.97 -4.01 -3.19
N SER A 15 10.17 -4.52 -4.09
CA SER A 15 10.75 -5.28 -5.23
C SER A 15 11.29 -4.32 -6.29
N GLY A 16 10.95 -3.07 -6.18
CA GLY A 16 11.44 -2.07 -7.18
C GLY A 16 10.43 -0.92 -7.35
N TYR A 17 10.67 -0.11 -8.35
CA TYR A 17 9.75 1.04 -8.61
C TYR A 17 8.59 0.61 -9.50
N HIS A 18 7.39 0.95 -9.08
CA HIS A 18 6.19 0.57 -9.90
C HIS A 18 5.13 1.65 -9.81
N TYR A 19 5.11 2.36 -8.70
CA TYR A 19 4.09 3.44 -8.52
C TYR A 19 4.78 4.74 -8.16
N GLY A 20 5.80 5.08 -8.89
CA GLY A 20 6.51 6.34 -8.58
C GLY A 20 7.13 6.22 -7.19
N VAL A 21 7.11 5.01 -6.69
CA VAL A 21 7.67 4.76 -5.33
C VAL A 21 8.27 3.37 -5.24
N TRP A 22 9.02 3.15 -4.21
CA TRP A 22 9.65 1.80 -4.03
C TRP A 22 8.66 0.97 -3.24
N SER A 23 7.75 0.32 -3.91
CA SER A 23 6.73 -0.53 -3.18
C SER A 23 6.94 -2.03 -3.41
N CYS A 24 6.41 -2.84 -2.52
CA CYS A 24 6.59 -4.33 -2.67
C CYS A 24 5.63 -4.95 -3.73
N GLU A 25 5.67 -6.27 -3.84
CA GLU A 25 4.79 -7.00 -4.83
C GLU A 25 3.33 -7.17 -4.38
N GLY A 26 3.10 -8.13 -3.52
CA GLY A 26 1.69 -8.36 -3.03
C GLY A 26 1.00 -7.03 -2.75
N CYS A 27 1.80 -6.03 -2.56
CA CYS A 27 1.28 -4.69 -2.28
C CYS A 27 0.95 -3.99 -3.58
N LYS A 28 1.79 -4.20 -4.55
CA LYS A 28 1.56 -3.56 -5.87
C LYS A 28 0.26 -4.12 -6.43
N ALA A 29 0.18 -5.44 -6.44
CA ALA A 29 -1.03 -6.09 -6.96
C ALA A 29 -2.25 -5.59 -6.20
N PHE A 30 -2.11 -5.56 -4.91
CA PHE A 30 -3.23 -5.10 -4.06
C PHE A 30 -3.68 -3.73 -4.52
N PHE A 31 -2.74 -2.88 -4.71
CA PHE A 31 -3.07 -1.51 -5.14
C PHE A 31 -3.68 -1.51 -6.54
N LYS A 32 -3.16 -2.35 -7.39
CA LYS A 32 -3.73 -2.40 -8.77
C LYS A 32 -5.06 -3.12 -8.74
N ARG A 33 -5.44 -3.57 -7.57
CA ARG A 33 -6.73 -4.29 -7.45
C ARG A 33 -7.92 -3.33 -7.28
N SER A 34 -7.66 -2.11 -6.84
CA SER A 34 -8.82 -1.16 -6.67
C SER A 34 -8.45 0.29 -6.72
N ILE A 35 -7.48 0.59 -7.48
CA ILE A 35 -7.03 2.02 -7.61
C ILE A 35 -8.24 2.97 -7.54
N GLN A 36 -7.97 4.21 -7.23
CA GLN A 36 -9.09 5.19 -7.13
C GLN A 36 -9.98 4.79 -5.97
N GLY A 37 -10.50 5.76 -5.30
CA GLY A 37 -11.40 5.46 -4.14
C GLY A 37 -12.36 4.31 -4.44
N HIS A 38 -12.85 4.34 -5.62
CA HIS A 38 -13.82 3.30 -6.10
C HIS A 38 -13.63 1.92 -5.43
N ASN A 39 -14.68 1.11 -5.51
CA ASN A 39 -14.64 -0.27 -4.91
C ASN A 39 -15.02 -0.22 -3.44
N ASP A 40 -15.63 -1.27 -2.97
CA ASP A 40 -16.03 -1.30 -1.53
C ASP A 40 -14.87 -1.77 -0.72
N TYR A 41 -14.37 -0.90 0.09
CA TYR A 41 -13.19 -1.24 0.96
C TYR A 41 -13.53 -1.10 2.46
N MET A 42 -13.14 -2.11 3.21
CA MET A 42 -13.39 -2.14 4.70
C MET A 42 -13.00 -0.83 5.44
N CYS A 43 -12.83 -0.99 6.73
CA CYS A 43 -12.46 0.17 7.62
C CYS A 43 -13.26 1.44 7.19
N PRO A 44 -14.62 1.34 7.24
CA PRO A 44 -15.49 2.46 6.86
C PRO A 44 -15.79 3.40 8.05
N ALA A 45 -14.91 3.46 9.01
CA ALA A 45 -15.15 4.34 10.15
C ALA A 45 -13.90 4.58 10.82
N THR A 46 -13.49 3.67 11.62
CA THR A 46 -12.25 3.89 12.30
C THR A 46 -11.73 2.63 12.99
N ASN A 47 -12.00 1.49 12.38
CA ASN A 47 -11.52 0.22 12.99
C ASN A 47 -10.07 0.05 12.62
N GLN A 48 -9.38 1.16 12.64
CA GLN A 48 -7.95 1.18 12.30
C GLN A 48 -7.20 -0.10 12.65
N CYS A 49 -7.00 -0.90 11.67
CA CYS A 49 -6.28 -2.18 11.87
C CYS A 49 -4.77 -1.89 11.74
N THR A 50 -3.97 -2.91 11.75
CA THR A 50 -2.48 -2.67 11.64
C THR A 50 -1.94 -2.81 10.19
N ILE A 51 -0.99 -1.94 9.86
CA ILE A 51 -0.38 -1.97 8.47
C ILE A 51 1.09 -2.31 8.60
N ASP A 52 1.44 -3.48 8.12
CA ASP A 52 2.86 -3.89 8.21
C ASP A 52 3.09 -5.25 7.52
N LYS A 53 3.06 -6.32 8.30
CA LYS A 53 3.27 -7.69 7.72
C LYS A 53 2.17 -8.66 8.17
N ASN A 54 1.71 -9.47 7.23
CA ASN A 54 0.65 -10.46 7.55
C ASN A 54 0.32 -11.28 6.31
N ARG A 55 -0.48 -10.71 5.46
CA ARG A 55 -0.88 -11.40 4.20
C ARG A 55 -1.28 -10.36 3.19
N ARG A 56 -1.97 -9.42 3.69
CA ARG A 56 -2.46 -8.29 2.87
C ARG A 56 -2.56 -7.08 3.77
N LYS A 57 -1.89 -7.18 4.90
CA LYS A 57 -1.88 -6.10 5.90
C LYS A 57 -3.27 -5.84 6.43
N SER A 58 -3.59 -6.59 7.47
CA SER A 58 -4.95 -6.49 8.15
C SER A 58 -5.74 -5.24 7.74
N CYS A 59 -5.12 -4.10 7.84
CA CYS A 59 -5.82 -2.84 7.45
C CYS A 59 -5.84 -2.75 5.92
N GLN A 60 -6.34 -3.79 5.31
CA GLN A 60 -6.42 -3.82 3.84
C GLN A 60 -7.19 -2.63 3.31
N ALA A 61 -8.36 -2.43 3.84
CA ALA A 61 -9.18 -1.27 3.36
C ALA A 61 -8.75 -0.04 4.04
N CYS A 62 -7.51 0.05 4.11
CA CYS A 62 -6.86 1.17 4.73
C CYS A 62 -5.45 1.21 4.14
N ARG A 63 -4.97 0.04 3.76
CA ARG A 63 -3.63 -0.03 3.16
C ARG A 63 -3.79 0.78 1.89
N LEU A 64 -4.93 0.55 1.25
CA LEU A 64 -5.25 1.27 0.01
C LEU A 64 -5.08 2.73 0.24
N ARG A 65 -5.70 3.20 1.29
CA ARG A 65 -5.60 4.62 1.60
C ARG A 65 -4.14 4.98 1.71
N LYS A 66 -3.42 4.20 2.46
CA LYS A 66 -2.01 4.48 2.60
C LYS A 66 -1.37 4.45 1.23
N CYS A 67 -1.84 3.56 0.38
CA CYS A 67 -1.27 3.49 -0.98
C CYS A 67 -1.56 4.80 -1.69
N TYR A 68 -2.71 5.35 -1.47
CA TYR A 68 -2.99 6.62 -2.15
C TYR A 68 -2.17 7.67 -1.45
N GLU A 69 -1.88 7.39 -0.20
CA GLU A 69 -1.07 8.34 0.60
C GLU A 69 0.39 8.15 0.24
N VAL A 70 0.68 6.98 -0.22
CA VAL A 70 2.08 6.66 -0.63
C VAL A 70 2.44 7.59 -1.77
N GLY A 71 1.43 8.13 -2.34
CA GLY A 71 1.65 9.07 -3.48
C GLY A 71 1.92 8.19 -4.71
N MET A 72 1.04 7.24 -4.89
CA MET A 72 1.18 6.30 -6.05
C MET A 72 0.42 6.75 -7.24
N MET A 73 0.23 5.82 -8.11
CA MET A 73 -0.50 6.07 -9.34
C MET A 73 -0.45 4.83 -10.18
N LYS A 74 -1.60 4.29 -10.40
CA LYS A 74 -1.75 3.05 -11.21
C LYS A 74 -0.58 2.86 -12.19
N GLY A 75 -0.18 3.94 -12.79
CA GLY A 75 0.95 3.87 -13.76
C GLY A 75 0.70 2.77 -14.79
#